data_2RM4
#
_entry.id   2RM4
#
_entity_poly.entity_id   1
_entity_poly.type   'polypeptide(L)'
_entity_poly.pdbx_seq_one_letter_code
;GAMGPTDQDWIGCAVSIACDEVLGVFQGLIKQISAEEITIVRAFRNGVPLRKQNAEVVLKCTDIRSIDLIEPAKQDLDGH
TAPPPVVNKPTPVKLPHFSNILG
;
_entity_poly.pdbx_strand_id   A
#
# COMPACT_ATOMS: atom_id res chain seq x y z
N GLY A 1 -6.82 -15.06 -4.74
CA GLY A 1 -7.98 -14.18 -4.42
C GLY A 1 -8.47 -14.48 -3.01
N ALA A 2 -8.85 -15.72 -2.75
CA ALA A 2 -9.35 -16.09 -1.39
C ALA A 2 -8.25 -15.87 -0.35
N MET A 3 -7.02 -16.08 -0.73
CA MET A 3 -5.88 -15.89 0.23
C MET A 3 -4.62 -15.48 -0.53
N GLY A 4 -3.74 -14.75 0.11
CA GLY A 4 -2.49 -14.30 -0.56
C GLY A 4 -2.82 -13.44 -1.79
N PRO A 5 -3.28 -12.22 -1.55
CA PRO A 5 -3.66 -11.33 -2.69
C PRO A 5 -2.46 -11.09 -3.61
N THR A 6 -2.63 -11.32 -4.89
CA THR A 6 -1.52 -11.11 -5.86
C THR A 6 -2.08 -10.81 -7.25
N ASP A 7 -2.23 -9.55 -7.59
CA ASP A 7 -2.76 -9.18 -8.93
C ASP A 7 -2.51 -7.70 -9.22
N GLN A 8 -2.72 -7.28 -10.45
CA GLN A 8 -2.48 -5.84 -10.81
C GLN A 8 -3.56 -4.92 -10.22
N ASP A 9 -4.59 -5.47 -9.61
CA ASP A 9 -5.69 -4.63 -9.06
C ASP A 9 -5.19 -3.81 -7.86
N TRP A 10 -4.25 -4.36 -7.13
CA TRP A 10 -3.73 -3.65 -5.92
C TRP A 10 -2.74 -2.53 -6.29
N ILE A 11 -2.26 -2.49 -7.52
CA ILE A 11 -1.14 -1.55 -7.86
C ILE A 11 -1.52 -0.10 -7.50
N GLY A 12 -0.62 0.60 -6.86
CA GLY A 12 -0.91 2.00 -6.43
C GLY A 12 -1.64 2.03 -5.07
N CYS A 13 -1.93 0.89 -4.46
CA CYS A 13 -2.61 0.92 -3.11
C CYS A 13 -1.56 1.08 -1.99
N ALA A 14 -1.96 1.61 -0.86
CA ALA A 14 -0.98 1.87 0.24
C ALA A 14 -0.90 0.66 1.17
N VAL A 15 0.28 0.08 1.32
CA VAL A 15 0.41 -1.13 2.19
C VAL A 15 1.66 -1.01 3.07
N SER A 16 1.68 -1.74 4.16
CA SER A 16 2.89 -1.79 5.03
C SER A 16 3.43 -3.22 5.08
N ILE A 17 4.73 -3.38 5.06
CA ILE A 17 5.31 -4.75 4.96
C ILE A 17 6.24 -5.02 6.14
N ALA A 18 5.97 -6.04 6.90
CA ALA A 18 6.86 -6.41 8.03
C ALA A 18 7.79 -7.55 7.61
N CYS A 19 9.06 -7.27 7.45
CA CYS A 19 10.04 -8.32 7.06
C CYS A 19 10.72 -8.87 8.32
N ASP A 20 11.42 -9.97 8.21
CA ASP A 20 12.06 -10.59 9.42
C ASP A 20 13.06 -9.61 10.03
N GLU A 21 13.63 -9.97 11.15
CA GLU A 21 14.37 -8.96 12.00
C GLU A 21 15.45 -8.22 11.19
N VAL A 22 16.12 -8.92 10.30
CA VAL A 22 17.27 -8.29 9.58
C VAL A 22 16.77 -7.30 8.51
N LEU A 23 15.57 -7.50 8.02
CA LEU A 23 15.02 -6.60 6.96
C LEU A 23 14.25 -5.42 7.58
N GLY A 24 13.86 -5.52 8.83
CA GLY A 24 13.09 -4.40 9.48
C GLY A 24 11.74 -4.23 8.79
N VAL A 25 11.23 -3.02 8.78
CA VAL A 25 9.86 -2.78 8.21
C VAL A 25 9.89 -1.59 7.24
N PHE A 26 9.17 -1.69 6.15
CA PHE A 26 9.04 -0.51 5.23
C PHE A 26 7.58 -0.30 4.85
N GLN A 27 7.25 0.89 4.42
CA GLN A 27 5.85 1.17 3.95
C GLN A 27 5.91 2.01 2.67
N GLY A 28 4.97 1.80 1.78
CA GLY A 28 5.03 2.50 0.46
C GLY A 28 3.78 2.16 -0.37
N LEU A 29 3.58 2.87 -1.46
CA LEU A 29 2.49 2.48 -2.40
C LEU A 29 3.01 1.50 -3.44
N ILE A 30 2.25 0.46 -3.71
CA ILE A 30 2.71 -0.60 -4.64
C ILE A 30 2.81 -0.05 -6.08
N LYS A 31 3.87 -0.40 -6.78
CA LYS A 31 3.95 -0.05 -8.23
C LYS A 31 3.72 -1.31 -9.08
N GLN A 32 4.16 -2.44 -8.61
CA GLN A 32 3.99 -3.71 -9.38
C GLN A 32 3.93 -4.90 -8.41
N ILE A 33 3.24 -5.95 -8.78
CA ILE A 33 3.13 -7.13 -7.88
C ILE A 33 3.22 -8.42 -8.70
N SER A 34 3.95 -9.39 -8.21
CA SER A 34 4.02 -10.72 -8.87
C SER A 34 4.18 -11.81 -7.81
N ALA A 35 3.82 -13.03 -8.13
CA ALA A 35 3.76 -14.11 -7.10
C ALA A 35 5.11 -14.25 -6.38
N GLU A 36 6.19 -13.85 -6.99
CA GLU A 36 7.54 -14.08 -6.39
C GLU A 36 7.98 -12.89 -5.53
N GLU A 37 7.49 -11.70 -5.82
CA GLU A 37 8.02 -10.48 -5.13
C GLU A 37 6.97 -9.35 -5.14
N ILE A 38 7.08 -8.44 -4.21
CA ILE A 38 6.22 -7.20 -4.25
C ILE A 38 7.11 -5.99 -4.47
N THR A 39 6.68 -5.04 -5.28
CA THR A 39 7.53 -3.85 -5.60
C THR A 39 6.77 -2.55 -5.30
N ILE A 40 7.39 -1.64 -4.59
CA ILE A 40 6.71 -0.35 -4.23
C ILE A 40 7.65 0.84 -4.51
N VAL A 41 7.14 2.04 -4.36
CA VAL A 41 7.97 3.25 -4.64
C VAL A 41 7.96 4.22 -3.45
N ARG A 42 8.89 5.15 -3.41
CA ARG A 42 8.99 6.10 -2.24
C ARG A 42 9.13 5.32 -0.94
N ALA A 43 10.25 4.66 -0.77
CA ALA A 43 10.43 3.74 0.40
C ALA A 43 10.53 4.53 1.71
N PHE A 44 9.70 4.20 2.66
CA PHE A 44 9.91 4.68 4.06
C PHE A 44 10.22 3.48 4.96
N ARG A 45 11.25 3.57 5.77
CA ARG A 45 11.67 2.40 6.59
C ARG A 45 11.96 2.84 8.03
N ASN A 46 11.64 2.02 8.99
CA ASN A 46 11.92 2.36 10.43
C ASN A 46 11.34 3.74 10.80
N GLY A 47 10.16 4.04 10.31
CA GLY A 47 9.48 5.31 10.69
C GLY A 47 10.30 6.53 10.25
N VAL A 48 11.18 6.38 9.29
CA VAL A 48 11.92 7.56 8.73
C VAL A 48 12.10 7.39 7.21
N PRO A 49 12.20 8.50 6.49
CA PRO A 49 12.29 8.41 5.01
C PRO A 49 13.66 7.89 4.59
N LEU A 50 13.71 6.99 3.63
CA LEU A 50 15.02 6.49 3.11
C LEU A 50 15.64 7.52 2.17
N ARG A 51 16.95 7.61 2.15
CA ARG A 51 17.64 8.62 1.28
C ARG A 51 17.26 8.42 -0.19
N LYS A 52 17.05 7.18 -0.58
CA LYS A 52 16.68 6.89 -2.00
C LYS A 52 15.16 6.96 -2.18
N GLN A 53 14.59 8.13 -2.00
CA GLN A 53 13.10 8.27 -2.11
C GLN A 53 12.63 7.84 -3.51
N ASN A 54 13.39 8.20 -4.52
CA ASN A 54 12.98 7.85 -5.92
C ASN A 54 13.14 6.35 -6.18
N ALA A 55 14.02 5.69 -5.47
CA ALA A 55 14.32 4.26 -5.78
C ALA A 55 13.17 3.35 -5.34
N GLU A 56 12.91 2.31 -6.09
CA GLU A 56 11.80 1.37 -5.71
C GLU A 56 12.34 0.26 -4.79
N VAL A 57 11.50 -0.25 -3.93
CA VAL A 57 11.90 -1.40 -3.05
C VAL A 57 11.32 -2.69 -3.61
N VAL A 58 12.14 -3.69 -3.83
CA VAL A 58 11.62 -5.00 -4.33
C VAL A 58 12.03 -6.10 -3.37
N LEU A 59 11.08 -6.70 -2.71
CA LEU A 59 11.40 -7.70 -1.65
C LEU A 59 10.62 -8.99 -1.89
N LYS A 60 11.28 -10.12 -1.79
CA LYS A 60 10.61 -11.43 -2.09
C LYS A 60 9.63 -11.80 -0.96
N CYS A 61 8.46 -12.25 -1.31
CA CYS A 61 7.43 -12.62 -0.27
C CYS A 61 8.01 -13.61 0.75
N THR A 62 8.88 -14.49 0.32
CA THR A 62 9.48 -15.48 1.26
C THR A 62 10.33 -14.78 2.32
N ASP A 63 10.83 -13.61 2.01
CA ASP A 63 11.62 -12.83 3.01
C ASP A 63 10.68 -11.96 3.86
N ILE A 64 9.53 -11.61 3.33
CA ILE A 64 8.52 -10.86 4.12
C ILE A 64 7.73 -11.83 5.01
N ARG A 65 7.39 -11.40 6.21
CA ARG A 65 6.67 -12.31 7.16
C ARG A 65 5.17 -12.01 7.15
N SER A 66 4.79 -10.77 6.96
CA SER A 66 3.34 -10.41 6.96
C SER A 66 3.10 -9.08 6.26
N ILE A 67 1.94 -8.88 5.70
CA ILE A 67 1.63 -7.61 4.96
C ILE A 67 0.22 -7.14 5.31
N ASP A 68 0.01 -5.84 5.33
CA ASP A 68 -1.35 -5.30 5.62
C ASP A 68 -1.68 -4.14 4.66
N LEU A 69 -2.82 -4.19 4.02
CA LEU A 69 -3.26 -3.02 3.17
C LEU A 69 -3.76 -1.89 4.06
N ILE A 70 -3.07 -0.77 4.09
CA ILE A 70 -3.50 0.37 4.95
C ILE A 70 -4.64 1.14 4.26
N GLU A 71 -4.50 1.40 2.99
CA GLU A 71 -5.53 2.21 2.27
C GLU A 71 -5.83 1.58 0.90
N PRO A 72 -6.93 0.84 0.80
CA PRO A 72 -7.33 0.27 -0.50
C PRO A 72 -7.65 1.39 -1.50
N ALA A 73 -7.59 1.10 -2.78
CA ALA A 73 -7.89 2.14 -3.81
C ALA A 73 -9.31 2.68 -3.62
N LYS A 74 -9.53 3.94 -3.94
CA LYS A 74 -10.87 4.56 -3.72
C LYS A 74 -11.86 4.07 -4.80
N GLN A 75 -12.95 3.48 -4.38
CA GLN A 75 -13.97 3.01 -5.35
C GLN A 75 -15.15 4.00 -5.42
N ASP A 76 -15.62 4.45 -4.29
CA ASP A 76 -16.78 5.38 -4.25
C ASP A 76 -16.34 6.80 -4.57
N LEU A 77 -16.95 7.42 -5.56
CA LEU A 77 -16.57 8.83 -5.93
C LEU A 77 -16.81 9.76 -4.75
N ASP A 78 -17.81 9.48 -3.94
CA ASP A 78 -18.11 10.36 -2.76
C ASP A 78 -18.26 11.83 -3.18
N GLY A 79 -19.36 12.17 -3.81
CA GLY A 79 -19.57 13.58 -4.25
C GLY A 79 -19.80 14.47 -3.04
N HIS A 80 -18.76 14.75 -2.28
CA HIS A 80 -18.88 15.64 -1.07
C HIS A 80 -20.00 15.16 -0.14
N THR A 81 -20.25 13.87 -0.13
CA THR A 81 -21.32 13.32 0.78
C THR A 81 -20.97 13.63 2.24
N ALA A 82 -19.70 13.55 2.59
CA ALA A 82 -19.28 13.81 3.99
C ALA A 82 -18.22 14.92 4.03
N PRO A 83 -17.88 15.40 5.21
CA PRO A 83 -16.87 16.48 5.33
C PRO A 83 -15.53 16.02 4.74
N PRO A 84 -14.67 16.97 4.38
CA PRO A 84 -13.36 16.61 3.78
C PRO A 84 -12.55 15.68 4.70
N PRO A 85 -12.45 16.03 5.98
CA PRO A 85 -11.67 15.18 6.93
C PRO A 85 -12.25 13.76 6.98
N VAL A 86 -11.41 12.78 7.17
CA VAL A 86 -11.89 11.36 7.20
C VAL A 86 -11.35 10.64 8.44
N VAL A 87 -12.14 9.77 9.02
CA VAL A 87 -11.71 9.05 10.27
C VAL A 87 -10.49 8.16 9.96
N ASN A 88 -10.43 7.60 8.77
CA ASN A 88 -9.31 6.67 8.43
C ASN A 88 -7.95 7.33 8.65
N LYS A 89 -7.85 8.61 8.39
CA LYS A 89 -6.54 9.32 8.58
C LYS A 89 -6.14 9.29 10.08
N PRO A 90 -4.85 9.21 10.34
CA PRO A 90 -4.38 9.15 11.74
C PRO A 90 -4.83 10.39 12.52
N THR A 91 -5.19 10.24 13.76
CA THR A 91 -5.61 11.41 14.59
C THR A 91 -4.73 11.53 15.85
N PRO A 92 -3.76 12.42 15.81
CA PRO A 92 -2.86 12.57 16.99
C PRO A 92 -3.65 13.11 18.19
N VAL A 93 -4.34 14.21 18.01
CA VAL A 93 -5.12 14.80 19.15
C VAL A 93 -6.52 15.22 18.65
N LYS A 94 -7.53 15.03 19.48
CA LYS A 94 -8.91 15.45 19.09
C LYS A 94 -9.14 16.91 19.47
N LEU A 95 -9.73 17.68 18.59
CA LEU A 95 -9.99 19.12 18.90
C LEU A 95 -11.31 19.28 19.67
N PRO A 96 -11.24 19.64 20.94
CA PRO A 96 -12.48 19.84 21.73
C PRO A 96 -13.28 21.01 21.17
N HIS A 97 -14.60 20.92 21.23
CA HIS A 97 -15.47 22.04 20.74
C HIS A 97 -15.09 22.46 19.30
N PHE A 98 -15.72 23.48 18.79
CA PHE A 98 -15.40 23.95 17.41
C PHE A 98 -14.64 25.28 17.45
N SER A 99 -13.63 25.41 16.63
CA SER A 99 -12.83 26.68 16.61
C SER A 99 -13.72 27.85 16.16
N ASN A 100 -13.34 29.06 16.50
CA ASN A 100 -14.16 30.24 16.10
C ASN A 100 -14.31 30.31 14.58
N ILE A 101 -13.29 29.91 13.86
CA ILE A 101 -13.37 29.91 12.36
C ILE A 101 -13.27 28.49 11.83
N LEU A 102 -14.13 28.12 10.90
CA LEU A 102 -14.09 26.75 10.33
C LEU A 102 -13.38 26.77 8.97
N GLY A 103 -12.43 25.89 8.77
CA GLY A 103 -11.70 25.84 7.47
C GLY A 103 -10.46 26.73 7.55
N GLY A 1 0.68 -20.72 3.52
CA GLY A 1 -0.77 -20.85 3.84
C GLY A 1 -1.57 -19.92 2.93
N ALA A 2 -1.94 -18.76 3.43
CA ALA A 2 -2.73 -17.79 2.60
C ALA A 2 -1.91 -17.35 1.38
N MET A 3 -2.56 -17.11 0.27
CA MET A 3 -1.83 -16.66 -0.96
C MET A 3 -1.66 -15.14 -0.96
N GLY A 4 -0.49 -14.67 -1.32
CA GLY A 4 -0.24 -13.20 -1.32
C GLY A 4 -1.08 -12.53 -2.42
N PRO A 5 -1.54 -11.31 -2.17
CA PRO A 5 -2.33 -10.59 -3.19
C PRO A 5 -1.52 -10.39 -4.47
N THR A 6 -1.74 -11.23 -5.47
CA THR A 6 -0.98 -11.11 -6.75
C THR A 6 -1.78 -10.32 -7.80
N ASP A 7 -2.89 -9.73 -7.43
CA ASP A 7 -3.76 -9.03 -8.45
C ASP A 7 -3.17 -7.66 -8.80
N GLN A 8 -3.23 -7.29 -10.06
CA GLN A 8 -2.76 -5.94 -10.47
C GLN A 8 -3.75 -4.83 -10.05
N ASP A 9 -4.87 -5.20 -9.47
CA ASP A 9 -5.84 -4.17 -8.97
C ASP A 9 -5.24 -3.42 -7.78
N TRP A 10 -4.34 -4.04 -7.05
CA TRP A 10 -3.74 -3.39 -5.85
C TRP A 10 -2.70 -2.33 -6.23
N ILE A 11 -2.25 -2.31 -7.48
CA ILE A 11 -1.12 -1.40 -7.84
C ILE A 11 -1.47 0.05 -7.47
N GLY A 12 -0.57 0.73 -6.82
CA GLY A 12 -0.84 2.12 -6.34
C GLY A 12 -1.58 2.13 -4.98
N CYS A 13 -1.88 0.97 -4.41
CA CYS A 13 -2.55 0.97 -3.07
C CYS A 13 -1.51 1.09 -1.94
N ALA A 14 -1.91 1.59 -0.80
CA ALA A 14 -0.93 1.85 0.30
C ALA A 14 -0.85 0.64 1.24
N VAL A 15 0.32 0.06 1.37
CA VAL A 15 0.46 -1.15 2.23
C VAL A 15 1.72 -1.05 3.12
N SER A 16 1.75 -1.79 4.19
CA SER A 16 2.96 -1.83 5.05
C SER A 16 3.49 -3.27 5.12
N ILE A 17 4.79 -3.43 5.07
CA ILE A 17 5.36 -4.80 5.00
C ILE A 17 6.31 -5.04 6.18
N ALA A 18 6.03 -6.05 6.97
CA ALA A 18 6.94 -6.40 8.10
C ALA A 18 7.86 -7.54 7.68
N CYS A 19 9.13 -7.26 7.50
CA CYS A 19 10.11 -8.32 7.12
C CYS A 19 10.79 -8.85 8.39
N ASP A 20 11.48 -9.96 8.29
CA ASP A 20 12.13 -10.57 9.48
C ASP A 20 13.13 -9.56 10.10
N GLU A 21 13.62 -9.82 11.29
CA GLU A 21 14.31 -8.76 12.08
C GLU A 21 15.46 -8.10 11.30
N VAL A 22 16.14 -8.86 10.46
CA VAL A 22 17.30 -8.28 9.72
C VAL A 22 16.83 -7.34 8.60
N LEU A 23 15.63 -7.54 8.11
CA LEU A 23 15.10 -6.67 7.02
C LEU A 23 14.33 -5.46 7.60
N GLY A 24 13.93 -5.52 8.85
CA GLY A 24 13.18 -4.39 9.46
C GLY A 24 11.81 -4.22 8.77
N VAL A 25 11.30 -3.01 8.76
CA VAL A 25 9.92 -2.79 8.19
C VAL A 25 9.94 -1.61 7.22
N PHE A 26 9.23 -1.72 6.13
CA PHE A 26 9.10 -0.54 5.21
C PHE A 26 7.62 -0.33 4.84
N GLN A 27 7.29 0.86 4.41
CA GLN A 27 5.90 1.14 3.95
C GLN A 27 5.95 1.98 2.66
N GLY A 28 5.01 1.79 1.77
CA GLY A 28 5.09 2.49 0.46
C GLY A 28 3.84 2.19 -0.37
N LEU A 29 3.65 2.90 -1.46
CA LEU A 29 2.56 2.55 -2.41
C LEU A 29 3.07 1.55 -3.45
N ILE A 30 2.30 0.54 -3.73
CA ILE A 30 2.74 -0.52 -4.68
C ILE A 30 2.85 0.04 -6.11
N LYS A 31 3.89 -0.31 -6.81
CA LYS A 31 3.99 0.04 -8.26
C LYS A 31 3.72 -1.19 -9.12
N GLN A 32 4.14 -2.34 -8.68
CA GLN A 32 3.94 -3.59 -9.48
C GLN A 32 3.90 -4.80 -8.54
N ILE A 33 3.22 -5.85 -8.95
CA ILE A 33 3.15 -7.07 -8.08
C ILE A 33 3.28 -8.33 -8.93
N SER A 34 4.02 -9.29 -8.43
CA SER A 34 4.14 -10.60 -9.13
C SER A 34 4.25 -11.73 -8.11
N ALA A 35 3.94 -12.93 -8.49
CA ALA A 35 3.83 -14.05 -7.49
C ALA A 35 5.13 -14.20 -6.68
N GLU A 36 6.25 -13.75 -7.21
CA GLU A 36 7.55 -14.00 -6.53
C GLU A 36 7.92 -12.82 -5.61
N GLU A 37 7.44 -11.64 -5.89
CA GLU A 37 7.90 -10.44 -5.14
C GLU A 37 6.85 -9.32 -5.19
N ILE A 38 6.91 -8.39 -4.25
CA ILE A 38 6.08 -7.16 -4.35
C ILE A 38 6.98 -5.93 -4.53
N THR A 39 6.59 -5.00 -5.37
CA THR A 39 7.48 -3.83 -5.65
C THR A 39 6.74 -2.51 -5.34
N ILE A 40 7.37 -1.62 -4.62
CA ILE A 40 6.70 -0.34 -4.25
C ILE A 40 7.65 0.85 -4.49
N VAL A 41 7.15 2.05 -4.35
CA VAL A 41 7.97 3.27 -4.64
C VAL A 41 7.92 4.25 -3.47
N ARG A 42 8.84 5.19 -3.42
CA ARG A 42 8.94 6.13 -2.24
C ARG A 42 9.12 5.33 -0.96
N ALA A 43 10.23 4.65 -0.84
CA ALA A 43 10.45 3.71 0.31
C ALA A 43 10.58 4.47 1.64
N PHE A 44 9.76 4.14 2.60
CA PHE A 44 9.99 4.62 3.99
C PHE A 44 10.30 3.43 4.90
N ARG A 45 11.30 3.55 5.73
CA ARG A 45 11.71 2.38 6.58
C ARG A 45 11.95 2.85 8.02
N ASN A 46 11.60 2.03 8.98
CA ASN A 46 11.76 2.42 10.43
C ASN A 46 11.11 3.78 10.71
N GLY A 47 9.97 4.03 10.12
CA GLY A 47 9.22 5.29 10.41
C GLY A 47 10.04 6.53 10.02
N VAL A 48 11.00 6.36 9.13
CA VAL A 48 11.76 7.55 8.62
C VAL A 48 12.05 7.38 7.11
N PRO A 49 12.17 8.49 6.40
CA PRO A 49 12.34 8.40 4.93
C PRO A 49 13.72 7.81 4.59
N LEU A 50 13.77 6.96 3.58
CA LEU A 50 15.10 6.42 3.13
C LEU A 50 15.82 7.46 2.27
N ARG A 51 17.13 7.42 2.25
CA ARG A 51 17.93 8.48 1.53
C ARG A 51 17.49 8.57 0.06
N LYS A 52 17.16 7.46 -0.56
CA LYS A 52 16.71 7.49 -1.98
C LYS A 52 15.19 7.52 -2.05
N GLN A 53 14.62 8.70 -2.12
CA GLN A 53 13.13 8.80 -2.20
C GLN A 53 12.62 8.15 -3.49
N ASN A 54 13.36 8.30 -4.57
CA ASN A 54 12.90 7.73 -5.88
C ASN A 54 13.36 6.27 -6.05
N ALA A 55 14.02 5.69 -5.06
CA ALA A 55 14.49 4.28 -5.19
C ALA A 55 13.32 3.31 -5.02
N GLU A 56 13.24 2.31 -5.87
CA GLU A 56 12.13 1.30 -5.75
C GLU A 56 12.56 0.16 -4.81
N VAL A 57 11.65 -0.33 -4.00
CA VAL A 57 11.96 -1.49 -3.11
C VAL A 57 11.32 -2.76 -3.69
N VAL A 58 12.09 -3.79 -3.91
CA VAL A 58 11.51 -5.07 -4.39
C VAL A 58 11.89 -6.20 -3.42
N LEU A 59 10.93 -6.74 -2.74
CA LEU A 59 11.22 -7.74 -1.68
C LEU A 59 10.37 -9.00 -1.87
N LYS A 60 10.99 -10.15 -1.77
CA LYS A 60 10.25 -11.43 -2.04
C LYS A 60 9.31 -11.77 -0.87
N CYS A 61 8.15 -12.31 -1.15
CA CYS A 61 7.22 -12.74 -0.07
C CYS A 61 7.91 -13.70 0.91
N THR A 62 8.85 -14.49 0.42
CA THR A 62 9.57 -15.45 1.31
C THR A 62 10.39 -14.70 2.36
N ASP A 63 10.80 -13.49 2.04
CA ASP A 63 11.56 -12.66 3.03
C ASP A 63 10.60 -11.86 3.90
N ILE A 64 9.40 -11.58 3.41
CA ILE A 64 8.39 -10.86 4.22
C ILE A 64 7.69 -11.84 5.16
N ARG A 65 7.40 -11.42 6.37
CA ARG A 65 6.72 -12.32 7.35
C ARG A 65 5.23 -11.99 7.44
N SER A 66 4.86 -10.75 7.19
CA SER A 66 3.42 -10.38 7.24
C SER A 66 3.18 -9.07 6.47
N ILE A 67 1.99 -8.89 5.95
CA ILE A 67 1.70 -7.64 5.17
C ILE A 67 0.28 -7.16 5.51
N ASP A 68 0.06 -5.86 5.46
CA ASP A 68 -1.30 -5.30 5.74
C ASP A 68 -1.64 -4.20 4.74
N LEU A 69 -2.76 -4.30 4.08
CA LEU A 69 -3.23 -3.18 3.20
C LEU A 69 -3.80 -2.05 4.06
N ILE A 70 -3.15 -0.91 4.06
CA ILE A 70 -3.66 0.24 4.88
C ILE A 70 -4.86 0.89 4.18
N GLU A 71 -4.67 1.33 2.96
CA GLU A 71 -5.77 2.02 2.22
C GLU A 71 -5.81 1.54 0.75
N PRO A 72 -7.00 1.46 0.18
CA PRO A 72 -7.11 1.01 -1.24
C PRO A 72 -6.31 1.93 -2.16
N ALA A 73 -6.20 3.19 -1.82
CA ALA A 73 -5.37 4.14 -2.63
C ALA A 73 -4.99 5.36 -1.79
N LYS A 74 -3.80 5.86 -1.97
CA LYS A 74 -3.37 7.08 -1.20
C LYS A 74 -4.27 8.26 -1.55
N GLN A 75 -4.59 8.42 -2.81
CA GLN A 75 -5.50 9.54 -3.25
C GLN A 75 -5.02 10.89 -2.72
N ASP A 76 -3.75 11.02 -2.43
CA ASP A 76 -3.21 12.31 -1.91
C ASP A 76 -2.39 13.05 -2.99
N LEU A 77 -2.27 12.50 -4.19
CA LEU A 77 -1.47 13.18 -5.25
C LEU A 77 -2.11 14.51 -5.63
N ASP A 78 -3.42 14.57 -5.62
CA ASP A 78 -4.13 15.83 -6.03
C ASP A 78 -3.71 17.00 -5.13
N GLY A 79 -3.51 16.74 -3.86
CA GLY A 79 -3.16 17.84 -2.91
C GLY A 79 -1.64 17.99 -2.82
N HIS A 80 -1.00 17.12 -2.08
CA HIS A 80 0.48 17.21 -1.90
C HIS A 80 1.13 15.84 -2.11
N THR A 81 2.45 15.80 -2.17
CA THR A 81 3.16 14.50 -2.36
C THR A 81 3.98 14.17 -1.11
N ALA A 82 4.00 12.92 -0.72
CA ALA A 82 4.77 12.51 0.51
C ALA A 82 4.35 13.36 1.73
N PRO A 83 3.07 13.32 2.07
CA PRO A 83 2.59 14.09 3.26
C PRO A 83 3.07 13.42 4.56
N PRO A 84 2.98 14.14 5.67
CA PRO A 84 3.38 13.54 6.97
C PRO A 84 2.52 12.30 7.28
N PRO A 85 3.11 11.32 7.95
CA PRO A 85 2.36 10.07 8.24
C PRO A 85 1.12 10.37 9.09
N VAL A 86 0.00 9.79 8.73
CA VAL A 86 -1.25 10.00 9.54
C VAL A 86 -1.22 9.14 10.81
N VAL A 87 -0.46 8.07 10.81
CA VAL A 87 -0.40 7.18 12.01
C VAL A 87 0.10 7.97 13.22
N ASN A 88 1.05 8.85 13.01
CA ASN A 88 1.61 9.63 14.15
C ASN A 88 0.66 10.76 14.54
N LYS A 89 0.50 11.01 15.81
CA LYS A 89 -0.44 12.09 16.27
C LYS A 89 0.09 13.47 15.86
N PRO A 90 -0.80 14.37 15.46
CA PRO A 90 -0.37 15.72 15.05
C PRO A 90 0.30 16.44 16.22
N THR A 91 1.32 17.22 15.94
CA THR A 91 2.02 17.98 17.02
C THR A 91 1.11 19.12 17.54
N PRO A 92 1.24 19.47 18.80
CA PRO A 92 0.38 20.55 19.37
C PRO A 92 0.62 21.86 18.62
N VAL A 93 1.79 22.06 18.08
CA VAL A 93 2.09 23.31 17.32
C VAL A 93 1.19 23.38 16.07
N LYS A 94 1.00 22.26 15.41
CA LYS A 94 0.14 22.25 14.20
C LYS A 94 -1.34 22.11 14.59
N LEU A 95 -2.19 22.92 14.02
CA LEU A 95 -3.64 22.84 14.36
C LEU A 95 -4.41 22.05 13.28
N PRO A 96 -5.43 21.32 13.69
CA PRO A 96 -6.24 20.56 12.70
C PRO A 96 -6.91 21.52 11.71
N HIS A 97 -7.21 21.04 10.53
CA HIS A 97 -7.87 21.92 9.50
C HIS A 97 -9.35 21.57 9.37
N PHE A 98 -10.21 22.55 9.43
CA PHE A 98 -11.68 22.29 9.35
C PHE A 98 -12.03 21.63 8.02
N SER A 99 -11.36 22.02 6.95
CA SER A 99 -11.71 21.49 5.59
C SER A 99 -11.63 19.96 5.56
N ASN A 100 -10.66 19.39 6.24
CA ASN A 100 -10.52 17.89 6.29
C ASN A 100 -10.51 17.29 4.88
N ILE A 101 -9.71 17.83 4.00
CA ILE A 101 -9.68 17.34 2.58
C ILE A 101 -8.36 16.62 2.30
N LEU A 102 -8.43 15.47 1.67
CA LEU A 102 -7.19 14.71 1.36
C LEU A 102 -6.26 15.53 0.45
N GLY A 103 -6.84 16.28 -0.45
CA GLY A 103 -6.01 17.11 -1.39
C GLY A 103 -6.93 18.02 -2.21
N GLY A 1 -1.47 -18.86 -3.10
CA GLY A 1 -1.66 -19.97 -2.13
C GLY A 1 -2.93 -19.73 -1.32
N ALA A 2 -3.01 -20.27 -0.14
CA ALA A 2 -4.23 -20.09 0.72
C ALA A 2 -4.42 -18.61 1.05
N MET A 3 -3.35 -17.87 1.16
CA MET A 3 -3.44 -16.41 1.48
C MET A 3 -2.27 -15.66 0.84
N GLY A 4 -2.42 -14.37 0.64
CA GLY A 4 -1.33 -13.57 0.02
C GLY A 4 -1.83 -12.95 -1.29
N PRO A 5 -2.40 -11.76 -1.23
CA PRO A 5 -2.90 -11.10 -2.45
C PRO A 5 -1.75 -10.86 -3.45
N THR A 6 -2.00 -11.06 -4.71
CA THR A 6 -0.95 -10.79 -5.74
C THR A 6 -1.58 -10.29 -7.06
N ASP A 7 -2.79 -9.79 -7.00
CA ASP A 7 -3.47 -9.31 -8.24
C ASP A 7 -2.95 -7.93 -8.64
N GLN A 8 -2.97 -7.63 -9.91
CA GLN A 8 -2.56 -6.26 -10.38
C GLN A 8 -3.61 -5.20 -10.03
N ASP A 9 -4.73 -5.60 -9.47
CA ASP A 9 -5.75 -4.60 -9.01
C ASP A 9 -5.21 -3.81 -7.80
N TRP A 10 -4.29 -4.39 -7.06
CA TRP A 10 -3.75 -3.70 -5.85
C TRP A 10 -2.77 -2.59 -6.23
N ILE A 11 -2.29 -2.55 -7.46
CA ILE A 11 -1.18 -1.60 -7.81
C ILE A 11 -1.58 -0.15 -7.45
N GLY A 12 -0.69 0.55 -6.81
CA GLY A 12 -0.99 1.95 -6.38
C GLY A 12 -1.73 1.98 -5.03
N CYS A 13 -2.01 0.85 -4.41
CA CYS A 13 -2.69 0.87 -3.08
C CYS A 13 -1.65 1.05 -1.96
N ALA A 14 -2.06 1.58 -0.82
CA ALA A 14 -1.10 1.87 0.28
C ALA A 14 -0.97 0.65 1.21
N VAL A 15 0.22 0.11 1.33
CA VAL A 15 0.40 -1.11 2.18
C VAL A 15 1.66 -0.98 3.05
N SER A 16 1.71 -1.72 4.13
CA SER A 16 2.94 -1.74 4.97
C SER A 16 3.46 -3.17 5.07
N ILE A 17 4.76 -3.35 5.04
CA ILE A 17 5.33 -4.73 4.98
C ILE A 17 6.24 -4.97 6.17
N ALA A 18 5.93 -5.97 6.96
CA ALA A 18 6.82 -6.33 8.11
C ALA A 18 7.72 -7.48 7.69
N CYS A 19 8.99 -7.23 7.52
CA CYS A 19 9.96 -8.31 7.15
C CYS A 19 10.62 -8.85 8.42
N ASP A 20 11.30 -9.97 8.32
CA ASP A 20 11.92 -10.59 9.54
C ASP A 20 12.91 -9.61 10.17
N GLU A 21 13.40 -9.92 11.34
CA GLU A 21 14.11 -8.89 12.18
C GLU A 21 15.27 -8.23 11.40
N VAL A 22 15.93 -8.97 10.56
CA VAL A 22 17.13 -8.41 9.84
C VAL A 22 16.68 -7.43 8.74
N LEU A 23 15.48 -7.61 8.22
CA LEU A 23 14.99 -6.73 7.12
C LEU A 23 14.23 -5.51 7.67
N GLY A 24 13.83 -5.54 8.93
CA GLY A 24 13.09 -4.38 9.52
C GLY A 24 11.74 -4.20 8.83
N VAL A 25 11.24 -2.99 8.79
CA VAL A 25 9.88 -2.76 8.21
C VAL A 25 9.92 -1.57 7.24
N PHE A 26 9.21 -1.66 6.14
CA PHE A 26 9.08 -0.48 5.23
C PHE A 26 7.62 -0.27 4.85
N GLN A 27 7.28 0.92 4.42
CA GLN A 27 5.88 1.22 3.98
C GLN A 27 5.92 2.03 2.69
N GLY A 28 4.97 1.82 1.81
CA GLY A 28 4.99 2.51 0.49
C GLY A 28 3.74 2.17 -0.31
N LEU A 29 3.52 2.86 -1.40
CA LEU A 29 2.41 2.47 -2.33
C LEU A 29 2.94 1.48 -3.37
N ILE A 30 2.18 0.45 -3.63
CA ILE A 30 2.64 -0.61 -4.58
C ILE A 30 2.74 -0.05 -6.00
N LYS A 31 3.80 -0.39 -6.70
CA LYS A 31 3.91 0.02 -8.14
C LYS A 31 3.76 -1.21 -9.04
N GLN A 32 4.12 -2.37 -8.55
CA GLN A 32 3.99 -3.63 -9.36
C GLN A 32 3.96 -4.84 -8.43
N ILE A 33 3.24 -5.87 -8.81
CA ILE A 33 3.15 -7.08 -7.94
C ILE A 33 3.23 -8.35 -8.80
N SER A 34 3.97 -9.33 -8.34
CA SER A 34 4.03 -10.64 -9.04
C SER A 34 4.19 -11.76 -8.00
N ALA A 35 3.85 -12.96 -8.36
CA ALA A 35 3.79 -14.07 -7.34
C ALA A 35 5.12 -14.23 -6.62
N GLU A 36 6.21 -13.81 -7.22
CA GLU A 36 7.56 -14.06 -6.61
C GLU A 36 8.00 -12.88 -5.73
N GLU A 37 7.51 -11.69 -5.99
CA GLU A 37 8.03 -10.49 -5.27
C GLU A 37 6.99 -9.35 -5.26
N ILE A 38 7.09 -8.46 -4.31
CA ILE A 38 6.23 -7.23 -4.33
C ILE A 38 7.12 -5.99 -4.52
N THR A 39 6.69 -5.05 -5.32
CA THR A 39 7.54 -3.84 -5.59
C THR A 39 6.75 -2.56 -5.29
N ILE A 40 7.37 -1.62 -4.59
CA ILE A 40 6.67 -0.35 -4.23
C ILE A 40 7.59 0.84 -4.48
N VAL A 41 7.07 2.04 -4.33
CA VAL A 41 7.88 3.27 -4.62
C VAL A 41 7.85 4.23 -3.43
N ARG A 42 8.76 5.18 -3.38
CA ARG A 42 8.87 6.11 -2.21
C ARG A 42 9.07 5.30 -0.92
N ALA A 43 10.21 4.65 -0.80
CA ALA A 43 10.44 3.74 0.37
C ALA A 43 10.56 4.52 1.67
N PHE A 44 9.74 4.19 2.64
CA PHE A 44 9.98 4.67 4.03
C PHE A 44 10.28 3.47 4.94
N ARG A 45 11.31 3.56 5.74
CA ARG A 45 11.71 2.38 6.58
C ARG A 45 12.02 2.84 8.00
N ASN A 46 11.68 2.04 8.99
CA ASN A 46 11.98 2.40 10.42
C ASN A 46 11.45 3.79 10.76
N GLY A 47 10.28 4.12 10.27
CA GLY A 47 9.65 5.43 10.64
C GLY A 47 10.52 6.62 10.17
N VAL A 48 11.38 6.42 9.21
CA VAL A 48 12.15 7.55 8.63
C VAL A 48 12.31 7.37 7.11
N PRO A 49 12.44 8.46 6.38
CA PRO A 49 12.49 8.37 4.90
C PRO A 49 13.82 7.77 4.45
N LEU A 50 13.79 6.85 3.51
CA LEU A 50 15.05 6.28 2.95
C LEU A 50 15.67 7.25 1.94
N ARG A 51 16.98 7.24 1.84
CA ARG A 51 17.66 8.09 0.79
C ARG A 51 17.20 7.66 -0.60
N LYS A 52 17.22 8.56 -1.55
CA LYS A 52 16.74 8.23 -2.94
C LYS A 52 15.29 7.73 -2.89
N GLN A 53 14.39 8.54 -2.42
CA GLN A 53 12.95 8.12 -2.29
C GLN A 53 12.40 7.65 -3.64
N ASN A 54 12.96 8.15 -4.73
CA ASN A 54 12.47 7.74 -6.08
C ASN A 54 12.89 6.30 -6.40
N ALA A 55 13.82 5.73 -5.66
CA ALA A 55 14.24 4.32 -5.91
C ALA A 55 13.15 3.36 -5.44
N GLU A 56 12.92 2.29 -6.17
CA GLU A 56 11.84 1.33 -5.80
C GLU A 56 12.37 0.25 -4.84
N VAL A 57 11.52 -0.24 -3.98
CA VAL A 57 11.91 -1.38 -3.08
C VAL A 57 11.31 -2.67 -3.64
N VAL A 58 12.14 -3.67 -3.86
CA VAL A 58 11.61 -4.98 -4.36
C VAL A 58 12.03 -6.10 -3.40
N LEU A 59 11.08 -6.68 -2.73
CA LEU A 59 11.40 -7.69 -1.68
C LEU A 59 10.62 -8.98 -1.91
N LYS A 60 11.28 -10.10 -1.81
CA LYS A 60 10.60 -11.41 -2.09
C LYS A 60 9.66 -11.78 -0.94
N CYS A 61 8.48 -12.28 -1.25
CA CYS A 61 7.49 -12.64 -0.18
C CYS A 61 8.11 -13.59 0.85
N THR A 62 9.02 -14.43 0.44
CA THR A 62 9.66 -15.39 1.39
C THR A 62 10.45 -14.64 2.47
N ASP A 63 10.91 -13.44 2.15
CA ASP A 63 11.66 -12.63 3.15
C ASP A 63 10.66 -11.78 3.97
N ILE A 64 9.52 -11.49 3.42
CA ILE A 64 8.47 -10.75 4.18
C ILE A 64 7.70 -11.74 5.08
N ARG A 65 7.31 -11.29 6.25
CA ARG A 65 6.58 -12.20 7.20
C ARG A 65 5.08 -11.93 7.14
N SER A 66 4.68 -10.69 6.91
CA SER A 66 3.22 -10.38 6.78
C SER A 66 3.00 -9.01 6.13
N ILE A 67 2.18 -8.94 5.13
CA ILE A 67 1.79 -7.63 4.53
C ILE A 67 0.41 -7.19 5.04
N ASP A 68 0.20 -5.91 5.20
CA ASP A 68 -1.15 -5.41 5.61
C ASP A 68 -1.56 -4.23 4.70
N LEU A 69 -2.69 -4.34 4.06
CA LEU A 69 -3.19 -3.20 3.22
C LEU A 69 -3.75 -2.09 4.13
N ILE A 70 -3.12 -0.95 4.16
CA ILE A 70 -3.60 0.16 5.03
C ILE A 70 -4.78 0.89 4.36
N GLU A 71 -4.62 1.23 3.10
CA GLU A 71 -5.69 2.01 2.39
C GLU A 71 -5.91 1.44 0.98
N PRO A 72 -6.96 0.67 0.79
CA PRO A 72 -7.25 0.13 -0.56
C PRO A 72 -7.52 1.28 -1.54
N ALA A 73 -7.09 1.13 -2.77
CA ALA A 73 -7.30 2.21 -3.78
C ALA A 73 -8.41 1.82 -4.76
N LYS A 74 -9.20 2.78 -5.18
CA LYS A 74 -10.30 2.48 -6.15
C LYS A 74 -9.84 2.81 -7.58
N GLN A 75 -10.27 2.04 -8.55
CA GLN A 75 -9.86 2.29 -9.96
C GLN A 75 -11.08 2.70 -10.79
N ASP A 76 -10.87 3.54 -11.79
CA ASP A 76 -12.01 3.98 -12.66
C ASP A 76 -12.38 2.87 -13.65
N LEU A 77 -13.40 3.09 -14.44
CA LEU A 77 -13.82 2.06 -15.45
C LEU A 77 -13.20 2.37 -16.81
N ASP A 78 -12.61 1.37 -17.44
CA ASP A 78 -11.94 1.60 -18.76
C ASP A 78 -12.94 2.16 -19.78
N GLY A 79 -14.16 1.68 -19.76
CA GLY A 79 -15.19 2.17 -20.72
C GLY A 79 -16.35 1.18 -20.78
N HIS A 80 -17.28 1.39 -21.68
CA HIS A 80 -18.43 0.46 -21.83
C HIS A 80 -18.44 -0.15 -23.23
N THR A 81 -18.85 -1.40 -23.35
CA THR A 81 -18.88 -2.06 -24.70
C THR A 81 -19.76 -1.27 -25.67
N ALA A 82 -20.88 -0.78 -25.19
CA ALA A 82 -21.78 0.02 -26.07
C ALA A 82 -21.41 1.52 -25.98
N PRO A 83 -21.49 2.23 -27.09
CA PRO A 83 -21.17 3.68 -27.07
C PRO A 83 -22.22 4.45 -26.25
N PRO A 84 -21.77 5.40 -25.44
CA PRO A 84 -22.72 6.18 -24.61
C PRO A 84 -23.76 6.90 -25.49
N PRO A 85 -23.30 7.61 -26.51
CA PRO A 85 -24.25 8.34 -27.39
C PRO A 85 -25.21 7.38 -28.07
N VAL A 86 -26.46 7.75 -28.20
CA VAL A 86 -27.46 6.88 -28.90
C VAL A 86 -28.09 7.64 -30.06
N VAL A 87 -28.08 7.07 -31.24
CA VAL A 87 -28.68 7.75 -32.43
C VAL A 87 -30.21 7.75 -32.31
N ASN A 88 -30.79 6.64 -31.94
CA ASN A 88 -32.28 6.55 -31.87
C ASN A 88 -32.70 5.68 -30.67
N LYS A 89 -33.24 6.29 -29.65
CA LYS A 89 -33.73 5.52 -28.47
C LYS A 89 -35.21 5.16 -28.65
N PRO A 90 -35.59 3.95 -28.26
CA PRO A 90 -37.01 3.53 -28.41
C PRO A 90 -37.92 4.43 -27.58
N THR A 91 -39.12 4.69 -28.06
CA THR A 91 -40.08 5.55 -27.30
C THR A 91 -41.39 4.77 -27.03
N PRO A 92 -41.54 4.24 -25.83
CA PRO A 92 -42.77 3.50 -25.49
C PRO A 92 -44.01 4.40 -25.64
N VAL A 93 -43.83 5.69 -25.45
CA VAL A 93 -44.98 6.64 -25.59
C VAL A 93 -44.59 7.81 -26.50
N LYS A 94 -45.55 8.46 -27.10
CA LYS A 94 -45.24 9.63 -28.00
C LYS A 94 -44.52 10.72 -27.21
N LEU A 95 -44.93 10.95 -25.99
CA LEU A 95 -44.28 12.00 -25.14
C LEU A 95 -43.54 11.34 -23.96
N PRO A 96 -42.21 11.37 -23.98
CA PRO A 96 -41.43 10.77 -22.87
C PRO A 96 -41.79 11.43 -21.54
N HIS A 97 -41.90 10.66 -20.48
CA HIS A 97 -42.28 11.23 -19.16
C HIS A 97 -41.06 11.33 -18.23
N PHE A 98 -39.87 11.27 -18.77
CA PHE A 98 -38.65 11.34 -17.90
C PHE A 98 -38.62 12.64 -17.10
N SER A 99 -39.05 13.72 -17.70
CA SER A 99 -39.07 15.04 -16.99
C SER A 99 -40.48 15.64 -17.04
N ASN A 100 -40.91 16.26 -15.97
CA ASN A 100 -42.27 16.90 -15.95
C ASN A 100 -42.37 17.96 -17.06
N ILE A 101 -41.30 18.65 -17.33
CA ILE A 101 -41.31 19.69 -18.40
C ILE A 101 -40.36 19.30 -19.53
N LEU A 102 -40.80 19.44 -20.76
CA LEU A 102 -39.94 19.07 -21.92
C LEU A 102 -39.29 20.33 -22.52
N GLY A 103 -38.00 20.30 -22.72
CA GLY A 103 -37.30 21.48 -23.31
C GLY A 103 -37.18 22.57 -22.24
N GLY A 1 -8.49 -23.33 -1.28
CA GLY A 1 -7.34 -23.26 -2.22
C GLY A 1 -6.47 -22.05 -1.86
N ALA A 2 -5.17 -22.24 -1.77
CA ALA A 2 -4.25 -21.11 -1.43
C ALA A 2 -4.31 -20.04 -2.53
N MET A 3 -4.18 -18.79 -2.15
CA MET A 3 -4.21 -17.69 -3.17
C MET A 3 -3.36 -16.52 -2.68
N GLY A 4 -2.86 -15.72 -3.59
CA GLY A 4 -2.03 -14.54 -3.20
C GLY A 4 -2.53 -13.29 -3.94
N PRO A 5 -2.30 -12.13 -3.35
CA PRO A 5 -2.74 -10.87 -4.01
C PRO A 5 -1.81 -10.53 -5.18
N THR A 6 -1.83 -11.35 -6.21
CA THR A 6 -0.98 -11.08 -7.40
C THR A 6 -1.74 -10.30 -8.48
N ASP A 7 -2.91 -9.78 -8.16
CA ASP A 7 -3.72 -9.03 -9.18
C ASP A 7 -3.17 -7.61 -9.36
N GLN A 8 -3.25 -7.08 -10.55
CA GLN A 8 -2.79 -5.68 -10.80
C GLN A 8 -3.77 -4.64 -10.22
N ASP A 9 -4.87 -5.08 -9.67
CA ASP A 9 -5.87 -4.11 -9.10
C ASP A 9 -5.28 -3.42 -7.87
N TRP A 10 -4.37 -4.07 -7.17
CA TRP A 10 -3.78 -3.46 -5.95
C TRP A 10 -2.73 -2.40 -6.31
N ILE A 11 -2.29 -2.34 -7.55
CA ILE A 11 -1.15 -1.42 -7.90
C ILE A 11 -1.51 0.03 -7.50
N GLY A 12 -0.60 0.70 -6.84
CA GLY A 12 -0.88 2.09 -6.37
C GLY A 12 -1.60 2.10 -5.01
N CYS A 13 -1.92 0.95 -4.44
CA CYS A 13 -2.60 0.95 -3.10
C CYS A 13 -1.56 1.10 -1.97
N ALA A 14 -1.97 1.60 -0.84
CA ALA A 14 -1.00 1.89 0.27
C ALA A 14 -0.88 0.67 1.18
N VAL A 15 0.30 0.10 1.29
CA VAL A 15 0.46 -1.13 2.14
C VAL A 15 1.71 -1.01 3.02
N SER A 16 1.75 -1.77 4.10
CA SER A 16 2.97 -1.80 4.95
C SER A 16 3.49 -3.23 5.04
N ILE A 17 4.79 -3.40 5.02
CA ILE A 17 5.36 -4.78 4.94
C ILE A 17 6.29 -5.03 6.13
N ALA A 18 6.01 -6.05 6.91
CA ALA A 18 6.90 -6.40 8.05
C ALA A 18 7.83 -7.54 7.64
N CYS A 19 9.10 -7.26 7.48
CA CYS A 19 10.08 -8.32 7.13
C CYS A 19 10.74 -8.85 8.39
N ASP A 20 11.44 -9.96 8.30
CA ASP A 20 12.08 -10.57 9.51
C ASP A 20 13.06 -9.57 10.14
N GLU A 21 13.54 -9.86 11.33
CA GLU A 21 14.23 -8.82 12.15
C GLU A 21 15.38 -8.14 11.38
N VAL A 22 16.07 -8.88 10.53
CA VAL A 22 17.25 -8.31 9.83
C VAL A 22 16.79 -7.36 8.70
N LEU A 23 15.60 -7.56 8.19
CA LEU A 23 15.09 -6.68 7.10
C LEU A 23 14.31 -5.48 7.65
N GLY A 24 13.90 -5.53 8.91
CA GLY A 24 13.14 -4.39 9.51
C GLY A 24 11.79 -4.22 8.80
N VAL A 25 11.27 -3.01 8.77
CA VAL A 25 9.91 -2.78 8.19
C VAL A 25 9.94 -1.61 7.22
N PHE A 26 9.24 -1.70 6.12
CA PHE A 26 9.10 -0.53 5.22
C PHE A 26 7.63 -0.31 4.83
N GLN A 27 7.30 0.88 4.41
CA GLN A 27 5.90 1.17 3.94
C GLN A 27 5.96 2.00 2.66
N GLY A 28 5.01 1.79 1.77
CA GLY A 28 5.06 2.49 0.45
C GLY A 28 3.80 2.17 -0.36
N LEU A 29 3.60 2.87 -1.45
CA LEU A 29 2.50 2.50 -2.38
C LEU A 29 3.01 1.50 -3.43
N ILE A 30 2.25 0.48 -3.69
CA ILE A 30 2.71 -0.58 -4.65
C ILE A 30 2.82 -0.01 -6.06
N LYS A 31 3.86 -0.35 -6.77
CA LYS A 31 3.98 0.03 -8.20
C LYS A 31 3.77 -1.20 -9.09
N GLN A 32 4.17 -2.36 -8.61
CA GLN A 32 3.98 -3.62 -9.39
C GLN A 32 3.87 -4.81 -8.44
N ILE A 33 3.18 -5.84 -8.84
CA ILE A 33 3.05 -7.05 -7.95
C ILE A 33 3.16 -8.32 -8.81
N SER A 34 3.88 -9.29 -8.31
CA SER A 34 3.95 -10.61 -9.00
C SER A 34 4.09 -11.72 -7.96
N ALA A 35 3.74 -12.93 -8.32
CA ALA A 35 3.64 -14.04 -7.30
C ALA A 35 4.95 -14.21 -6.53
N GLU A 36 6.06 -13.80 -7.11
CA GLU A 36 7.39 -14.07 -6.47
C GLU A 36 7.86 -12.87 -5.62
N GLU A 37 7.36 -11.69 -5.89
CA GLU A 37 7.89 -10.47 -5.19
C GLU A 37 6.84 -9.34 -5.19
N ILE A 38 6.94 -8.44 -4.25
CA ILE A 38 6.10 -7.20 -4.28
C ILE A 38 7.01 -5.98 -4.50
N THR A 39 6.58 -5.04 -5.31
CA THR A 39 7.46 -3.87 -5.62
C THR A 39 6.71 -2.55 -5.32
N ILE A 40 7.36 -1.65 -4.63
CA ILE A 40 6.70 -0.35 -4.25
C ILE A 40 7.65 0.84 -4.51
N VAL A 41 7.13 2.04 -4.38
CA VAL A 41 7.97 3.25 -4.67
C VAL A 41 7.90 4.24 -3.50
N ARG A 42 8.81 5.18 -3.45
CA ARG A 42 8.92 6.12 -2.28
C ARG A 42 9.10 5.32 -0.98
N ALA A 43 10.23 4.67 -0.85
CA ALA A 43 10.44 3.74 0.30
C ALA A 43 10.56 4.50 1.62
N PHE A 44 9.74 4.14 2.59
CA PHE A 44 9.96 4.63 3.99
C PHE A 44 10.30 3.44 4.88
N ARG A 45 11.29 3.57 5.72
CA ARG A 45 11.72 2.41 6.57
C ARG A 45 11.94 2.87 8.02
N ASN A 46 11.61 2.03 8.97
CA ASN A 46 11.83 2.39 10.42
C ASN A 46 11.19 3.75 10.75
N GLY A 47 10.03 4.02 10.22
CA GLY A 47 9.30 5.28 10.57
C GLY A 47 10.13 6.52 10.16
N VAL A 48 11.03 6.37 9.22
CA VAL A 48 11.78 7.56 8.70
C VAL A 48 12.03 7.39 7.18
N PRO A 49 12.14 8.50 6.47
CA PRO A 49 12.27 8.43 4.99
C PRO A 49 13.65 7.87 4.61
N LEU A 50 13.71 7.03 3.61
CA LEU A 50 15.03 6.53 3.13
C LEU A 50 15.73 7.59 2.26
N ARG A 51 17.04 7.61 2.25
CA ARG A 51 17.78 8.69 1.52
C ARG A 51 17.38 8.71 0.04
N LYS A 52 17.13 7.56 -0.54
CA LYS A 52 16.72 7.52 -1.98
C LYS A 52 15.19 7.55 -2.10
N GLN A 53 14.63 8.74 -2.20
CA GLN A 53 13.15 8.86 -2.31
C GLN A 53 12.65 8.18 -3.59
N ASN A 54 13.39 8.30 -4.66
CA ASN A 54 12.96 7.71 -5.97
C ASN A 54 13.41 6.25 -6.10
N ALA A 55 14.05 5.68 -5.10
CA ALA A 55 14.53 4.28 -5.21
C ALA A 55 13.36 3.30 -5.05
N GLU A 56 13.29 2.30 -5.89
CA GLU A 56 12.19 1.29 -5.77
C GLU A 56 12.60 0.16 -4.80
N VAL A 57 11.67 -0.31 -4.01
CA VAL A 57 11.97 -1.47 -3.10
C VAL A 57 11.34 -2.74 -3.68
N VAL A 58 12.13 -3.76 -3.90
CA VAL A 58 11.56 -5.05 -4.39
C VAL A 58 11.95 -6.17 -3.42
N LEU A 59 10.98 -6.73 -2.74
CA LEU A 59 11.28 -7.73 -1.68
C LEU A 59 10.46 -8.99 -1.89
N LYS A 60 11.07 -10.14 -1.80
CA LYS A 60 10.35 -11.42 -2.06
C LYS A 60 9.43 -11.78 -0.89
N CYS A 61 8.28 -12.33 -1.18
CA CYS A 61 7.35 -12.77 -0.08
C CYS A 61 8.05 -13.73 0.88
N THR A 62 8.99 -14.51 0.39
CA THR A 62 9.71 -15.48 1.26
C THR A 62 10.53 -14.72 2.31
N ASP A 63 10.94 -13.52 2.00
CA ASP A 63 11.69 -12.69 3.00
C ASP A 63 10.71 -11.87 3.86
N ILE A 64 9.54 -11.61 3.34
CA ILE A 64 8.50 -10.88 4.14
C ILE A 64 7.79 -11.86 5.09
N ARG A 65 7.45 -11.40 6.28
CA ARG A 65 6.77 -12.29 7.26
C ARG A 65 5.26 -12.01 7.26
N SER A 66 4.87 -10.78 7.04
CA SER A 66 3.41 -10.45 6.99
C SER A 66 3.18 -9.12 6.28
N ILE A 67 1.98 -8.91 5.76
CA ILE A 67 1.69 -7.65 5.01
C ILE A 67 0.28 -7.15 5.37
N ASP A 68 0.08 -5.85 5.35
CA ASP A 68 -1.27 -5.30 5.65
C ASP A 68 -1.61 -4.17 4.66
N LEU A 69 -2.75 -4.24 4.02
CA LEU A 69 -3.19 -3.11 3.14
C LEU A 69 -3.70 -1.95 3.99
N ILE A 70 -3.01 -0.84 3.97
CA ILE A 70 -3.43 0.33 4.82
C ILE A 70 -4.66 1.01 4.21
N GLU A 71 -4.57 1.39 2.95
CA GLU A 71 -5.71 2.10 2.30
C GLU A 71 -5.93 1.55 0.87
N PRO A 72 -7.19 1.40 0.47
CA PRO A 72 -7.48 0.85 -0.88
C PRO A 72 -6.86 1.73 -1.97
N ALA A 73 -6.55 1.16 -3.11
CA ALA A 73 -5.94 1.95 -4.21
C ALA A 73 -6.90 3.05 -4.68
N LYS A 74 -6.57 3.71 -5.76
CA LYS A 74 -7.45 4.82 -6.26
C LYS A 74 -8.85 4.30 -6.57
N GLN A 75 -8.95 3.08 -7.04
CA GLN A 75 -10.28 2.50 -7.37
C GLN A 75 -10.79 1.62 -6.22
N ASP A 76 -12.05 1.73 -5.89
CA ASP A 76 -12.61 0.90 -4.78
C ASP A 76 -12.83 -0.54 -5.26
N LEU A 77 -12.47 -1.51 -4.45
CA LEU A 77 -12.66 -2.93 -4.84
C LEU A 77 -13.79 -3.56 -4.02
N ASP A 78 -14.74 -4.18 -4.69
CA ASP A 78 -15.87 -4.85 -3.97
C ASP A 78 -15.46 -6.26 -3.56
N GLY A 79 -15.46 -6.54 -2.28
CA GLY A 79 -15.06 -7.89 -1.79
C GLY A 79 -15.42 -8.03 -0.31
N HIS A 80 -14.98 -9.11 0.31
CA HIS A 80 -15.29 -9.33 1.76
C HIS A 80 -14.76 -8.17 2.61
N THR A 81 -13.62 -7.64 2.26
CA THR A 81 -13.03 -6.52 3.05
C THR A 81 -13.86 -5.24 2.84
N ALA A 82 -14.11 -4.51 3.91
CA ALA A 82 -14.93 -3.25 3.81
C ALA A 82 -16.28 -3.53 3.10
N PRO A 83 -17.09 -4.37 3.70
CA PRO A 83 -18.42 -4.69 3.09
C PRO A 83 -19.26 -3.41 2.92
N PRO A 84 -19.37 -2.59 3.96
CA PRO A 84 -20.20 -1.36 3.86
C PRO A 84 -19.64 -0.45 2.76
N PRO A 85 -20.51 0.29 2.09
CA PRO A 85 -20.06 1.21 1.02
C PRO A 85 -19.11 2.27 1.59
N VAL A 86 -18.15 2.69 0.81
CA VAL A 86 -17.17 3.72 1.30
C VAL A 86 -17.33 5.01 0.47
N VAL A 87 -17.36 6.14 1.13
CA VAL A 87 -17.50 7.43 0.40
C VAL A 87 -16.25 8.29 0.60
N ASN A 88 -15.76 8.90 -0.45
CA ASN A 88 -14.54 9.76 -0.34
C ASN A 88 -14.93 11.23 -0.40
N LYS A 89 -14.33 12.05 0.44
CA LYS A 89 -14.66 13.51 0.45
C LYS A 89 -14.19 14.15 -0.86
N PRO A 90 -14.92 15.17 -1.33
CA PRO A 90 -14.52 15.85 -2.58
C PRO A 90 -13.13 16.46 -2.45
N THR A 91 -12.38 16.49 -3.52
CA THR A 91 -11.00 17.07 -3.47
C THR A 91 -10.85 18.19 -4.53
N PRO A 92 -10.96 19.44 -4.09
CA PRO A 92 -10.91 20.58 -5.05
C PRO A 92 -9.54 20.68 -5.72
N VAL A 93 -8.51 20.19 -5.07
CA VAL A 93 -7.12 20.35 -5.64
C VAL A 93 -6.99 19.58 -6.95
N LYS A 94 -7.75 18.52 -7.12
CA LYS A 94 -7.68 17.73 -8.39
C LYS A 94 -8.79 18.19 -9.35
N LEU A 95 -8.47 18.32 -10.61
CA LEU A 95 -9.50 18.76 -11.61
C LEU A 95 -9.82 17.62 -12.60
N PRO A 96 -10.94 17.73 -13.28
CA PRO A 96 -11.31 16.68 -14.28
C PRO A 96 -10.26 16.61 -15.38
N HIS A 97 -10.12 15.46 -16.01
CA HIS A 97 -9.10 15.30 -17.09
C HIS A 97 -9.80 15.21 -18.45
N PHE A 98 -9.26 15.87 -19.45
CA PHE A 98 -9.88 15.84 -20.81
C PHE A 98 -9.96 14.41 -21.33
N SER A 99 -8.95 13.61 -21.05
CA SER A 99 -8.92 12.21 -21.60
C SER A 99 -10.17 11.43 -21.17
N ASN A 100 -10.67 11.70 -19.99
CA ASN A 100 -11.90 10.98 -19.49
C ASN A 100 -11.70 9.46 -19.54
N ILE A 101 -10.55 8.99 -19.10
CA ILE A 101 -10.28 7.53 -19.12
C ILE A 101 -9.93 7.03 -17.71
N LEU A 102 -10.04 5.75 -17.48
CA LEU A 102 -9.71 5.18 -16.13
C LEU A 102 -8.30 4.60 -16.13
N GLY A 103 -7.50 4.96 -15.16
CA GLY A 103 -6.10 4.43 -15.08
C GLY A 103 -5.12 5.61 -15.03
N GLY A 1 -5.42 -15.84 3.74
CA GLY A 1 -6.18 -14.80 4.52
C GLY A 1 -5.19 -13.75 5.05
N ALA A 2 -4.20 -14.19 5.78
CA ALA A 2 -3.19 -13.23 6.34
C ALA A 2 -2.46 -12.52 5.20
N MET A 3 -2.27 -13.19 4.10
CA MET A 3 -1.56 -12.56 2.94
C MET A 3 -2.56 -11.80 2.06
N GLY A 4 -2.20 -10.62 1.62
CA GLY A 4 -3.12 -9.83 0.76
C GLY A 4 -3.22 -10.48 -0.63
N PRO A 5 -4.35 -10.29 -1.31
CA PRO A 5 -4.51 -10.87 -2.67
C PRO A 5 -3.39 -10.40 -3.61
N THR A 6 -3.02 -11.23 -4.56
CA THR A 6 -1.89 -10.88 -5.48
C THR A 6 -2.45 -10.28 -6.78
N ASP A 7 -3.63 -9.71 -6.74
CA ASP A 7 -4.26 -9.17 -7.98
C ASP A 7 -3.60 -7.84 -8.38
N GLN A 8 -3.61 -7.54 -9.66
CA GLN A 8 -3.02 -6.23 -10.13
C GLN A 8 -3.90 -5.04 -9.74
N ASP A 9 -5.05 -5.28 -9.16
CA ASP A 9 -5.91 -4.14 -8.67
C ASP A 9 -5.21 -3.41 -7.51
N TRP A 10 -4.30 -4.07 -6.83
CA TRP A 10 -3.61 -3.42 -5.68
C TRP A 10 -2.56 -2.41 -6.16
N ILE A 11 -2.18 -2.42 -7.42
CA ILE A 11 -1.11 -1.49 -7.89
C ILE A 11 -1.48 -0.03 -7.55
N GLY A 12 -0.61 0.66 -6.89
CA GLY A 12 -0.93 2.04 -6.41
C GLY A 12 -1.66 2.03 -5.06
N CYS A 13 -1.94 0.87 -4.48
CA CYS A 13 -2.61 0.84 -3.14
C CYS A 13 -1.57 1.00 -2.02
N ALA A 14 -1.98 1.49 -0.87
CA ALA A 14 -1.01 1.78 0.22
C ALA A 14 -0.90 0.57 1.16
N VAL A 15 0.28 0.00 1.30
CA VAL A 15 0.44 -1.20 2.19
C VAL A 15 1.70 -1.08 3.04
N SER A 16 1.76 -1.80 4.13
CA SER A 16 2.99 -1.83 4.98
C SER A 16 3.49 -3.26 5.08
N ILE A 17 4.79 -3.45 5.05
CA ILE A 17 5.34 -4.84 5.00
C ILE A 17 6.27 -5.06 6.18
N ALA A 18 6.00 -6.07 6.98
CA ALA A 18 6.91 -6.42 8.11
C ALA A 18 7.81 -7.58 7.70
N CYS A 19 9.07 -7.32 7.51
CA CYS A 19 10.03 -8.41 7.15
C CYS A 19 10.75 -8.90 8.41
N ASP A 20 11.43 -10.02 8.33
CA ASP A 20 12.13 -10.57 9.53
C ASP A 20 13.16 -9.54 10.06
N GLU A 21 13.71 -9.79 11.22
CA GLU A 21 14.45 -8.71 11.96
C GLU A 21 15.55 -8.09 11.10
N VAL A 22 16.18 -8.87 10.25
CA VAL A 22 17.33 -8.34 9.45
C VAL A 22 16.82 -7.42 8.33
N LEU A 23 15.60 -7.62 7.90
CA LEU A 23 15.02 -6.74 6.84
C LEU A 23 14.29 -5.53 7.44
N GLY A 24 13.93 -5.59 8.71
CA GLY A 24 13.20 -4.46 9.34
C GLY A 24 11.82 -4.29 8.69
N VAL A 25 11.30 -3.09 8.70
CA VAL A 25 9.91 -2.86 8.15
C VAL A 25 9.94 -1.67 7.19
N PHE A 26 9.22 -1.77 6.09
CA PHE A 26 9.08 -0.60 5.18
C PHE A 26 7.61 -0.37 4.81
N GLN A 27 7.28 0.81 4.38
CA GLN A 27 5.88 1.10 3.93
C GLN A 27 5.94 1.94 2.65
N GLY A 28 4.99 1.72 1.76
CA GLY A 28 5.05 2.43 0.44
C GLY A 28 3.80 2.09 -0.39
N LEU A 29 3.60 2.79 -1.48
CA LEU A 29 2.51 2.40 -2.42
C LEU A 29 3.03 1.42 -3.46
N ILE A 30 2.26 0.40 -3.74
CA ILE A 30 2.72 -0.66 -4.70
C ILE A 30 2.81 -0.09 -6.13
N LYS A 31 3.86 -0.44 -6.83
CA LYS A 31 3.94 -0.06 -8.29
C LYS A 31 3.71 -1.30 -9.16
N GLN A 32 4.13 -2.46 -8.69
CA GLN A 32 3.98 -3.70 -9.49
C GLN A 32 4.00 -4.92 -8.57
N ILE A 33 3.30 -5.96 -8.92
CA ILE A 33 3.21 -7.17 -8.03
C ILE A 33 3.30 -8.45 -8.86
N SER A 34 4.04 -9.41 -8.38
CA SER A 34 4.10 -10.74 -9.05
C SER A 34 4.29 -11.83 -7.99
N ALA A 35 3.94 -13.04 -8.31
CA ALA A 35 3.91 -14.13 -7.28
C ALA A 35 5.27 -14.27 -6.56
N GLU A 36 6.33 -13.85 -7.20
CA GLU A 36 7.70 -14.07 -6.63
C GLU A 36 8.13 -12.87 -5.77
N GLU A 37 7.63 -11.70 -6.05
CA GLU A 37 8.15 -10.47 -5.37
C GLU A 37 7.11 -9.35 -5.36
N ILE A 38 7.19 -8.45 -4.42
CA ILE A 38 6.33 -7.23 -4.44
C ILE A 38 7.20 -5.98 -4.61
N THR A 39 6.78 -5.05 -5.43
CA THR A 39 7.62 -3.84 -5.71
C THR A 39 6.84 -2.56 -5.39
N ILE A 40 7.43 -1.65 -4.65
CA ILE A 40 6.72 -0.39 -4.27
C ILE A 40 7.64 0.82 -4.49
N VAL A 41 7.10 2.01 -4.34
CA VAL A 41 7.90 3.26 -4.60
C VAL A 41 7.80 4.21 -3.42
N ARG A 42 8.68 5.18 -3.35
CA ARG A 42 8.74 6.12 -2.17
C ARG A 42 9.01 5.31 -0.89
N ALA A 43 10.18 4.73 -0.80
CA ALA A 43 10.46 3.79 0.33
C ALA A 43 10.55 4.53 1.68
N PHE A 44 9.71 4.15 2.61
CA PHE A 44 9.90 4.60 4.02
C PHE A 44 10.24 3.40 4.90
N ARG A 45 11.25 3.51 5.73
CA ARG A 45 11.66 2.36 6.58
C ARG A 45 11.91 2.82 8.01
N ASN A 46 11.60 1.97 8.98
CA ASN A 46 11.83 2.35 10.42
C ASN A 46 11.18 3.70 10.75
N GLY A 47 10.01 3.94 10.22
CA GLY A 47 9.25 5.20 10.57
C GLY A 47 10.04 6.45 10.15
N VAL A 48 10.95 6.32 9.21
CA VAL A 48 11.65 7.53 8.67
C VAL A 48 11.90 7.36 7.15
N PRO A 49 11.96 8.46 6.42
CA PRO A 49 12.12 8.37 4.95
C PRO A 49 13.55 7.98 4.59
N LEU A 50 13.74 7.19 3.55
CA LEU A 50 15.12 6.90 3.07
C LEU A 50 15.65 8.08 2.26
N ARG A 51 16.95 8.25 2.24
CA ARG A 51 17.57 9.41 1.50
C ARG A 51 17.14 9.38 0.02
N LYS A 52 17.04 8.21 -0.56
CA LYS A 52 16.59 8.10 -1.98
C LYS A 52 15.07 7.95 -2.03
N GLN A 53 14.37 9.06 -2.04
CA GLN A 53 12.87 9.01 -2.08
C GLN A 53 12.39 8.30 -3.35
N ASN A 54 13.08 8.50 -4.44
CA ASN A 54 12.65 7.88 -5.74
C ASN A 54 13.15 6.43 -5.87
N ALA A 55 13.82 5.90 -4.86
CA ALA A 55 14.36 4.51 -4.97
C ALA A 55 13.23 3.49 -4.84
N GLU A 56 13.22 2.48 -5.68
CA GLU A 56 12.17 1.43 -5.61
C GLU A 56 12.60 0.30 -4.66
N VAL A 57 11.67 -0.24 -3.91
CA VAL A 57 11.99 -1.40 -3.01
C VAL A 57 11.40 -2.68 -3.61
N VAL A 58 12.21 -3.68 -3.83
CA VAL A 58 11.67 -4.99 -4.33
C VAL A 58 12.07 -6.11 -3.37
N LEU A 59 11.10 -6.69 -2.71
CA LEU A 59 11.41 -7.71 -1.67
C LEU A 59 10.59 -8.99 -1.91
N LYS A 60 11.20 -10.13 -1.73
CA LYS A 60 10.50 -11.42 -2.02
C LYS A 60 9.45 -11.72 -0.93
N CYS A 61 8.30 -12.19 -1.33
CA CYS A 61 7.24 -12.57 -0.33
C CYS A 61 7.79 -13.58 0.69
N THR A 62 8.71 -14.43 0.27
CA THR A 62 9.28 -15.45 1.19
C THR A 62 10.07 -14.76 2.32
N ASP A 63 10.56 -13.57 2.07
CA ASP A 63 11.33 -12.83 3.13
C ASP A 63 10.37 -12.00 4.00
N ILE A 64 9.20 -11.69 3.49
CA ILE A 64 8.20 -10.94 4.31
C ILE A 64 7.47 -11.91 5.24
N ARG A 65 7.21 -11.50 6.46
CA ARG A 65 6.51 -12.40 7.43
C ARG A 65 5.03 -11.99 7.55
N SER A 66 4.71 -10.74 7.29
CA SER A 66 3.28 -10.31 7.34
C SER A 66 3.08 -9.02 6.53
N ILE A 67 1.89 -8.81 6.02
CA ILE A 67 1.60 -7.59 5.21
C ILE A 67 0.21 -7.05 5.55
N ASP A 68 0.05 -5.76 5.53
CA ASP A 68 -1.29 -5.14 5.83
C ASP A 68 -1.58 -3.99 4.87
N LEU A 69 -2.75 -3.98 4.26
CA LEU A 69 -3.14 -2.83 3.40
C LEU A 69 -3.59 -1.65 4.28
N ILE A 70 -2.84 -0.57 4.28
CA ILE A 70 -3.25 0.62 5.08
C ILE A 70 -4.44 1.31 4.42
N GLU A 71 -4.38 1.49 3.13
CA GLU A 71 -5.48 2.18 2.39
C GLU A 71 -5.77 1.43 1.08
N PRO A 72 -6.74 0.53 1.12
CA PRO A 72 -7.05 -0.27 -0.09
C PRO A 72 -7.50 0.64 -1.23
N ALA A 73 -8.17 1.72 -0.91
CA ALA A 73 -8.66 2.66 -1.97
C ALA A 73 -9.19 3.95 -1.33
N LYS A 74 -9.91 3.84 -0.25
CA LYS A 74 -10.49 5.06 0.40
C LYS A 74 -9.40 5.81 1.16
N GLN A 75 -9.28 7.09 0.91
CA GLN A 75 -8.18 7.89 1.54
C GLN A 75 -8.34 7.90 3.07
N ASP A 76 -9.57 7.90 3.55
CA ASP A 76 -9.80 7.94 5.04
C ASP A 76 -9.08 9.15 5.67
N LEU A 77 -9.20 10.30 5.07
CA LEU A 77 -8.50 11.51 5.60
C LEU A 77 -8.94 11.79 7.05
N ASP A 78 -10.19 11.55 7.35
CA ASP A 78 -10.70 11.79 8.75
C ASP A 78 -9.90 10.95 9.75
N GLY A 79 -9.54 9.74 9.35
CA GLY A 79 -8.72 8.87 10.25
C GLY A 79 -9.63 8.16 11.27
N HIS A 80 -10.88 7.96 10.93
CA HIS A 80 -11.81 7.24 11.86
C HIS A 80 -11.27 5.83 12.16
N THR A 81 -10.76 5.16 11.15
CA THR A 81 -10.18 3.80 11.36
C THR A 81 -9.01 3.87 12.33
N ALA A 82 -8.24 4.94 12.26
CA ALA A 82 -7.04 5.07 13.15
C ALA A 82 -7.40 5.82 14.44
N PRO A 83 -7.39 5.13 15.57
CA PRO A 83 -7.70 5.81 16.86
C PRO A 83 -6.74 6.99 17.12
N PRO A 84 -5.43 6.74 17.04
CA PRO A 84 -4.46 7.78 17.45
C PRO A 84 -4.45 8.95 16.44
N PRO A 85 -4.10 10.14 16.90
CA PRO A 85 -4.09 11.32 16.01
C PRO A 85 -3.15 11.10 14.81
N VAL A 86 -3.38 11.78 13.72
CA VAL A 86 -2.52 11.62 12.52
C VAL A 86 -1.61 12.85 12.36
N VAL A 87 -0.37 12.63 12.01
CA VAL A 87 0.61 13.77 11.88
C VAL A 87 0.09 14.81 10.88
N ASN A 88 -0.60 14.37 9.84
CA ASN A 88 -1.14 15.32 8.81
C ASN A 88 -0.02 16.20 8.24
N LYS A 89 1.08 15.61 7.84
CA LYS A 89 2.23 16.40 7.30
C LYS A 89 1.77 17.30 6.12
N PRO A 90 1.24 16.68 5.07
CA PRO A 90 0.81 17.49 3.89
C PRO A 90 -0.30 18.47 4.30
N THR A 91 -0.33 19.62 3.67
CA THR A 91 -1.39 20.62 4.00
C THR A 91 -2.43 20.71 2.86
N PRO A 92 -3.67 21.04 3.20
CA PRO A 92 -4.73 21.10 2.17
C PRO A 92 -4.40 22.17 1.13
N VAL A 93 -3.81 23.27 1.55
CA VAL A 93 -3.47 24.36 0.58
C VAL A 93 -2.02 24.83 0.80
N LYS A 94 -1.38 25.29 -0.25
CA LYS A 94 0.01 25.80 -0.12
C LYS A 94 0.05 27.06 0.77
N LEU A 95 -0.97 27.87 0.69
CA LEU A 95 -1.00 29.14 1.49
C LEU A 95 -1.14 28.81 2.99
N PRO A 96 -0.51 29.60 3.84
CA PRO A 96 -0.61 29.36 5.30
C PRO A 96 -2.05 29.48 5.77
N HIS A 97 -2.47 28.62 6.68
CA HIS A 97 -3.86 28.69 7.21
C HIS A 97 -4.10 30.05 7.88
N PHE A 98 -3.07 30.65 8.42
CA PHE A 98 -3.25 31.94 9.14
C PHE A 98 -2.62 33.09 8.35
N SER A 99 -3.12 34.29 8.54
CA SER A 99 -2.58 35.46 7.78
C SER A 99 -1.91 36.45 8.74
N ASN A 100 -0.94 37.18 8.26
CA ASN A 100 -0.20 38.15 9.13
C ASN A 100 -0.82 39.53 9.03
N ILE A 101 -0.77 40.30 10.09
CA ILE A 101 -1.37 41.67 10.07
C ILE A 101 -0.65 42.54 9.03
N LEU A 102 0.62 42.30 8.83
CA LEU A 102 1.39 43.11 7.83
C LEU A 102 1.41 42.40 6.47
N GLY A 103 1.08 43.12 5.43
CA GLY A 103 1.07 42.50 4.06
C GLY A 103 2.18 43.10 3.22
N GLY A 1 -0.82 -20.19 -3.48
CA GLY A 1 -0.70 -20.44 -2.02
C GLY A 1 -2.02 -20.10 -1.33
N ALA A 2 -1.97 -19.68 -0.09
CA ALA A 2 -3.22 -19.32 0.64
C ALA A 2 -3.94 -18.17 -0.07
N MET A 3 -3.21 -17.27 -0.65
CA MET A 3 -3.83 -16.12 -1.39
C MET A 3 -2.95 -15.74 -2.58
N GLY A 4 -3.56 -15.25 -3.64
CA GLY A 4 -2.78 -14.85 -4.84
C GLY A 4 -3.16 -13.43 -5.27
N PRO A 5 -2.70 -12.43 -4.53
CA PRO A 5 -3.00 -11.03 -4.89
C PRO A 5 -2.09 -10.56 -6.04
N THR A 6 -2.15 -11.23 -7.16
CA THR A 6 -1.29 -10.84 -8.33
C THR A 6 -2.05 -9.94 -9.32
N ASP A 7 -3.20 -9.42 -8.92
CA ASP A 7 -4.00 -8.59 -9.86
C ASP A 7 -3.41 -7.17 -9.96
N GLN A 8 -3.55 -6.55 -11.10
CA GLN A 8 -3.05 -5.14 -11.26
C GLN A 8 -3.94 -4.13 -10.54
N ASP A 9 -5.04 -4.57 -9.96
CA ASP A 9 -5.96 -3.61 -9.26
C ASP A 9 -5.29 -3.04 -8.01
N TRP A 10 -4.40 -3.79 -7.40
CA TRP A 10 -3.73 -3.30 -6.16
C TRP A 10 -2.63 -2.28 -6.49
N ILE A 11 -2.22 -2.17 -7.74
CA ILE A 11 -1.08 -1.24 -8.07
C ILE A 11 -1.42 0.19 -7.61
N GLY A 12 -0.51 0.82 -6.92
CA GLY A 12 -0.76 2.19 -6.39
C GLY A 12 -1.49 2.15 -5.03
N CYS A 13 -1.82 0.98 -4.51
CA CYS A 13 -2.52 0.92 -3.18
C CYS A 13 -1.50 1.06 -2.04
N ALA A 14 -1.93 1.52 -0.89
CA ALA A 14 -0.99 1.78 0.23
C ALA A 14 -0.86 0.54 1.12
N VAL A 15 0.33 0.01 1.25
CA VAL A 15 0.51 -1.23 2.06
C VAL A 15 1.73 -1.12 2.97
N SER A 16 1.76 -1.88 4.04
CA SER A 16 2.96 -1.90 4.93
C SER A 16 3.50 -3.32 5.01
N ILE A 17 4.80 -3.47 5.00
CA ILE A 17 5.41 -4.84 4.94
C ILE A 17 6.33 -5.05 6.15
N ALA A 18 6.06 -6.06 6.94
CA ALA A 18 6.96 -6.38 8.07
C ALA A 18 7.89 -7.52 7.68
N CYS A 19 9.15 -7.24 7.51
CA CYS A 19 10.14 -8.30 7.16
C CYS A 19 10.80 -8.83 8.44
N ASP A 20 11.49 -9.95 8.35
CA ASP A 20 12.11 -10.54 9.58
C ASP A 20 13.09 -9.54 10.21
N GLU A 21 13.55 -9.82 11.40
CA GLU A 21 14.24 -8.76 12.23
C GLU A 21 15.41 -8.12 11.46
N VAL A 22 16.09 -8.87 10.64
CA VAL A 22 17.28 -8.33 9.92
C VAL A 22 16.84 -7.39 8.78
N LEU A 23 15.64 -7.59 8.27
CA LEU A 23 15.16 -6.73 7.14
C LEU A 23 14.38 -5.50 7.67
N GLY A 24 13.98 -5.51 8.92
CA GLY A 24 13.22 -4.36 9.47
C GLY A 24 11.87 -4.22 8.78
N VAL A 25 11.33 -3.03 8.74
CA VAL A 25 9.96 -2.82 8.14
C VAL A 25 9.98 -1.64 7.18
N PHE A 26 9.26 -1.74 6.09
CA PHE A 26 9.11 -0.56 5.19
C PHE A 26 7.64 -0.36 4.81
N GLN A 27 7.28 0.83 4.39
CA GLN A 27 5.89 1.10 3.93
C GLN A 27 5.94 1.96 2.66
N GLY A 28 5.00 1.75 1.77
CA GLY A 28 5.05 2.47 0.46
C GLY A 28 3.82 2.14 -0.38
N LEU A 29 3.61 2.87 -1.46
CA LEU A 29 2.52 2.49 -2.41
C LEU A 29 3.07 1.53 -3.47
N ILE A 30 2.32 0.51 -3.79
CA ILE A 30 2.79 -0.52 -4.76
C ILE A 30 2.91 0.09 -6.17
N LYS A 31 3.97 -0.23 -6.86
CA LYS A 31 4.07 0.14 -8.31
C LYS A 31 3.84 -1.10 -9.18
N GLN A 32 4.17 -2.26 -8.67
CA GLN A 32 3.99 -3.52 -9.46
C GLN A 32 3.91 -4.72 -8.53
N ILE A 33 3.22 -5.77 -8.93
CA ILE A 33 3.07 -6.96 -8.05
C ILE A 33 3.21 -8.25 -8.87
N SER A 34 3.89 -9.23 -8.33
CA SER A 34 3.98 -10.55 -8.99
C SER A 34 4.05 -11.65 -7.93
N ALA A 35 3.69 -12.86 -8.27
CA ALA A 35 3.54 -13.94 -7.25
C ALA A 35 4.83 -14.12 -6.43
N GLU A 36 5.96 -13.73 -6.97
CA GLU A 36 7.26 -14.00 -6.29
C GLU A 36 7.68 -12.81 -5.41
N GLU A 37 7.23 -11.62 -5.73
CA GLU A 37 7.75 -10.41 -5.02
C GLU A 37 6.75 -9.25 -5.10
N ILE A 38 6.83 -8.32 -4.18
CA ILE A 38 6.01 -7.08 -4.26
C ILE A 38 6.92 -5.87 -4.48
N THR A 39 6.52 -4.93 -5.30
CA THR A 39 7.41 -3.76 -5.61
C THR A 39 6.70 -2.44 -5.28
N ILE A 40 7.35 -1.56 -4.57
CA ILE A 40 6.70 -0.26 -4.17
C ILE A 40 7.65 0.93 -4.45
N VAL A 41 7.14 2.12 -4.33
CA VAL A 41 7.98 3.34 -4.61
C VAL A 41 7.92 4.32 -3.42
N ARG A 42 8.84 5.26 -3.36
CA ARG A 42 8.90 6.21 -2.19
C ARG A 42 9.04 5.43 -0.89
N ALA A 43 10.12 4.68 -0.77
CA ALA A 43 10.27 3.75 0.39
C ALA A 43 10.44 4.51 1.71
N PHE A 44 9.64 4.17 2.69
CA PHE A 44 9.89 4.65 4.08
C PHE A 44 10.24 3.45 4.96
N ARG A 45 11.28 3.57 5.77
CA ARG A 45 11.74 2.40 6.58
C ARG A 45 12.02 2.83 8.02
N ASN A 46 11.69 2.00 8.97
CA ASN A 46 11.95 2.34 10.42
C ASN A 46 11.35 3.71 10.78
N GLY A 47 10.17 4.00 10.29
CA GLY A 47 9.48 5.26 10.67
C GLY A 47 10.29 6.49 10.25
N VAL A 48 11.16 6.35 9.28
CA VAL A 48 11.88 7.54 8.73
C VAL A 48 12.06 7.38 7.20
N PRO A 49 12.14 8.49 6.48
CA PRO A 49 12.21 8.42 5.00
C PRO A 49 13.59 7.92 4.56
N LEU A 50 13.62 7.03 3.59
CA LEU A 50 14.94 6.56 3.04
C LEU A 50 15.52 7.61 2.09
N ARG A 51 16.82 7.77 2.09
CA ARG A 51 17.47 8.78 1.19
C ARG A 51 17.13 8.47 -0.27
N LYS A 52 16.99 7.21 -0.61
CA LYS A 52 16.66 6.83 -2.01
C LYS A 52 15.15 6.73 -2.19
N GLN A 53 14.42 7.75 -1.81
CA GLN A 53 12.92 7.72 -1.94
C GLN A 53 12.51 7.44 -3.39
N ASN A 54 13.26 7.94 -4.33
CA ASN A 54 12.92 7.69 -5.78
C ASN A 54 13.23 6.24 -6.15
N ALA A 55 14.09 5.58 -5.41
CA ALA A 55 14.46 4.16 -5.75
C ALA A 55 13.32 3.22 -5.39
N GLU A 56 13.11 2.20 -6.17
CA GLU A 56 12.01 1.23 -5.89
C GLU A 56 12.48 0.12 -4.95
N VAL A 57 11.61 -0.34 -4.07
CA VAL A 57 11.95 -1.49 -3.18
C VAL A 57 11.29 -2.76 -3.72
N VAL A 58 12.04 -3.79 -3.97
CA VAL A 58 11.44 -5.08 -4.42
C VAL A 58 11.83 -6.20 -3.48
N LEU A 59 10.88 -6.73 -2.76
CA LEU A 59 11.20 -7.73 -1.69
C LEU A 59 10.35 -8.99 -1.86
N LYS A 60 10.96 -10.14 -1.78
CA LYS A 60 10.21 -11.42 -2.02
C LYS A 60 9.32 -11.76 -0.82
N CYS A 61 8.16 -12.31 -1.08
CA CYS A 61 7.25 -12.76 0.04
C CYS A 61 7.98 -13.73 0.99
N THR A 62 8.90 -14.50 0.45
CA THR A 62 9.65 -15.49 1.30
C THR A 62 10.49 -14.76 2.33
N ASP A 63 10.91 -13.54 2.02
CA ASP A 63 11.69 -12.73 3.01
C ASP A 63 10.74 -11.91 3.88
N ILE A 64 9.55 -11.64 3.40
CA ILE A 64 8.55 -10.89 4.22
C ILE A 64 7.85 -11.86 5.19
N ARG A 65 7.51 -11.39 6.36
CA ARG A 65 6.84 -12.26 7.37
C ARG A 65 5.32 -12.00 7.37
N SER A 66 4.93 -10.78 7.12
CA SER A 66 3.46 -10.46 7.08
C SER A 66 3.23 -9.14 6.34
N ILE A 67 2.03 -8.97 5.80
CA ILE A 67 1.72 -7.72 5.03
C ILE A 67 0.31 -7.24 5.35
N ASP A 68 0.08 -5.95 5.29
CA ASP A 68 -1.29 -5.41 5.52
C ASP A 68 -1.61 -4.30 4.51
N LEU A 69 -2.74 -4.37 3.86
CA LEU A 69 -3.17 -3.25 2.97
C LEU A 69 -3.69 -2.08 3.83
N ILE A 70 -3.01 -0.98 3.82
CA ILE A 70 -3.43 0.19 4.67
C ILE A 70 -4.66 0.87 4.06
N GLU A 71 -4.56 1.27 2.82
CA GLU A 71 -5.70 2.00 2.17
C GLU A 71 -5.92 1.47 0.74
N PRO A 72 -7.17 1.30 0.34
CA PRO A 72 -7.46 0.81 -1.03
C PRO A 72 -6.92 1.81 -2.07
N ALA A 73 -6.52 1.32 -3.22
CA ALA A 73 -5.98 2.22 -4.28
C ALA A 73 -7.03 3.24 -4.70
N LYS A 74 -6.63 4.47 -4.90
CA LYS A 74 -7.61 5.54 -5.31
C LYS A 74 -8.27 5.16 -6.64
N GLN A 75 -7.53 4.55 -7.54
CA GLN A 75 -8.08 4.17 -8.89
C GLN A 75 -8.68 5.38 -9.58
N ASP A 76 -8.03 6.52 -9.49
CA ASP A 76 -8.55 7.75 -10.15
C ASP A 76 -7.67 8.12 -11.35
N LEU A 77 -8.21 8.82 -12.31
CA LEU A 77 -7.41 9.24 -13.49
C LEU A 77 -6.94 10.69 -13.33
N ASP A 78 -5.64 10.90 -13.37
CA ASP A 78 -5.09 12.28 -13.18
C ASP A 78 -4.50 12.83 -14.49
N GLY A 79 -4.81 12.21 -15.61
CA GLY A 79 -4.23 12.68 -16.91
C GLY A 79 -4.80 14.04 -17.28
N HIS A 80 -3.96 14.95 -17.73
CA HIS A 80 -4.45 16.31 -18.13
C HIS A 80 -5.51 16.19 -19.23
N THR A 81 -5.37 15.23 -20.11
CA THR A 81 -6.36 15.06 -21.22
C THR A 81 -7.64 14.41 -20.68
N ALA A 82 -8.79 14.86 -21.14
CA ALA A 82 -10.09 14.30 -20.67
C ALA A 82 -10.18 14.36 -19.12
N PRO A 83 -10.28 15.57 -18.58
CA PRO A 83 -10.36 15.72 -17.11
C PRO A 83 -11.59 14.99 -16.55
N PRO A 84 -11.54 14.61 -15.29
CA PRO A 84 -12.69 13.87 -14.68
C PRO A 84 -13.96 14.73 -14.74
N PRO A 85 -15.11 14.09 -14.87
CA PRO A 85 -16.39 14.84 -14.95
C PRO A 85 -16.60 15.69 -13.68
N VAL A 86 -17.27 16.81 -13.81
CA VAL A 86 -17.52 17.68 -12.62
C VAL A 86 -18.35 16.92 -11.58
N VAL A 87 -19.27 16.10 -12.03
CA VAL A 87 -20.13 15.32 -11.08
C VAL A 87 -19.26 14.42 -10.20
N ASN A 88 -18.23 13.85 -10.76
CA ASN A 88 -17.33 12.96 -9.96
C ASN A 88 -16.10 13.75 -9.49
N LYS A 89 -15.84 13.72 -8.20
CA LYS A 89 -14.68 14.49 -7.65
C LYS A 89 -13.76 13.57 -6.84
N PRO A 90 -12.64 13.16 -7.43
CA PRO A 90 -11.67 12.30 -6.70
C PRO A 90 -11.20 12.99 -5.41
N THR A 91 -10.86 12.22 -4.41
CA THR A 91 -10.45 12.83 -3.10
C THR A 91 -9.11 13.57 -3.24
N PRO A 92 -9.13 14.89 -3.11
CA PRO A 92 -7.86 15.66 -3.17
C PRO A 92 -6.99 15.35 -1.95
N VAL A 93 -5.71 15.62 -2.03
CA VAL A 93 -4.81 15.39 -0.87
C VAL A 93 -4.51 16.73 -0.18
N LYS A 94 -4.61 16.76 1.13
CA LYS A 94 -4.39 18.06 1.87
C LYS A 94 -2.93 18.52 1.72
N LEU A 95 -2.75 19.75 1.29
CA LEU A 95 -1.37 20.31 1.19
C LEU A 95 -1.18 21.45 2.21
N PRO A 96 0.06 21.82 2.48
CA PRO A 96 0.31 22.93 3.43
C PRO A 96 -0.34 24.23 2.92
N HIS A 97 -0.88 25.02 3.81
CA HIS A 97 -1.56 26.28 3.39
C HIS A 97 -0.92 27.48 4.09
N PHE A 98 -0.76 28.57 3.39
CA PHE A 98 -0.16 29.79 4.00
C PHE A 98 -1.14 30.97 3.94
N SER A 99 -1.00 31.92 4.81
CA SER A 99 -1.92 33.10 4.82
C SER A 99 -1.15 34.38 4.47
N ASN A 100 -1.75 35.27 3.72
CA ASN A 100 -1.04 36.53 3.32
C ASN A 100 -1.70 37.75 3.99
N ILE A 101 -2.37 37.55 5.10
CA ILE A 101 -3.03 38.70 5.80
C ILE A 101 -1.97 39.70 6.26
N LEU A 102 -0.81 39.22 6.64
CA LEU A 102 0.28 40.14 7.10
C LEU A 102 1.20 40.50 5.92
N GLY A 103 1.65 41.73 5.87
CA GLY A 103 2.54 42.16 4.75
C GLY A 103 1.78 43.07 3.80
N GLY A 1 -11.09 -15.49 -0.51
CA GLY A 1 -10.61 -16.21 0.71
C GLY A 1 -9.32 -15.56 1.22
N ALA A 2 -8.35 -15.40 0.35
CA ALA A 2 -7.06 -14.76 0.78
C ALA A 2 -7.31 -13.32 1.22
N MET A 3 -6.56 -12.86 2.20
CA MET A 3 -6.73 -11.46 2.70
C MET A 3 -6.02 -10.47 1.76
N GLY A 4 -4.93 -10.89 1.19
CA GLY A 4 -4.18 -9.98 0.26
C GLY A 4 -3.98 -10.68 -1.10
N PRO A 5 -5.00 -10.63 -1.95
CA PRO A 5 -4.90 -11.28 -3.28
C PRO A 5 -3.71 -10.72 -4.07
N THR A 6 -3.21 -11.47 -5.02
CA THR A 6 -2.03 -11.01 -5.82
C THR A 6 -2.50 -10.38 -7.15
N ASP A 7 -3.72 -9.91 -7.20
CA ASP A 7 -4.26 -9.35 -8.48
C ASP A 7 -3.69 -7.96 -8.76
N GLN A 8 -3.74 -7.53 -10.00
CA GLN A 8 -3.20 -6.18 -10.36
C GLN A 8 -4.09 -5.04 -9.85
N ASP A 9 -5.21 -5.36 -9.24
CA ASP A 9 -6.09 -4.29 -8.65
C ASP A 9 -5.37 -3.60 -7.49
N TRP A 10 -4.40 -4.25 -6.89
CA TRP A 10 -3.68 -3.64 -5.73
C TRP A 10 -2.68 -2.57 -6.22
N ILE A 11 -2.36 -2.52 -7.49
CA ILE A 11 -1.32 -1.55 -7.96
C ILE A 11 -1.70 -0.11 -7.55
N GLY A 12 -0.80 0.58 -6.91
CA GLY A 12 -1.12 1.95 -6.38
C GLY A 12 -1.79 1.88 -4.99
N CYS A 13 -2.03 0.70 -4.44
CA CYS A 13 -2.67 0.63 -3.09
C CYS A 13 -1.61 0.81 -1.98
N ALA A 14 -2.02 1.27 -0.82
CA ALA A 14 -1.04 1.60 0.25
C ALA A 14 -0.86 0.43 1.20
N VAL A 15 0.34 -0.10 1.31
CA VAL A 15 0.55 -1.30 2.17
C VAL A 15 1.81 -1.15 3.03
N SER A 16 1.86 -1.84 4.15
CA SER A 16 3.10 -1.86 4.98
C SER A 16 3.59 -3.29 5.11
N ILE A 17 4.88 -3.50 5.00
CA ILE A 17 5.42 -4.89 4.98
C ILE A 17 6.36 -5.10 6.17
N ALA A 18 6.06 -6.06 7.00
CA ALA A 18 6.96 -6.37 8.15
C ALA A 18 7.83 -7.58 7.83
N CYS A 19 9.10 -7.37 7.64
CA CYS A 19 10.04 -8.50 7.39
C CYS A 19 10.70 -8.93 8.71
N ASP A 20 11.34 -10.07 8.72
CA ASP A 20 11.96 -10.58 9.99
C ASP A 20 12.99 -9.56 10.50
N GLU A 21 13.47 -9.75 11.70
CA GLU A 21 14.22 -8.66 12.42
C GLU A 21 15.38 -8.12 11.56
N VAL A 22 16.03 -8.96 10.80
CA VAL A 22 17.23 -8.51 10.02
C VAL A 22 16.79 -7.66 8.82
N LEU A 23 15.59 -7.85 8.34
CA LEU A 23 15.10 -7.08 7.16
C LEU A 23 14.39 -5.78 7.58
N GLY A 24 14.02 -5.65 8.84
CA GLY A 24 13.33 -4.42 9.31
C GLY A 24 11.95 -4.28 8.64
N VAL A 25 11.44 -3.08 8.55
CA VAL A 25 10.06 -2.88 7.99
C VAL A 25 10.07 -1.72 6.99
N PHE A 26 9.33 -1.85 5.91
CA PHE A 26 9.19 -0.71 4.95
C PHE A 26 7.72 -0.50 4.59
N GLN A 27 7.37 0.69 4.17
CA GLN A 27 5.97 0.99 3.75
C GLN A 27 5.98 1.85 2.48
N GLY A 28 5.02 1.67 1.62
CA GLY A 28 5.02 2.42 0.32
C GLY A 28 3.76 2.09 -0.47
N LEU A 29 3.51 2.83 -1.52
CA LEU A 29 2.40 2.47 -2.46
C LEU A 29 2.92 1.54 -3.55
N ILE A 30 2.19 0.49 -3.82
CA ILE A 30 2.66 -0.53 -4.81
C ILE A 30 2.67 0.05 -6.22
N LYS A 31 3.71 -0.22 -6.97
CA LYS A 31 3.72 0.13 -8.42
C LYS A 31 3.65 -1.14 -9.28
N GLN A 32 4.16 -2.25 -8.78
CA GLN A 32 4.14 -3.51 -9.57
C GLN A 32 4.08 -4.71 -8.62
N ILE A 33 3.43 -5.78 -9.04
CA ILE A 33 3.31 -6.99 -8.17
C ILE A 33 3.46 -8.25 -9.01
N SER A 34 4.20 -9.22 -8.51
CA SER A 34 4.30 -10.53 -9.21
C SER A 34 4.43 -11.64 -8.16
N ALA A 35 4.10 -12.85 -8.52
CA ALA A 35 4.01 -13.96 -7.50
C ALA A 35 5.32 -14.10 -6.71
N GLU A 36 6.42 -13.66 -7.26
CA GLU A 36 7.74 -13.88 -6.60
C GLU A 36 8.12 -12.70 -5.70
N GLU A 37 7.63 -11.52 -6.00
CA GLU A 37 8.10 -10.30 -5.27
C GLU A 37 7.06 -9.18 -5.33
N ILE A 38 7.11 -8.26 -4.39
CA ILE A 38 6.26 -7.04 -4.46
C ILE A 38 7.14 -5.80 -4.60
N THR A 39 6.75 -4.84 -5.41
CA THR A 39 7.62 -3.63 -5.64
C THR A 39 6.83 -2.35 -5.36
N ILE A 40 7.39 -1.45 -4.57
CA ILE A 40 6.67 -0.17 -4.26
C ILE A 40 7.62 1.03 -4.41
N VAL A 41 7.08 2.22 -4.41
CA VAL A 41 7.92 3.44 -4.69
C VAL A 41 7.76 4.47 -3.56
N ARG A 42 8.67 5.42 -3.49
CA ARG A 42 8.70 6.40 -2.34
C ARG A 42 8.80 5.64 -1.02
N ALA A 43 9.79 4.79 -0.92
CA ALA A 43 9.86 3.85 0.23
C ALA A 43 10.17 4.56 1.55
N PHE A 44 9.49 4.17 2.59
CA PHE A 44 9.85 4.60 3.97
C PHE A 44 10.30 3.39 4.77
N ARG A 45 11.34 3.53 5.57
CA ARG A 45 11.86 2.37 6.35
C ARG A 45 12.14 2.78 7.79
N ASN A 46 11.84 1.93 8.73
CA ASN A 46 12.10 2.25 10.18
C ASN A 46 11.45 3.58 10.58
N GLY A 47 10.26 3.84 10.10
CA GLY A 47 9.52 5.07 10.50
C GLY A 47 10.27 6.33 10.08
N VAL A 48 11.14 6.24 9.10
CA VAL A 48 11.80 7.45 8.54
C VAL A 48 11.99 7.29 7.02
N PRO A 49 12.01 8.41 6.30
CA PRO A 49 12.09 8.33 4.82
C PRO A 49 13.49 7.87 4.39
N LEU A 50 13.58 7.13 3.32
CA LEU A 50 14.92 6.74 2.78
C LEU A 50 15.55 7.92 2.04
N ARG A 51 16.86 7.97 1.97
CA ARG A 51 17.56 9.16 1.37
C ARG A 51 17.04 9.43 -0.05
N LYS A 52 16.77 8.40 -0.80
CA LYS A 52 16.26 8.61 -2.19
C LYS A 52 14.80 8.14 -2.28
N GLN A 53 13.88 9.07 -2.35
CA GLN A 53 12.43 8.71 -2.51
C GLN A 53 12.21 7.99 -3.84
N ASN A 54 13.00 8.32 -4.84
CA ASN A 54 12.82 7.71 -6.19
C ASN A 54 13.27 6.24 -6.20
N ALA A 55 14.02 5.81 -5.22
CA ALA A 55 14.53 4.40 -5.22
C ALA A 55 13.38 3.44 -4.90
N GLU A 56 13.29 2.36 -5.63
CA GLU A 56 12.17 1.39 -5.41
C GLU A 56 12.59 0.26 -4.45
N VAL A 57 11.65 -0.27 -3.70
CA VAL A 57 11.93 -1.46 -2.86
C VAL A 57 11.31 -2.69 -3.52
N VAL A 58 12.10 -3.70 -3.79
CA VAL A 58 11.52 -4.99 -4.30
C VAL A 58 11.94 -6.14 -3.39
N LEU A 59 11.00 -6.70 -2.69
CA LEU A 59 11.33 -7.75 -1.68
C LEU A 59 10.47 -8.99 -1.90
N LYS A 60 11.07 -10.16 -1.74
CA LYS A 60 10.31 -11.43 -2.01
C LYS A 60 9.33 -11.72 -0.88
N CYS A 61 8.14 -12.16 -1.22
CA CYS A 61 7.14 -12.55 -0.17
C CYS A 61 7.73 -13.60 0.79
N THR A 62 8.60 -14.44 0.30
CA THR A 62 9.19 -15.51 1.17
C THR A 62 10.04 -14.88 2.29
N ASP A 63 10.56 -13.70 2.06
CA ASP A 63 11.36 -13.01 3.11
C ASP A 63 10.45 -12.15 4.01
N ILE A 64 9.26 -11.82 3.54
CA ILE A 64 8.31 -11.02 4.38
C ILE A 64 7.59 -11.94 5.37
N ARG A 65 7.31 -11.46 6.56
CA ARG A 65 6.63 -12.30 7.58
C ARG A 65 5.13 -11.97 7.62
N SER A 66 4.77 -10.73 7.36
CA SER A 66 3.32 -10.36 7.35
C SER A 66 3.12 -9.05 6.58
N ILE A 67 1.92 -8.83 6.07
CA ILE A 67 1.65 -7.61 5.27
C ILE A 67 0.26 -7.04 5.62
N ASP A 68 0.12 -5.75 5.61
CA ASP A 68 -1.20 -5.11 5.91
C ASP A 68 -1.47 -3.94 4.97
N LEU A 69 -2.54 -4.00 4.21
CA LEU A 69 -2.89 -2.83 3.34
C LEU A 69 -3.55 -1.74 4.18
N ILE A 70 -2.91 -0.61 4.31
CA ILE A 70 -3.47 0.50 5.14
C ILE A 70 -4.63 1.16 4.40
N GLU A 71 -4.51 1.31 3.09
CA GLU A 71 -5.57 2.00 2.31
C GLU A 71 -5.86 1.23 1.02
N PRO A 72 -6.93 0.46 1.02
CA PRO A 72 -7.30 -0.31 -0.21
C PRO A 72 -7.63 0.65 -1.36
N ALA A 73 -8.03 1.86 -1.06
CA ALA A 73 -8.41 2.82 -2.16
C ALA A 73 -7.22 3.06 -3.10
N LYS A 74 -7.48 3.19 -4.37
CA LYS A 74 -6.39 3.41 -5.35
C LYS A 74 -6.14 4.92 -5.55
N GLN A 75 -4.90 5.31 -5.63
CA GLN A 75 -4.58 6.76 -5.84
C GLN A 75 -4.03 6.98 -7.25
N ASP A 76 -4.23 8.15 -7.80
CA ASP A 76 -3.75 8.44 -9.18
C ASP A 76 -2.27 8.83 -9.15
N LEU A 77 -1.43 8.04 -9.79
CA LEU A 77 0.03 8.34 -9.80
C LEU A 77 0.42 9.01 -11.12
N ASP A 78 1.26 10.01 -11.07
CA ASP A 78 1.68 10.73 -12.31
C ASP A 78 2.73 9.90 -13.07
N GLY A 79 2.72 10.00 -14.38
CA GLY A 79 3.73 9.26 -15.19
C GLY A 79 3.08 8.03 -15.84
N HIS A 80 2.20 7.37 -15.12
CA HIS A 80 1.49 6.18 -15.69
C HIS A 80 0.70 6.58 -16.94
N THR A 81 0.17 7.79 -16.95
CA THR A 81 -0.63 8.24 -18.12
C THR A 81 0.03 9.48 -18.76
N ALA A 82 -0.37 9.82 -19.96
CA ALA A 82 0.23 11.00 -20.65
C ALA A 82 -0.02 12.28 -19.82
N PRO A 83 0.78 13.31 -20.06
CA PRO A 83 0.61 14.58 -19.29
C PRO A 83 -0.78 15.18 -19.56
N PRO A 84 -1.23 16.06 -18.67
CA PRO A 84 -2.57 16.68 -18.83
C PRO A 84 -2.78 17.26 -20.26
N PRO A 85 -1.92 18.18 -20.66
CA PRO A 85 -2.05 18.76 -22.03
C PRO A 85 -1.90 17.67 -23.09
N VAL A 86 -2.64 17.78 -24.17
CA VAL A 86 -2.58 16.74 -25.25
C VAL A 86 -2.42 17.40 -26.61
N VAL A 87 -1.66 16.79 -27.50
CA VAL A 87 -1.46 17.37 -28.86
C VAL A 87 -2.80 17.47 -29.59
N ASN A 88 -3.64 16.46 -29.44
CA ASN A 88 -4.97 16.47 -30.12
C ASN A 88 -6.06 16.89 -29.14
N LYS A 89 -6.72 18.00 -29.41
CA LYS A 89 -7.80 18.47 -28.50
C LYS A 89 -9.10 18.69 -29.30
N PRO A 90 -9.85 17.63 -29.55
CA PRO A 90 -11.11 17.77 -30.33
C PRO A 90 -12.07 18.72 -29.62
N THR A 91 -12.81 19.50 -30.38
CA THR A 91 -13.79 20.45 -29.77
C THR A 91 -15.23 20.07 -30.15
N PRO A 92 -15.97 19.53 -29.20
CA PRO A 92 -17.39 19.13 -29.51
C PRO A 92 -18.19 20.34 -29.99
N VAL A 93 -19.11 20.11 -30.90
CA VAL A 93 -19.90 21.25 -31.48
C VAL A 93 -21.38 21.11 -31.12
N LYS A 94 -22.01 22.19 -30.72
CA LYS A 94 -23.46 22.13 -30.33
C LYS A 94 -23.71 21.07 -29.26
N LEU A 95 -22.84 20.99 -28.28
CA LEU A 95 -23.05 20.03 -27.15
C LEU A 95 -23.30 20.80 -25.84
N PRO A 96 -24.52 20.76 -25.34
CA PRO A 96 -24.83 21.48 -24.07
C PRO A 96 -24.06 20.86 -22.91
N HIS A 97 -23.33 21.67 -22.17
CA HIS A 97 -22.62 21.16 -20.96
C HIS A 97 -23.63 20.82 -19.86
N PHE A 98 -24.63 21.65 -19.68
CA PHE A 98 -25.62 21.42 -18.58
C PHE A 98 -26.30 20.05 -18.73
N SER A 99 -26.54 19.63 -19.95
CA SER A 99 -27.30 18.35 -20.17
C SER A 99 -26.62 17.18 -19.48
N ASN A 100 -25.30 17.20 -19.38
CA ASN A 100 -24.58 16.08 -18.70
C ASN A 100 -23.56 16.64 -17.70
N ILE A 101 -23.06 15.81 -16.83
CA ILE A 101 -22.06 16.27 -15.81
C ILE A 101 -20.80 15.40 -15.87
N LEU A 102 -19.64 16.01 -15.79
CA LEU A 102 -18.36 15.24 -15.88
C LEU A 102 -18.27 14.24 -14.73
N GLY A 103 -18.75 14.61 -13.57
CA GLY A 103 -18.71 13.69 -12.39
C GLY A 103 -18.90 14.49 -11.11
N GLY A 1 -5.08 -16.38 -6.00
CA GLY A 1 -6.53 -16.51 -5.67
C GLY A 1 -6.85 -15.67 -4.45
N ALA A 2 -7.85 -16.06 -3.70
CA ALA A 2 -8.23 -15.27 -2.47
C ALA A 2 -7.07 -15.25 -1.48
N MET A 3 -6.29 -16.30 -1.44
CA MET A 3 -5.14 -16.36 -0.49
C MET A 3 -3.90 -15.72 -1.12
N GLY A 4 -3.14 -14.99 -0.34
CA GLY A 4 -1.90 -14.34 -0.89
C GLY A 4 -2.29 -13.35 -2.01
N PRO A 5 -2.94 -12.26 -1.66
CA PRO A 5 -3.36 -11.28 -2.69
C PRO A 5 -2.15 -10.73 -3.45
N THR A 6 -2.17 -10.84 -4.75
CA THR A 6 -1.03 -10.31 -5.57
C THR A 6 -1.52 -9.89 -6.96
N ASP A 7 -2.78 -9.54 -7.06
CA ASP A 7 -3.36 -9.17 -8.39
C ASP A 7 -2.91 -7.76 -8.81
N GLN A 8 -2.93 -7.49 -10.09
CA GLN A 8 -2.55 -6.11 -10.57
C GLN A 8 -3.59 -5.06 -10.18
N ASP A 9 -4.70 -5.47 -9.62
CA ASP A 9 -5.72 -4.48 -9.13
C ASP A 9 -5.17 -3.71 -7.92
N TRP A 10 -4.25 -4.31 -7.19
CA TRP A 10 -3.70 -3.64 -5.98
C TRP A 10 -2.70 -2.53 -6.35
N ILE A 11 -2.23 -2.48 -7.57
CA ILE A 11 -1.11 -1.55 -7.91
C ILE A 11 -1.49 -0.10 -7.53
N GLY A 12 -0.59 0.59 -6.89
CA GLY A 12 -0.87 1.99 -6.44
C GLY A 12 -1.61 2.01 -5.08
N CYS A 13 -1.91 0.87 -4.49
CA CYS A 13 -2.59 0.89 -3.15
C CYS A 13 -1.55 1.05 -2.02
N ALA A 14 -1.95 1.56 -0.89
CA ALA A 14 -0.98 1.83 0.22
C ALA A 14 -0.90 0.61 1.15
N VAL A 15 0.27 0.03 1.28
CA VAL A 15 0.41 -1.18 2.13
C VAL A 15 1.67 -1.07 3.01
N SER A 16 1.70 -1.82 4.10
CA SER A 16 2.92 -1.85 4.96
C SER A 16 3.45 -3.27 5.05
N ILE A 17 4.75 -3.44 5.02
CA ILE A 17 5.33 -4.81 4.96
C ILE A 17 6.27 -5.03 6.15
N ALA A 18 6.02 -6.05 6.93
CA ALA A 18 6.94 -6.38 8.05
C ALA A 18 7.86 -7.52 7.64
N CYS A 19 9.12 -7.23 7.45
CA CYS A 19 10.10 -8.29 7.09
C CYS A 19 10.79 -8.81 8.37
N ASP A 20 11.48 -9.90 8.29
CA ASP A 20 12.11 -10.50 9.51
C ASP A 20 13.11 -9.50 10.13
N GLU A 21 13.66 -9.83 11.26
CA GLU A 21 14.39 -8.81 12.08
C GLU A 21 15.49 -8.11 11.27
N VAL A 22 16.17 -8.83 10.41
CA VAL A 22 17.33 -8.24 9.67
C VAL A 22 16.84 -7.29 8.56
N LEU A 23 15.64 -7.50 8.07
CA LEU A 23 15.09 -6.64 6.99
C LEU A 23 14.32 -5.44 7.55
N GLY A 24 13.94 -5.48 8.81
CA GLY A 24 13.17 -4.35 9.42
C GLY A 24 11.81 -4.21 8.74
N VAL A 25 11.27 -3.02 8.72
CA VAL A 25 9.90 -2.81 8.15
C VAL A 25 9.91 -1.63 7.19
N PHE A 26 9.18 -1.72 6.09
CA PHE A 26 9.01 -0.54 5.21
C PHE A 26 7.54 -0.35 4.84
N GLN A 27 7.18 0.84 4.43
CA GLN A 27 5.78 1.11 3.97
C GLN A 27 5.81 1.98 2.72
N GLY A 28 4.91 1.77 1.80
CA GLY A 28 4.97 2.49 0.49
C GLY A 28 3.76 2.14 -0.37
N LEU A 29 3.57 2.85 -1.45
CA LEU A 29 2.49 2.49 -2.42
C LEU A 29 3.03 1.52 -3.47
N ILE A 30 2.28 0.50 -3.77
CA ILE A 30 2.75 -0.55 -4.72
C ILE A 30 2.85 0.02 -6.15
N LYS A 31 3.90 -0.30 -6.85
CA LYS A 31 3.98 0.05 -8.30
C LYS A 31 3.75 -1.21 -9.15
N GLN A 32 4.13 -2.36 -8.65
CA GLN A 32 3.98 -3.63 -9.44
C GLN A 32 3.96 -4.83 -8.49
N ILE A 33 3.22 -5.86 -8.85
CA ILE A 33 3.12 -7.06 -7.97
C ILE A 33 3.22 -8.34 -8.81
N SER A 34 3.94 -9.31 -8.33
CA SER A 34 3.98 -10.64 -9.00
C SER A 34 4.13 -11.73 -7.95
N ALA A 35 3.78 -12.95 -8.28
CA ALA A 35 3.71 -14.04 -7.26
C ALA A 35 5.05 -14.19 -6.52
N GLU A 36 6.14 -13.78 -7.14
CA GLU A 36 7.48 -14.03 -6.54
C GLU A 36 7.93 -12.83 -5.68
N GLU A 37 7.44 -11.65 -5.96
CA GLU A 37 7.97 -10.43 -5.26
C GLU A 37 6.94 -9.29 -5.28
N ILE A 38 7.03 -8.39 -4.33
CA ILE A 38 6.19 -7.15 -4.35
C ILE A 38 7.08 -5.93 -4.53
N THR A 39 6.66 -4.97 -5.33
CA THR A 39 7.54 -3.78 -5.61
C THR A 39 6.78 -2.48 -5.29
N ILE A 40 7.40 -1.59 -4.55
CA ILE A 40 6.73 -0.29 -4.17
C ILE A 40 7.68 0.89 -4.44
N VAL A 41 7.18 2.10 -4.33
CA VAL A 41 8.03 3.30 -4.62
C VAL A 41 7.95 4.31 -3.48
N ARG A 42 8.88 5.25 -3.44
CA ARG A 42 8.94 6.23 -2.29
C ARG A 42 8.93 5.51 -0.94
N ALA A 43 9.79 4.54 -0.79
CA ALA A 43 9.74 3.66 0.43
C ALA A 43 10.13 4.43 1.69
N PHE A 44 9.43 4.17 2.77
CA PHE A 44 9.88 4.66 4.10
C PHE A 44 10.23 3.45 4.97
N ARG A 45 11.28 3.54 5.75
CA ARG A 45 11.74 2.36 6.55
C ARG A 45 12.06 2.78 7.98
N ASN A 46 11.74 1.94 8.95
CA ASN A 46 12.03 2.27 10.38
C ASN A 46 11.45 3.64 10.76
N GLY A 47 10.25 3.93 10.31
CA GLY A 47 9.57 5.19 10.70
C GLY A 47 10.36 6.42 10.23
N VAL A 48 11.21 6.26 9.25
CA VAL A 48 11.90 7.45 8.64
C VAL A 48 12.09 7.23 7.12
N PRO A 49 12.13 8.30 6.36
CA PRO A 49 12.22 8.16 4.89
C PRO A 49 13.59 7.62 4.48
N LEU A 50 13.66 6.90 3.39
CA LEU A 50 15.00 6.43 2.88
C LEU A 50 15.74 7.60 2.21
N ARG A 51 17.04 7.56 2.21
CA ARG A 51 17.83 8.73 1.69
C ARG A 51 17.44 9.04 0.24
N LYS A 52 17.15 8.03 -0.54
CA LYS A 52 16.72 8.27 -1.96
C LYS A 52 15.21 8.03 -2.10
N GLN A 53 14.45 9.10 -2.27
CA GLN A 53 12.97 8.95 -2.42
C GLN A 53 12.64 8.18 -3.70
N ASN A 54 13.40 8.38 -4.74
CA ASN A 54 13.08 7.74 -6.05
C ASN A 54 13.55 6.28 -6.10
N ALA A 55 14.11 5.76 -5.03
CA ALA A 55 14.61 4.35 -5.05
C ALA A 55 13.44 3.37 -4.99
N GLU A 56 13.48 2.34 -5.80
CA GLU A 56 12.40 1.31 -5.77
C GLU A 56 12.76 0.18 -4.78
N VAL A 57 11.80 -0.28 -4.02
CA VAL A 57 12.06 -1.43 -3.09
C VAL A 57 11.40 -2.69 -3.66
N VAL A 58 12.18 -3.72 -3.89
CA VAL A 58 11.59 -5.00 -4.39
C VAL A 58 11.98 -6.13 -3.43
N LEU A 59 11.03 -6.71 -2.76
CA LEU A 59 11.34 -7.70 -1.70
C LEU A 59 10.53 -8.99 -1.91
N LYS A 60 11.18 -10.13 -1.81
CA LYS A 60 10.49 -11.42 -2.08
C LYS A 60 9.54 -11.78 -0.92
N CYS A 61 8.35 -12.23 -1.25
CA CYS A 61 7.35 -12.57 -0.18
C CYS A 61 7.94 -13.55 0.85
N THR A 62 8.82 -14.43 0.41
CA THR A 62 9.42 -15.43 1.35
C THR A 62 10.26 -14.72 2.42
N ASP A 63 10.75 -13.53 2.14
CA ASP A 63 11.51 -12.76 3.16
C ASP A 63 10.55 -11.92 4.01
N ILE A 64 9.40 -11.60 3.48
CA ILE A 64 8.37 -10.85 4.28
C ILE A 64 7.61 -11.83 5.17
N ARG A 65 7.35 -11.46 6.41
CA ARG A 65 6.65 -12.37 7.35
C ARG A 65 5.19 -11.97 7.50
N SER A 66 4.84 -10.73 7.22
CA SER A 66 3.42 -10.32 7.30
C SER A 66 3.18 -9.03 6.49
N ILE A 67 2.00 -8.87 5.94
CA ILE A 67 1.69 -7.65 5.13
C ILE A 67 0.26 -7.17 5.45
N ASP A 68 0.05 -5.88 5.41
CA ASP A 68 -1.31 -5.32 5.69
C ASP A 68 -1.64 -4.19 4.70
N LEU A 69 -2.76 -4.28 4.04
CA LEU A 69 -3.21 -3.14 3.17
C LEU A 69 -3.79 -2.02 4.05
N ILE A 70 -3.14 -0.89 4.09
CA ILE A 70 -3.63 0.24 4.94
C ILE A 70 -4.78 0.97 4.24
N GLU A 71 -4.60 1.29 2.99
CA GLU A 71 -5.64 2.07 2.25
C GLU A 71 -5.82 1.49 0.83
N PRO A 72 -6.86 0.69 0.64
CA PRO A 72 -7.13 0.14 -0.70
C PRO A 72 -7.52 1.26 -1.68
N ALA A 73 -6.81 1.36 -2.78
CA ALA A 73 -7.14 2.43 -3.78
C ALA A 73 -6.38 2.18 -5.08
N LYS A 74 -6.89 2.68 -6.19
CA LYS A 74 -6.19 2.54 -7.49
C LYS A 74 -6.09 3.90 -8.19
N GLN A 75 -4.91 4.31 -8.57
CA GLN A 75 -4.74 5.66 -9.20
C GLN A 75 -5.57 5.76 -10.48
N ASP A 76 -5.60 4.70 -11.26
CA ASP A 76 -6.38 4.72 -12.54
C ASP A 76 -6.49 3.31 -13.12
N LEU A 77 -6.89 3.21 -14.37
CA LEU A 77 -7.01 1.86 -15.02
C LEU A 77 -5.67 1.12 -14.99
N ASP A 78 -4.58 1.85 -15.14
CA ASP A 78 -3.22 1.21 -15.11
C ASP A 78 -3.13 0.08 -16.14
N GLY A 79 -3.59 0.31 -17.33
CA GLY A 79 -3.50 -0.74 -18.41
C GLY A 79 -2.03 -0.94 -18.78
N HIS A 80 -1.65 -2.14 -19.14
CA HIS A 80 -0.24 -2.42 -19.49
C HIS A 80 -0.13 -2.91 -20.94
N THR A 81 0.81 -2.38 -21.68
CA THR A 81 1.01 -2.83 -23.09
C THR A 81 1.89 -4.10 -23.14
N ALA A 82 2.61 -4.41 -22.07
CA ALA A 82 3.54 -5.60 -22.09
C ALA A 82 2.81 -6.87 -22.57
N PRO A 83 1.66 -7.16 -22.00
CA PRO A 83 0.91 -8.38 -22.41
C PRO A 83 0.59 -8.35 -23.92
N PRO A 84 0.70 -9.48 -24.58
CA PRO A 84 0.44 -9.52 -26.05
C PRO A 84 -0.98 -9.04 -26.37
N PRO A 85 -1.98 -9.57 -25.68
CA PRO A 85 -3.38 -9.17 -25.97
C PRO A 85 -3.58 -7.67 -25.78
N VAL A 86 -4.34 -7.05 -26.65
CA VAL A 86 -4.59 -5.58 -26.51
C VAL A 86 -6.10 -5.32 -26.40
N VAL A 87 -6.49 -4.47 -25.48
CA VAL A 87 -7.94 -4.15 -25.31
C VAL A 87 -8.14 -2.63 -25.18
N ASN A 88 -9.19 -2.12 -25.76
CA ASN A 88 -9.46 -0.64 -25.66
C ASN A 88 -10.68 -0.39 -24.77
N LYS A 89 -10.63 0.63 -23.96
CA LYS A 89 -11.78 0.95 -23.06
C LYS A 89 -13.00 1.38 -23.89
N PRO A 90 -14.20 1.20 -23.35
CA PRO A 90 -15.42 1.54 -24.11
C PRO A 90 -15.43 3.04 -24.45
N THR A 91 -16.02 3.39 -25.57
CA THR A 91 -16.07 4.81 -25.99
C THR A 91 -17.53 5.33 -25.97
N PRO A 92 -17.89 6.04 -24.91
CA PRO A 92 -19.29 6.55 -24.81
C PRO A 92 -19.61 7.48 -25.98
N VAL A 93 -20.82 7.42 -26.49
CA VAL A 93 -21.21 8.32 -27.63
C VAL A 93 -21.42 9.76 -27.14
N LYS A 94 -21.70 9.94 -25.87
CA LYS A 94 -21.94 11.32 -25.33
C LYS A 94 -20.73 12.22 -25.59
N LEU A 95 -19.55 11.68 -25.52
CA LEU A 95 -18.32 12.48 -25.79
C LEU A 95 -17.68 12.07 -27.13
N PRO A 96 -17.75 12.92 -28.13
CA PRO A 96 -17.16 12.58 -29.45
C PRO A 96 -15.64 12.39 -29.31
N HIS A 97 -15.12 11.34 -29.90
CA HIS A 97 -13.65 11.08 -29.85
C HIS A 97 -12.96 11.59 -31.12
N PHE A 98 -13.70 11.72 -32.20
CA PHE A 98 -13.08 12.21 -33.47
C PHE A 98 -14.01 13.26 -34.13
N SER A 99 -13.49 14.01 -35.07
CA SER A 99 -14.31 15.03 -35.76
C SER A 99 -14.43 14.72 -37.25
N ASN A 100 -15.47 15.18 -37.89
CA ASN A 100 -15.66 14.90 -39.35
C ASN A 100 -14.46 15.43 -40.16
N ILE A 101 -13.87 16.51 -39.73
CA ILE A 101 -12.70 17.09 -40.46
C ILE A 101 -11.54 16.08 -40.45
N LEU A 102 -11.41 15.33 -39.40
CA LEU A 102 -10.31 14.32 -39.31
C LEU A 102 -10.83 12.93 -39.70
N GLY A 103 -10.13 12.25 -40.58
CA GLY A 103 -10.57 10.89 -41.00
C GLY A 103 -11.15 10.97 -42.42
N GLY A 1 -8.93 -24.43 -7.33
CA GLY A 1 -9.54 -23.08 -7.17
C GLY A 1 -8.61 -22.18 -6.37
N ALA A 2 -7.31 -22.40 -6.48
CA ALA A 2 -6.33 -21.56 -5.72
C ALA A 2 -6.42 -20.11 -6.19
N MET A 3 -6.23 -19.17 -5.29
CA MET A 3 -6.29 -17.72 -5.67
C MET A 3 -5.38 -16.90 -4.76
N GLY A 4 -4.78 -15.87 -5.29
CA GLY A 4 -3.90 -14.99 -4.47
C GLY A 4 -4.04 -13.53 -4.94
N PRO A 5 -3.69 -12.59 -4.09
CA PRO A 5 -3.80 -11.16 -4.48
C PRO A 5 -2.56 -10.71 -5.28
N THR A 6 -2.26 -11.40 -6.36
CA THR A 6 -1.10 -11.01 -7.21
C THR A 6 -1.53 -10.21 -8.44
N ASP A 7 -2.78 -9.79 -8.49
CA ASP A 7 -3.29 -9.09 -9.71
C ASP A 7 -2.84 -7.63 -9.74
N GLN A 8 -3.07 -6.95 -10.85
CA GLN A 8 -2.71 -5.51 -10.95
C GLN A 8 -3.70 -4.62 -10.18
N ASP A 9 -4.75 -5.18 -9.62
CA ASP A 9 -5.81 -4.34 -8.98
C ASP A 9 -5.24 -3.63 -7.74
N TRP A 10 -4.30 -4.23 -7.07
CA TRP A 10 -3.71 -3.59 -5.85
C TRP A 10 -2.70 -2.50 -6.23
N ILE A 11 -2.26 -2.43 -7.47
CA ILE A 11 -1.15 -1.49 -7.83
C ILE A 11 -1.53 -0.05 -7.43
N GLY A 12 -0.62 0.64 -6.80
CA GLY A 12 -0.89 2.03 -6.34
C GLY A 12 -1.62 2.06 -4.98
N CYS A 13 -1.91 0.92 -4.38
CA CYS A 13 -2.57 0.93 -3.03
C CYS A 13 -1.52 1.10 -1.92
N ALA A 14 -1.93 1.61 -0.78
CA ALA A 14 -0.95 1.87 0.32
C ALA A 14 -0.86 0.65 1.24
N VAL A 15 0.31 0.07 1.37
CA VAL A 15 0.46 -1.15 2.24
C VAL A 15 1.71 -1.03 3.10
N SER A 16 1.75 -1.76 4.20
CA SER A 16 2.97 -1.79 5.05
C SER A 16 3.49 -3.22 5.15
N ILE A 17 4.80 -3.40 5.12
CA ILE A 17 5.36 -4.77 5.07
C ILE A 17 6.29 -5.00 6.25
N ALA A 18 6.01 -6.02 7.04
CA ALA A 18 6.92 -6.37 8.16
C ALA A 18 7.83 -7.52 7.74
N CYS A 19 9.10 -7.25 7.56
CA CYS A 19 10.06 -8.32 7.18
C CYS A 19 10.72 -8.89 8.43
N ASP A 20 11.40 -10.00 8.32
CA ASP A 20 12.02 -10.64 9.53
C ASP A 20 13.02 -9.66 10.18
N GLU A 21 13.47 -9.96 11.37
CA GLU A 21 14.18 -8.93 12.20
C GLU A 21 15.35 -8.28 11.45
N VAL A 22 16.02 -9.02 10.60
CA VAL A 22 17.22 -8.47 9.89
C VAL A 22 16.77 -7.49 8.78
N LEU A 23 15.58 -7.66 8.27
CA LEU A 23 15.09 -6.77 7.17
C LEU A 23 14.33 -5.55 7.73
N GLY A 24 13.93 -5.58 8.98
CA GLY A 24 13.19 -4.43 9.57
C GLY A 24 11.84 -4.26 8.88
N VAL A 25 11.33 -3.05 8.84
CA VAL A 25 9.97 -2.82 8.25
C VAL A 25 10.00 -1.66 7.27
N PHE A 26 9.28 -1.76 6.18
CA PHE A 26 9.15 -0.59 5.26
C PHE A 26 7.69 -0.37 4.87
N GLN A 27 7.36 0.82 4.42
CA GLN A 27 5.97 1.11 3.97
C GLN A 27 6.01 1.92 2.67
N GLY A 28 5.06 1.73 1.81
CA GLY A 28 5.09 2.42 0.48
C GLY A 28 3.84 2.10 -0.32
N LEU A 29 3.62 2.80 -1.41
CA LEU A 29 2.52 2.44 -2.34
C LEU A 29 3.03 1.45 -3.39
N ILE A 30 2.26 0.42 -3.66
CA ILE A 30 2.70 -0.63 -4.62
C ILE A 30 2.80 -0.05 -6.04
N LYS A 31 3.85 -0.39 -6.76
CA LYS A 31 3.96 0.04 -8.18
C LYS A 31 3.79 -1.17 -9.10
N GLN A 32 4.15 -2.35 -8.62
CA GLN A 32 3.98 -3.58 -9.45
C GLN A 32 3.96 -4.81 -8.54
N ILE A 33 3.24 -5.84 -8.93
CA ILE A 33 3.14 -7.06 -8.07
C ILE A 33 3.22 -8.32 -8.93
N SER A 34 3.97 -9.30 -8.47
CA SER A 34 4.03 -10.61 -9.18
C SER A 34 4.19 -11.74 -8.16
N ALA A 35 3.83 -12.94 -8.53
CA ALA A 35 3.78 -14.05 -7.53
C ALA A 35 5.12 -14.23 -6.80
N GLU A 36 6.20 -13.80 -7.40
CA GLU A 36 7.55 -14.05 -6.81
C GLU A 36 7.98 -12.90 -5.90
N GLU A 37 7.50 -11.70 -6.14
CA GLU A 37 8.01 -10.51 -5.40
C GLU A 37 6.97 -9.38 -5.39
N ILE A 38 7.07 -8.49 -4.43
CA ILE A 38 6.23 -7.26 -4.44
C ILE A 38 7.12 -6.02 -4.61
N THR A 39 6.70 -5.07 -5.40
CA THR A 39 7.56 -3.87 -5.67
C THR A 39 6.79 -2.58 -5.36
N ILE A 40 7.41 -1.67 -4.64
CA ILE A 40 6.71 -0.39 -4.27
C ILE A 40 7.65 0.81 -4.51
N VAL A 41 7.13 2.01 -4.40
CA VAL A 41 7.95 3.22 -4.70
C VAL A 41 7.88 4.22 -3.53
N ARG A 42 8.79 5.17 -3.49
CA ARG A 42 8.90 6.10 -2.30
C ARG A 42 9.12 5.29 -1.02
N ALA A 43 10.25 4.66 -0.92
CA ALA A 43 10.49 3.71 0.21
C ALA A 43 10.59 4.44 1.55
N PHE A 44 9.79 4.05 2.50
CA PHE A 44 9.99 4.52 3.91
C PHE A 44 10.37 3.32 4.79
N ARG A 45 11.36 3.48 5.64
CA ARG A 45 11.78 2.35 6.53
C ARG A 45 11.97 2.85 7.96
N ASN A 46 11.65 2.02 8.93
CA ASN A 46 11.85 2.42 10.38
C ASN A 46 11.17 3.77 10.67
N GLY A 47 10.00 4.00 10.12
CA GLY A 47 9.23 5.23 10.44
C GLY A 47 10.00 6.49 10.02
N VAL A 48 10.92 6.36 9.09
CA VAL A 48 11.62 7.57 8.55
C VAL A 48 11.86 7.41 7.03
N PRO A 49 11.91 8.51 6.31
CA PRO A 49 12.05 8.43 4.83
C PRO A 49 13.47 8.03 4.44
N LEU A 50 13.61 7.21 3.43
CA LEU A 50 14.98 6.90 2.89
C LEU A 50 15.48 8.06 2.02
N ARG A 51 16.77 8.24 1.95
CA ARG A 51 17.34 9.40 1.18
C ARG A 51 16.85 9.37 -0.28
N LYS A 52 16.73 8.19 -0.85
CA LYS A 52 16.31 8.08 -2.28
C LYS A 52 14.81 7.72 -2.36
N GLN A 53 13.95 8.72 -2.34
CA GLN A 53 12.48 8.45 -2.49
C GLN A 53 12.21 7.84 -3.86
N ASN A 54 12.98 8.21 -4.85
CA ASN A 54 12.73 7.72 -6.24
C ASN A 54 13.10 6.23 -6.37
N ALA A 55 13.95 5.73 -5.51
CA ALA A 55 14.40 4.31 -5.63
C ALA A 55 13.26 3.36 -5.21
N GLU A 56 13.06 2.31 -5.96
CA GLU A 56 11.95 1.36 -5.65
C GLU A 56 12.44 0.25 -4.69
N VAL A 57 11.56 -0.28 -3.88
CA VAL A 57 11.92 -1.43 -3.00
C VAL A 57 11.35 -2.71 -3.60
N VAL A 58 12.16 -3.71 -3.83
CA VAL A 58 11.64 -5.01 -4.34
C VAL A 58 12.03 -6.14 -3.40
N LEU A 59 11.07 -6.72 -2.74
CA LEU A 59 11.36 -7.74 -1.69
C LEU A 59 10.55 -9.01 -1.94
N LYS A 60 11.16 -10.16 -1.80
CA LYS A 60 10.46 -11.45 -2.08
C LYS A 60 9.47 -11.78 -0.95
N CYS A 61 8.32 -12.29 -1.28
CA CYS A 61 7.32 -12.70 -0.24
C CYS A 61 7.96 -13.68 0.77
N THR A 62 8.88 -14.48 0.32
CA THR A 62 9.55 -15.46 1.24
C THR A 62 10.35 -14.73 2.32
N ASP A 63 10.78 -13.53 2.04
CA ASP A 63 11.54 -12.74 3.06
C ASP A 63 10.58 -11.91 3.92
N ILE A 64 9.40 -11.63 3.42
CA ILE A 64 8.39 -10.88 4.23
C ILE A 64 7.68 -11.84 5.18
N ARG A 65 7.37 -11.38 6.38
CA ARG A 65 6.69 -12.27 7.37
C ARG A 65 5.19 -11.96 7.41
N SER A 66 4.81 -10.73 7.19
CA SER A 66 3.35 -10.36 7.21
C SER A 66 3.12 -9.04 6.48
N ILE A 67 1.94 -8.86 5.93
CA ILE A 67 1.65 -7.60 5.17
C ILE A 67 0.24 -7.11 5.49
N ASP A 68 0.05 -5.81 5.48
CA ASP A 68 -1.30 -5.24 5.76
C ASP A 68 -1.61 -4.09 4.79
N LEU A 69 -2.76 -4.13 4.16
CA LEU A 69 -3.18 -2.96 3.32
C LEU A 69 -3.71 -1.84 4.22
N ILE A 70 -3.01 -0.71 4.26
CA ILE A 70 -3.46 0.42 5.11
C ILE A 70 -4.59 1.17 4.41
N GLU A 71 -4.44 1.42 3.13
CA GLU A 71 -5.49 2.16 2.37
C GLU A 71 -5.71 1.49 1.00
N PRO A 72 -6.69 0.62 0.92
CA PRO A 72 -6.92 -0.15 -0.33
C PRO A 72 -7.23 0.80 -1.49
N ALA A 73 -7.84 1.94 -1.20
CA ALA A 73 -8.20 2.92 -2.28
C ALA A 73 -8.99 2.23 -3.40
N LYS A 74 -10.30 2.33 -3.36
CA LYS A 74 -11.14 1.65 -4.40
C LYS A 74 -11.43 2.62 -5.55
N GLN A 75 -11.54 2.10 -6.76
CA GLN A 75 -11.84 2.97 -7.95
C GLN A 75 -10.82 4.11 -8.06
N ASP A 76 -9.56 3.80 -7.89
CA ASP A 76 -8.51 4.86 -8.00
C ASP A 76 -8.52 5.48 -9.40
N LEU A 77 -8.77 4.68 -10.41
CA LEU A 77 -8.76 5.20 -11.80
C LEU A 77 -10.20 5.42 -12.30
N ASP A 78 -10.48 6.57 -12.86
CA ASP A 78 -11.85 6.87 -13.39
C ASP A 78 -12.92 6.62 -12.32
N GLY A 79 -12.69 7.07 -11.11
CA GLY A 79 -13.68 6.88 -10.01
C GLY A 79 -14.57 8.12 -9.90
N HIS A 80 -14.03 9.20 -9.38
CA HIS A 80 -14.84 10.45 -9.24
C HIS A 80 -15.31 10.94 -10.61
N THR A 81 -14.45 10.87 -11.60
CA THR A 81 -14.82 11.35 -12.97
C THR A 81 -16.03 10.57 -13.50
N ALA A 82 -16.06 9.27 -13.26
CA ALA A 82 -17.20 8.45 -13.77
C ALA A 82 -17.80 7.59 -12.62
N PRO A 83 -18.63 8.21 -11.80
CA PRO A 83 -19.27 7.45 -10.69
C PRO A 83 -20.28 6.44 -11.26
N PRO A 84 -20.33 5.25 -10.68
CA PRO A 84 -21.27 4.22 -11.18
C PRO A 84 -22.73 4.72 -11.11
N PRO A 85 -23.13 5.26 -9.97
CA PRO A 85 -24.53 5.76 -9.84
C PRO A 85 -24.80 6.87 -10.85
N VAL A 86 -25.98 6.87 -11.44
CA VAL A 86 -26.32 7.96 -12.42
C VAL A 86 -26.35 9.31 -11.70
N VAL A 87 -26.94 9.36 -10.53
CA VAL A 87 -26.99 10.63 -9.75
C VAL A 87 -26.58 10.37 -8.30
N ASN A 88 -26.11 11.39 -7.61
CA ASN A 88 -25.72 11.23 -6.18
C ASN A 88 -26.90 11.57 -5.24
N LYS A 89 -28.10 11.69 -5.77
CA LYS A 89 -29.28 12.06 -4.91
C LYS A 89 -29.44 11.05 -3.74
N PRO A 90 -29.64 9.79 -4.06
CA PRO A 90 -29.86 8.78 -2.99
C PRO A 90 -28.63 8.69 -2.07
N THR A 91 -28.85 8.43 -0.81
CA THR A 91 -27.70 8.33 0.15
C THR A 91 -27.28 6.85 0.31
N PRO A 92 -26.05 6.53 -0.05
CA PRO A 92 -25.57 5.13 0.08
C PRO A 92 -25.66 4.65 1.54
N VAL A 93 -25.60 5.57 2.47
CA VAL A 93 -25.66 5.18 3.92
C VAL A 93 -26.96 5.67 4.54
N LYS A 94 -27.62 4.84 5.31
CA LYS A 94 -28.92 5.24 5.95
C LYS A 94 -28.70 6.46 6.85
N LEU A 95 -27.59 6.53 7.53
CA LEU A 95 -27.31 7.69 8.44
C LEU A 95 -26.23 8.60 7.83
N PRO A 96 -26.62 9.79 7.39
CA PRO A 96 -25.62 10.72 6.79
C PRO A 96 -24.53 11.06 7.81
N HIS A 97 -23.31 11.15 7.37
CA HIS A 97 -22.18 11.51 8.30
C HIS A 97 -21.99 13.02 8.39
N PHE A 98 -22.52 13.77 7.44
CA PHE A 98 -22.32 15.25 7.45
C PHE A 98 -23.59 15.95 7.95
N SER A 99 -23.43 16.95 8.79
CA SER A 99 -24.62 17.68 9.33
C SER A 99 -24.56 19.16 8.91
N ASN A 100 -25.71 19.78 8.78
CA ASN A 100 -25.73 21.21 8.33
C ASN A 100 -25.10 22.11 9.40
N ILE A 101 -24.56 23.23 9.00
CA ILE A 101 -23.91 24.15 9.98
C ILE A 101 -24.68 25.48 10.03
N LEU A 102 -24.89 25.99 11.21
CA LEU A 102 -25.64 27.28 11.36
C LEU A 102 -24.67 28.47 11.31
N GLY A 103 -25.06 29.55 10.68
CA GLY A 103 -24.16 30.74 10.60
C GLY A 103 -24.97 32.01 10.91
N GLY A 1 -1.55 -19.77 7.02
CA GLY A 1 -1.50 -18.47 7.75
C GLY A 1 -2.18 -17.39 6.92
N ALA A 2 -1.62 -17.09 5.76
CA ALA A 2 -2.23 -16.04 4.88
C ALA A 2 -2.09 -16.44 3.41
N MET A 3 -2.97 -15.95 2.57
CA MET A 3 -2.90 -16.30 1.12
C MET A 3 -1.86 -15.43 0.41
N GLY A 4 -1.71 -14.21 0.84
CA GLY A 4 -0.71 -13.29 0.21
C GLY A 4 -1.31 -12.70 -1.07
N PRO A 5 -2.12 -11.66 -0.93
CA PRO A 5 -2.73 -11.02 -2.13
C PRO A 5 -1.63 -10.46 -3.05
N THR A 6 -1.76 -10.69 -4.34
CA THR A 6 -0.72 -10.20 -5.30
C THR A 6 -1.36 -9.89 -6.66
N ASP A 7 -2.62 -9.54 -6.67
CA ASP A 7 -3.32 -9.25 -7.96
C ASP A 7 -2.92 -7.86 -8.47
N GLN A 8 -2.94 -7.67 -9.77
CA GLN A 8 -2.60 -6.33 -10.34
C GLN A 8 -3.67 -5.28 -9.99
N ASP A 9 -4.77 -5.69 -9.43
CA ASP A 9 -5.80 -4.71 -8.95
C ASP A 9 -5.26 -3.90 -7.76
N TRP A 10 -4.31 -4.46 -7.03
CA TRP A 10 -3.77 -3.75 -5.84
C TRP A 10 -2.80 -2.64 -6.24
N ILE A 11 -2.35 -2.59 -7.48
CA ILE A 11 -1.24 -1.64 -7.85
C ILE A 11 -1.65 -0.20 -7.49
N GLY A 12 -0.75 0.53 -6.85
CA GLY A 12 -1.07 1.92 -6.42
C GLY A 12 -1.79 1.96 -5.06
N CYS A 13 -2.07 0.83 -4.45
CA CYS A 13 -2.73 0.85 -3.10
C CYS A 13 -1.67 1.04 -1.99
N ALA A 14 -2.06 1.56 -0.86
CA ALA A 14 -1.08 1.86 0.23
C ALA A 14 -0.92 0.64 1.14
N VAL A 15 0.26 0.10 1.25
CA VAL A 15 0.48 -1.12 2.08
C VAL A 15 1.76 -1.00 2.92
N SER A 16 1.86 -1.78 3.97
CA SER A 16 3.13 -1.82 4.76
C SER A 16 3.59 -3.26 4.90
N ILE A 17 4.88 -3.48 4.85
CA ILE A 17 5.40 -4.89 4.83
C ILE A 17 6.31 -5.11 6.04
N ALA A 18 5.97 -6.06 6.87
CA ALA A 18 6.83 -6.39 8.05
C ALA A 18 7.69 -7.61 7.72
N CYS A 19 8.98 -7.40 7.57
CA CYS A 19 9.91 -8.55 7.33
C CYS A 19 10.54 -8.98 8.65
N ASP A 20 11.17 -10.13 8.68
CA ASP A 20 11.76 -10.64 9.96
C ASP A 20 12.78 -9.64 10.50
N GLU A 21 13.24 -9.85 11.71
CA GLU A 21 13.98 -8.76 12.44
C GLU A 21 15.16 -8.22 11.63
N VAL A 22 15.81 -9.06 10.87
CA VAL A 22 17.04 -8.61 10.12
C VAL A 22 16.63 -7.74 8.92
N LEU A 23 15.43 -7.92 8.41
CA LEU A 23 14.98 -7.14 7.22
C LEU A 23 14.27 -5.84 7.63
N GLY A 24 13.88 -5.72 8.88
CA GLY A 24 13.19 -4.46 9.34
C GLY A 24 11.84 -4.31 8.64
N VAL A 25 11.34 -3.11 8.55
CA VAL A 25 9.98 -2.89 7.97
C VAL A 25 10.01 -1.73 6.97
N PHE A 26 9.30 -1.85 5.87
CA PHE A 26 9.20 -0.72 4.90
C PHE A 26 7.74 -0.46 4.52
N GLN A 27 7.43 0.74 4.11
CA GLN A 27 6.03 1.07 3.72
C GLN A 27 6.05 1.92 2.44
N GLY A 28 5.06 1.76 1.59
CA GLY A 28 5.06 2.49 0.28
C GLY A 28 3.77 2.19 -0.48
N LEU A 29 3.52 2.92 -1.54
CA LEU A 29 2.39 2.57 -2.46
C LEU A 29 2.88 1.60 -3.53
N ILE A 30 2.13 0.56 -3.78
CA ILE A 30 2.60 -0.51 -4.72
C ILE A 30 2.69 0.03 -6.15
N LYS A 31 3.74 -0.30 -6.85
CA LYS A 31 3.83 0.03 -8.31
C LYS A 31 3.67 -1.22 -9.15
N GLN A 32 4.06 -2.36 -8.61
CA GLN A 32 3.94 -3.64 -9.39
C GLN A 32 3.93 -4.83 -8.44
N ILE A 33 3.21 -5.87 -8.79
CA ILE A 33 3.14 -7.07 -7.90
C ILE A 33 3.23 -8.35 -8.72
N SER A 34 3.98 -9.30 -8.24
CA SER A 34 4.05 -10.63 -8.91
C SER A 34 4.24 -11.72 -7.85
N ALA A 35 3.91 -12.94 -8.19
CA ALA A 35 3.87 -14.03 -7.16
C ALA A 35 5.22 -14.16 -6.44
N GLU A 36 6.29 -13.73 -7.06
CA GLU A 36 7.64 -13.95 -6.46
C GLU A 36 8.08 -12.75 -5.60
N GLU A 37 7.56 -11.58 -5.88
CA GLU A 37 8.07 -10.35 -5.20
C GLU A 37 7.02 -9.23 -5.20
N ILE A 38 7.10 -8.34 -4.25
CA ILE A 38 6.22 -7.12 -4.26
C ILE A 38 7.09 -5.86 -4.44
N THR A 39 6.66 -4.92 -5.25
CA THR A 39 7.49 -3.70 -5.50
C THR A 39 6.68 -2.44 -5.21
N ILE A 40 7.24 -1.52 -4.45
CA ILE A 40 6.53 -0.23 -4.14
C ILE A 40 7.49 0.96 -4.31
N VAL A 41 6.97 2.16 -4.23
CA VAL A 41 7.79 3.38 -4.54
C VAL A 41 7.78 4.36 -3.38
N ARG A 42 8.69 5.31 -3.38
CA ARG A 42 8.88 6.23 -2.20
C ARG A 42 9.12 5.42 -0.93
N ALA A 43 10.24 4.75 -0.86
CA ALA A 43 10.50 3.80 0.27
C ALA A 43 10.60 4.53 1.60
N PHE A 44 9.78 4.16 2.54
CA PHE A 44 9.98 4.61 3.95
C PHE A 44 10.32 3.40 4.82
N ARG A 45 11.39 3.45 5.56
CA ARG A 45 11.80 2.27 6.38
C ARG A 45 12.18 2.71 7.79
N ASN A 46 11.91 1.88 8.77
CA ASN A 46 12.25 2.21 10.19
C ASN A 46 11.66 3.58 10.57
N GLY A 47 10.46 3.87 10.14
CA GLY A 47 9.77 5.11 10.57
C GLY A 47 10.54 6.36 10.13
N VAL A 48 11.38 6.25 9.12
CA VAL A 48 12.04 7.47 8.57
C VAL A 48 12.16 7.36 7.03
N PRO A 49 12.12 8.50 6.35
CA PRO A 49 12.19 8.49 4.86
C PRO A 49 13.61 8.17 4.40
N LEU A 50 13.76 7.37 3.36
CA LEU A 50 15.11 7.18 2.76
C LEU A 50 15.48 8.37 1.89
N ARG A 51 16.76 8.66 1.78
CA ARG A 51 17.20 9.86 0.98
C ARG A 51 16.69 9.78 -0.46
N LYS A 52 16.66 8.59 -1.03
CA LYS A 52 16.21 8.44 -2.44
C LYS A 52 14.73 8.03 -2.49
N GLN A 53 13.85 9.01 -2.49
CA GLN A 53 12.38 8.71 -2.60
C GLN A 53 12.08 8.02 -3.94
N ASN A 54 12.85 8.35 -4.96
CA ASN A 54 12.56 7.79 -6.32
C ASN A 54 12.91 6.30 -6.39
N ALA A 55 13.78 5.83 -5.52
CA ALA A 55 14.20 4.38 -5.59
C ALA A 55 13.07 3.48 -5.13
N GLU A 56 12.83 2.41 -5.83
CA GLU A 56 11.72 1.48 -5.46
C GLU A 56 12.24 0.37 -4.52
N VAL A 57 11.37 -0.15 -3.70
CA VAL A 57 11.74 -1.34 -2.84
C VAL A 57 11.17 -2.61 -3.46
N VAL A 58 12.00 -3.58 -3.77
CA VAL A 58 11.48 -4.88 -4.28
C VAL A 58 11.96 -6.01 -3.39
N LEU A 59 11.05 -6.62 -2.68
CA LEU A 59 11.45 -7.65 -1.67
C LEU A 59 10.65 -8.94 -1.88
N LYS A 60 11.27 -10.08 -1.73
CA LYS A 60 10.59 -11.38 -1.99
C LYS A 60 9.60 -11.71 -0.87
N CYS A 61 8.45 -12.25 -1.21
CA CYS A 61 7.46 -12.67 -0.16
C CYS A 61 8.10 -13.64 0.85
N THR A 62 9.05 -14.43 0.40
CA THR A 62 9.71 -15.42 1.32
C THR A 62 10.48 -14.68 2.42
N ASP A 63 10.90 -13.46 2.14
CA ASP A 63 11.62 -12.66 3.19
C ASP A 63 10.60 -11.86 4.03
N ILE A 64 9.43 -11.61 3.49
CA ILE A 64 8.39 -10.89 4.27
C ILE A 64 7.65 -11.87 5.19
N ARG A 65 7.26 -11.43 6.36
CA ARG A 65 6.51 -12.32 7.29
C ARG A 65 5.00 -12.02 7.22
N SER A 66 4.63 -10.78 6.99
CA SER A 66 3.18 -10.45 6.85
C SER A 66 2.99 -9.09 6.18
N ILE A 67 2.14 -9.02 5.18
CA ILE A 67 1.80 -7.70 4.56
C ILE A 67 0.44 -7.20 5.07
N ASP A 68 0.29 -5.92 5.20
CA ASP A 68 -1.04 -5.35 5.63
C ASP A 68 -1.43 -4.18 4.71
N LEU A 69 -2.59 -4.24 4.10
CA LEU A 69 -3.07 -3.09 3.28
C LEU A 69 -3.58 -1.97 4.19
N ILE A 70 -2.92 -0.84 4.20
CA ILE A 70 -3.39 0.30 5.05
C ILE A 70 -4.60 0.98 4.39
N GLU A 71 -4.51 1.24 3.12
CA GLU A 71 -5.62 1.95 2.41
C GLU A 71 -5.89 1.29 1.05
N PRO A 72 -6.85 0.39 1.00
CA PRO A 72 -7.18 -0.27 -0.28
C PRO A 72 -7.90 0.71 -1.22
N ALA A 73 -8.97 1.29 -0.78
CA ALA A 73 -9.75 2.24 -1.66
C ALA A 73 -8.93 3.50 -1.91
N LYS A 74 -9.07 4.08 -3.08
CA LYS A 74 -8.32 5.33 -3.41
C LYS A 74 -9.19 6.55 -3.11
N GLN A 75 -8.60 7.63 -2.68
CA GLN A 75 -9.38 8.86 -2.38
C GLN A 75 -9.27 9.86 -3.54
N ASP A 76 -10.39 10.26 -4.10
CA ASP A 76 -10.37 11.21 -5.24
C ASP A 76 -10.80 12.61 -4.77
N LEU A 77 -10.28 13.63 -5.41
CA LEU A 77 -10.67 15.03 -5.03
C LEU A 77 -12.15 15.27 -5.32
N ASP A 78 -12.66 14.67 -6.37
CA ASP A 78 -14.10 14.87 -6.73
C ASP A 78 -14.64 13.63 -7.45
N GLY A 79 -15.94 13.50 -7.51
CA GLY A 79 -16.55 12.31 -8.19
C GLY A 79 -17.99 12.13 -7.71
N HIS A 80 -18.27 12.53 -6.50
CA HIS A 80 -19.66 12.39 -5.96
C HIS A 80 -20.15 13.73 -5.40
N THR A 81 -21.42 13.84 -5.12
CA THR A 81 -21.98 15.12 -4.58
C THR A 81 -21.28 15.49 -3.27
N ALA A 82 -21.00 14.52 -2.44
CA ALA A 82 -20.26 14.79 -1.16
C ALA A 82 -19.13 13.77 -0.98
N PRO A 83 -18.09 14.16 -0.24
CA PRO A 83 -16.96 13.23 -0.01
C PRO A 83 -17.42 12.01 0.80
N PRO A 84 -16.86 10.84 0.51
CA PRO A 84 -17.23 9.63 1.27
C PRO A 84 -16.75 9.75 2.73
N PRO A 85 -17.41 9.05 3.64
CA PRO A 85 -17.01 9.13 5.07
C PRO A 85 -15.57 8.68 5.26
N VAL A 86 -14.82 9.37 6.08
CA VAL A 86 -13.38 9.02 6.30
C VAL A 86 -13.11 8.81 7.79
N VAL A 87 -12.36 7.80 8.13
CA VAL A 87 -12.03 7.54 9.57
C VAL A 87 -10.56 7.88 9.83
N ASN A 88 -10.29 8.58 10.91
CA ASN A 88 -8.88 9.00 11.20
C ASN A 88 -8.28 8.11 12.30
N LYS A 89 -7.13 7.55 12.04
CA LYS A 89 -6.45 6.69 13.06
C LYS A 89 -5.05 7.23 13.37
N PRO A 90 -4.97 8.26 14.19
CA PRO A 90 -3.65 8.87 14.51
C PRO A 90 -2.72 7.84 15.14
N THR A 91 -1.44 7.97 14.92
CA THR A 91 -0.45 7.02 15.52
C THR A 91 0.45 7.75 16.52
N PRO A 92 0.15 7.61 17.81
CA PRO A 92 0.97 8.30 18.84
C PRO A 92 2.43 7.83 18.79
N VAL A 93 2.68 6.65 18.27
CA VAL A 93 4.08 6.11 18.21
C VAL A 93 4.96 7.05 17.39
N LYS A 94 4.45 7.57 16.30
CA LYS A 94 5.26 8.47 15.43
C LYS A 94 5.12 9.93 15.90
N LEU A 95 3.96 10.51 15.74
CA LEU A 95 3.76 11.94 16.14
C LEU A 95 2.78 12.02 17.32
N PRO A 96 3.28 12.38 18.49
CA PRO A 96 2.38 12.56 19.67
C PRO A 96 1.33 13.63 19.38
N HIS A 97 0.13 13.47 19.88
CA HIS A 97 -0.95 14.46 19.63
C HIS A 97 -1.42 15.09 20.94
N PHE A 98 -1.61 16.39 20.94
CA PHE A 98 -2.13 17.08 22.15
C PHE A 98 -3.58 17.52 21.92
N SER A 99 -4.40 17.45 22.93
CA SER A 99 -5.87 17.71 22.73
C SER A 99 -6.12 19.09 22.13
N ASN A 100 -5.37 20.09 22.56
CA ASN A 100 -5.61 21.48 22.07
C ASN A 100 -5.44 21.54 20.54
N ILE A 101 -4.45 20.85 20.01
CA ILE A 101 -4.20 20.92 18.54
C ILE A 101 -4.17 19.50 17.94
N LEU A 102 -4.83 19.31 16.82
CA LEU A 102 -4.84 17.95 16.17
C LEU A 102 -3.43 17.57 15.73
N GLY A 103 -2.64 18.54 15.30
CA GLY A 103 -1.25 18.25 14.85
C GLY A 103 -0.30 18.32 16.05
N GLY A 1 -4.78 -25.62 -1.46
CA GLY A 1 -5.59 -24.36 -1.48
C GLY A 1 -4.79 -23.24 -0.82
N ALA A 2 -3.94 -22.59 -1.57
CA ALA A 2 -3.12 -21.47 -1.00
C ALA A 2 -3.69 -20.12 -1.44
N MET A 3 -3.64 -19.13 -0.58
CA MET A 3 -4.18 -17.79 -0.93
C MET A 3 -3.09 -16.94 -1.61
N GLY A 4 -3.47 -16.23 -2.65
CA GLY A 4 -2.47 -15.37 -3.37
C GLY A 4 -3.01 -13.93 -3.46
N PRO A 5 -2.97 -13.21 -2.36
CA PRO A 5 -3.49 -11.81 -2.36
C PRO A 5 -2.53 -10.91 -3.16
N THR A 6 -2.43 -11.12 -4.45
CA THR A 6 -1.55 -10.26 -5.30
C THR A 6 -2.14 -10.16 -6.71
N ASP A 7 -2.24 -8.95 -7.22
CA ASP A 7 -2.78 -8.77 -8.60
C ASP A 7 -2.51 -7.35 -9.10
N GLN A 8 -2.72 -7.09 -10.37
CA GLN A 8 -2.54 -5.71 -10.90
C GLN A 8 -3.57 -4.74 -10.34
N ASP A 9 -4.64 -5.25 -9.78
CA ASP A 9 -5.71 -4.36 -9.21
C ASP A 9 -5.18 -3.61 -7.98
N TRP A 10 -4.25 -4.22 -7.27
CA TRP A 10 -3.71 -3.57 -6.04
C TRP A 10 -2.70 -2.47 -6.39
N ILE A 11 -2.21 -2.40 -7.60
CA ILE A 11 -1.09 -1.47 -7.93
C ILE A 11 -1.47 -0.02 -7.54
N GLY A 12 -0.57 0.66 -6.87
CA GLY A 12 -0.86 2.05 -6.40
C GLY A 12 -1.60 2.04 -5.05
N CYS A 13 -1.91 0.89 -4.47
CA CYS A 13 -2.61 0.88 -3.14
C CYS A 13 -1.58 1.05 -2.00
N ALA A 14 -2.02 1.55 -0.87
CA ALA A 14 -1.06 1.82 0.25
C ALA A 14 -0.94 0.60 1.16
N VAL A 15 0.23 0.05 1.27
CA VAL A 15 0.41 -1.18 2.12
C VAL A 15 1.65 -1.06 3.00
N SER A 16 1.69 -1.81 4.07
CA SER A 16 2.91 -1.82 4.94
C SER A 16 3.45 -3.25 5.03
N ILE A 17 4.74 -3.40 5.03
CA ILE A 17 5.33 -4.77 4.95
C ILE A 17 6.24 -5.01 6.15
N ALA A 18 5.93 -5.99 6.95
CA ALA A 18 6.83 -6.34 8.10
C ALA A 18 7.73 -7.50 7.69
N CYS A 19 9.01 -7.24 7.53
CA CYS A 19 9.97 -8.33 7.16
C CYS A 19 10.63 -8.86 8.43
N ASP A 20 11.30 -9.98 8.35
CA ASP A 20 11.91 -10.60 9.57
C ASP A 20 12.91 -9.63 10.21
N GLU A 21 13.45 -9.98 11.35
CA GLU A 21 14.19 -8.97 12.19
C GLU A 21 15.32 -8.29 11.40
N VAL A 22 15.98 -9.02 10.53
CA VAL A 22 17.16 -8.44 9.80
C VAL A 22 16.69 -7.48 8.69
N LEU A 23 15.50 -7.67 8.19
CA LEU A 23 14.99 -6.79 7.09
C LEU A 23 14.24 -5.56 7.62
N GLY A 24 13.87 -5.56 8.89
CA GLY A 24 13.14 -4.39 9.46
C GLY A 24 11.78 -4.22 8.78
N VAL A 25 11.28 -3.01 8.73
CA VAL A 25 9.90 -2.78 8.17
C VAL A 25 9.92 -1.59 7.21
N PHE A 26 9.18 -1.67 6.13
CA PHE A 26 9.03 -0.48 5.25
C PHE A 26 7.55 -0.29 4.86
N GLN A 27 7.19 0.89 4.47
CA GLN A 27 5.79 1.16 4.01
C GLN A 27 5.81 2.02 2.75
N GLY A 28 4.90 1.80 1.84
CA GLY A 28 4.96 2.52 0.52
C GLY A 28 3.75 2.16 -0.33
N LEU A 29 3.55 2.87 -1.41
CA LEU A 29 2.47 2.50 -2.37
C LEU A 29 3.01 1.53 -3.42
N ILE A 30 2.26 0.51 -3.72
CA ILE A 30 2.74 -0.54 -4.69
C ILE A 30 2.86 0.04 -6.10
N LYS A 31 3.92 -0.28 -6.79
CA LYS A 31 4.02 0.06 -8.24
C LYS A 31 3.76 -1.18 -9.09
N GLN A 32 4.19 -2.33 -8.62
CA GLN A 32 4.01 -3.59 -9.40
C GLN A 32 3.94 -4.78 -8.43
N ILE A 33 3.24 -5.84 -8.81
CA ILE A 33 3.14 -7.03 -7.92
C ILE A 33 3.25 -8.31 -8.75
N SER A 34 3.97 -9.27 -8.24
CA SER A 34 4.04 -10.61 -8.90
C SER A 34 4.16 -11.70 -7.83
N ALA A 35 3.81 -12.92 -8.18
CA ALA A 35 3.73 -14.00 -7.14
C ALA A 35 5.04 -14.15 -6.37
N GLU A 36 6.15 -13.75 -6.96
CA GLU A 36 7.47 -13.98 -6.31
C GLU A 36 7.90 -12.79 -5.44
N GLU A 37 7.42 -11.61 -5.75
CA GLU A 37 7.93 -10.40 -5.04
C GLU A 37 6.90 -9.26 -5.08
N ILE A 38 6.99 -8.33 -4.16
CA ILE A 38 6.14 -7.10 -4.24
C ILE A 38 7.04 -5.88 -4.44
N THR A 39 6.62 -4.94 -5.27
CA THR A 39 7.47 -3.75 -5.57
C THR A 39 6.73 -2.45 -5.24
N ILE A 40 7.36 -1.56 -4.51
CA ILE A 40 6.70 -0.27 -4.13
C ILE A 40 7.63 0.91 -4.39
N VAL A 41 7.13 2.12 -4.31
CA VAL A 41 7.96 3.33 -4.62
C VAL A 41 7.89 4.34 -3.47
N ARG A 42 8.82 5.28 -3.43
CA ARG A 42 8.87 6.27 -2.31
C ARG A 42 8.87 5.56 -0.95
N ALA A 43 9.71 4.56 -0.80
CA ALA A 43 9.66 3.70 0.42
C ALA A 43 10.08 4.47 1.67
N PHE A 44 9.42 4.20 2.77
CA PHE A 44 9.91 4.68 4.10
C PHE A 44 10.25 3.47 4.97
N ARG A 45 11.34 3.53 5.70
CA ARG A 45 11.77 2.35 6.50
C ARG A 45 12.17 2.77 7.91
N ASN A 46 11.86 1.96 8.90
CA ASN A 46 12.22 2.29 10.32
C ASN A 46 11.70 3.68 10.70
N GLY A 47 10.50 4.01 10.30
CA GLY A 47 9.88 5.31 10.72
C GLY A 47 10.71 6.50 10.21
N VAL A 48 11.50 6.31 9.19
CA VAL A 48 12.20 7.46 8.54
C VAL A 48 12.30 7.25 7.02
N PRO A 49 12.34 8.32 6.25
CA PRO A 49 12.33 8.18 4.77
C PRO A 49 13.68 7.63 4.28
N LEU A 50 13.68 6.89 3.20
CA LEU A 50 14.98 6.43 2.60
C LEU A 50 15.64 7.59 1.85
N ARG A 51 16.95 7.60 1.80
CA ARG A 51 17.68 8.75 1.17
C ARG A 51 17.21 8.95 -0.28
N LYS A 52 16.94 7.88 -0.99
CA LYS A 52 16.44 8.00 -2.39
C LYS A 52 14.92 7.95 -2.42
N GLN A 53 14.27 9.09 -2.54
CA GLN A 53 12.78 9.10 -2.62
C GLN A 53 12.30 8.35 -3.85
N ASN A 54 13.04 8.44 -4.93
CA ASN A 54 12.62 7.75 -6.20
C ASN A 54 13.14 6.29 -6.25
N ALA A 55 13.81 5.83 -5.22
CA ALA A 55 14.38 4.45 -5.26
C ALA A 55 13.27 3.41 -5.10
N GLU A 56 13.30 2.37 -5.89
CA GLU A 56 12.25 1.31 -5.81
C GLU A 56 12.66 0.22 -4.80
N VAL A 57 11.74 -0.24 -4.00
CA VAL A 57 12.03 -1.39 -3.08
C VAL A 57 11.37 -2.66 -3.62
N VAL A 58 12.15 -3.69 -3.86
CA VAL A 58 11.56 -4.98 -4.33
C VAL A 58 11.96 -6.10 -3.38
N LEU A 59 11.01 -6.64 -2.67
CA LEU A 59 11.32 -7.64 -1.61
C LEU A 59 10.48 -8.91 -1.80
N LYS A 60 11.11 -10.06 -1.70
CA LYS A 60 10.38 -11.34 -1.96
C LYS A 60 9.45 -11.69 -0.80
N CYS A 61 8.30 -12.25 -1.10
CA CYS A 61 7.36 -12.69 -0.02
C CYS A 61 8.06 -13.63 0.97
N THR A 62 9.00 -14.42 0.49
CA THR A 62 9.73 -15.36 1.39
C THR A 62 10.54 -14.58 2.43
N ASP A 63 10.94 -13.38 2.11
CA ASP A 63 11.69 -12.54 3.09
C ASP A 63 10.70 -11.73 3.94
N ILE A 64 9.54 -11.45 3.42
CA ILE A 64 8.50 -10.73 4.21
C ILE A 64 7.75 -11.73 5.11
N ARG A 65 7.35 -11.29 6.28
CA ARG A 65 6.63 -12.20 7.21
C ARG A 65 5.12 -11.95 7.14
N SER A 66 4.72 -10.73 6.91
CA SER A 66 3.25 -10.43 6.75
C SER A 66 3.03 -9.07 6.10
N ILE A 67 2.22 -9.01 5.07
CA ILE A 67 1.83 -7.70 4.47
C ILE A 67 0.43 -7.29 4.96
N ASP A 68 0.20 -6.01 5.09
CA ASP A 68 -1.18 -5.53 5.44
C ASP A 68 -1.57 -4.35 4.53
N LEU A 69 -2.71 -4.43 3.88
CA LEU A 69 -3.19 -3.29 3.05
C LEU A 69 -3.74 -2.18 3.96
N ILE A 70 -3.09 -1.04 3.99
CA ILE A 70 -3.55 0.08 4.87
C ILE A 70 -4.76 0.77 4.25
N GLU A 71 -4.64 1.17 3.00
CA GLU A 71 -5.75 1.92 2.34
C GLU A 71 -5.95 1.40 0.91
N PRO A 72 -7.20 1.12 0.53
CA PRO A 72 -7.46 0.59 -0.84
C PRO A 72 -6.97 1.59 -1.90
N ALA A 73 -6.61 1.09 -3.06
CA ALA A 73 -6.12 1.99 -4.15
C ALA A 73 -7.20 2.99 -4.54
N LYS A 74 -6.81 4.16 -4.99
CA LYS A 74 -7.80 5.21 -5.36
C LYS A 74 -8.40 4.90 -6.74
N GLN A 75 -9.61 5.34 -6.97
CA GLN A 75 -10.28 5.06 -8.28
C GLN A 75 -9.45 5.62 -9.44
N ASP A 76 -8.80 6.74 -9.24
CA ASP A 76 -7.99 7.36 -10.33
C ASP A 76 -6.87 6.42 -10.77
N LEU A 77 -6.62 6.33 -12.05
CA LEU A 77 -5.55 5.41 -12.56
C LEU A 77 -4.27 6.20 -12.84
N ASP A 78 -3.12 5.62 -12.54
CA ASP A 78 -1.82 6.30 -12.79
C ASP A 78 -1.78 7.69 -12.15
N GLY A 79 -2.20 7.78 -10.90
CA GLY A 79 -2.20 9.10 -10.20
C GLY A 79 -0.79 9.69 -10.16
N HIS A 80 0.22 8.84 -10.16
CA HIS A 80 1.63 9.34 -10.08
C HIS A 80 1.93 10.32 -11.21
N THR A 81 1.40 10.06 -12.39
CA THR A 81 1.66 10.97 -13.54
C THR A 81 0.34 11.29 -14.27
N ALA A 82 0.30 12.39 -14.99
CA ALA A 82 -0.95 12.77 -15.73
C ALA A 82 -0.62 13.04 -17.21
N PRO A 83 -0.37 11.99 -17.96
CA PRO A 83 -0.08 12.16 -19.41
C PRO A 83 -1.33 12.72 -20.13
N PRO A 84 -1.11 13.46 -21.21
CA PRO A 84 -2.26 14.02 -21.96
C PRO A 84 -3.13 12.89 -22.54
N PRO A 85 -4.34 12.73 -22.02
CA PRO A 85 -5.22 11.64 -22.52
C PRO A 85 -5.50 11.81 -24.02
N VAL A 86 -5.58 10.72 -24.75
CA VAL A 86 -5.87 10.80 -26.21
C VAL A 86 -7.33 11.21 -26.45
N VAL A 87 -8.19 10.95 -25.49
CA VAL A 87 -9.64 11.33 -25.64
C VAL A 87 -10.12 12.07 -24.40
N ASN A 88 -11.00 13.02 -24.56
CA ASN A 88 -11.50 13.82 -23.39
C ASN A 88 -12.17 12.88 -22.37
N LYS A 89 -11.92 13.09 -21.10
CA LYS A 89 -12.52 12.21 -20.05
C LYS A 89 -13.26 13.06 -19.01
N PRO A 90 -14.50 13.43 -19.31
CA PRO A 90 -15.29 14.25 -18.36
C PRO A 90 -15.46 13.52 -17.02
N THR A 91 -15.47 14.25 -15.93
CA THR A 91 -15.62 13.59 -14.58
C THR A 91 -17.03 13.00 -14.44
N PRO A 92 -17.14 11.84 -13.80
CA PRO A 92 -18.47 11.21 -13.63
C PRO A 92 -19.39 12.13 -12.81
N VAL A 93 -18.83 12.96 -11.97
CA VAL A 93 -19.68 13.87 -11.13
C VAL A 93 -19.36 15.32 -11.46
N LYS A 94 -20.39 16.14 -11.60
CA LYS A 94 -20.17 17.58 -11.91
C LYS A 94 -20.24 18.41 -10.62
N LEU A 95 -19.60 19.55 -10.60
CA LEU A 95 -19.62 20.41 -9.38
C LEU A 95 -20.39 21.72 -9.67
N PRO A 96 -20.82 22.41 -8.62
CA PRO A 96 -21.59 23.66 -8.83
C PRO A 96 -20.77 24.68 -9.61
N HIS A 97 -21.40 25.37 -10.54
CA HIS A 97 -20.68 26.38 -11.39
C HIS A 97 -19.47 25.73 -12.09
N PHE A 98 -18.87 26.43 -13.01
CA PHE A 98 -17.65 25.90 -13.72
C PHE A 98 -16.43 26.73 -13.35
N SER A 99 -15.32 26.08 -13.06
CA SER A 99 -14.07 26.83 -12.71
C SER A 99 -12.94 26.42 -13.65
N ASN A 100 -12.08 27.35 -13.98
CA ASN A 100 -10.91 27.03 -14.86
C ASN A 100 -9.60 27.46 -14.21
N ILE A 101 -8.70 26.53 -13.99
CA ILE A 101 -7.38 26.88 -13.37
C ILE A 101 -6.24 26.39 -14.26
N LEU A 102 -5.06 26.96 -14.10
CA LEU A 102 -3.88 26.53 -14.91
C LEU A 102 -2.97 25.61 -14.09
N GLY A 103 -2.59 24.49 -14.63
CA GLY A 103 -1.71 23.55 -13.89
C GLY A 103 -0.41 23.33 -14.69
N GLY A 1 -9.39 -12.92 3.52
CA GLY A 1 -8.39 -12.10 2.77
C GLY A 1 -7.42 -13.03 2.04
N ALA A 2 -7.08 -12.70 0.82
CA ALA A 2 -6.13 -13.55 0.04
C ALA A 2 -4.77 -13.56 0.72
N MET A 3 -4.08 -14.68 0.66
CA MET A 3 -2.72 -14.76 1.31
C MET A 3 -1.67 -14.15 0.38
N GLY A 4 -1.83 -14.30 -0.91
CA GLY A 4 -0.85 -13.74 -1.88
C GLY A 4 -1.57 -12.86 -2.90
N PRO A 5 -1.90 -11.63 -2.51
CA PRO A 5 -2.58 -10.71 -3.45
C PRO A 5 -1.70 -10.44 -4.67
N THR A 6 -1.75 -11.29 -5.67
CA THR A 6 -0.93 -11.08 -6.90
C THR A 6 -1.74 -10.34 -7.99
N ASP A 7 -2.90 -9.84 -7.67
CA ASP A 7 -3.74 -9.17 -8.71
C ASP A 7 -3.23 -7.76 -8.99
N GLN A 8 -3.32 -7.32 -10.22
CA GLN A 8 -2.89 -5.93 -10.57
C GLN A 8 -3.89 -4.87 -10.05
N ASP A 9 -4.98 -5.29 -9.47
CA ASP A 9 -5.98 -4.31 -8.93
C ASP A 9 -5.39 -3.56 -7.73
N TRP A 10 -4.46 -4.18 -7.03
CA TRP A 10 -3.86 -3.51 -5.83
C TRP A 10 -2.83 -2.45 -6.23
N ILE A 11 -2.40 -2.42 -7.47
CA ILE A 11 -1.27 -1.50 -7.85
C ILE A 11 -1.63 -0.05 -7.48
N GLY A 12 -0.72 0.65 -6.84
CA GLY A 12 -0.98 2.05 -6.40
C GLY A 12 -1.70 2.10 -5.04
N CYS A 13 -2.01 0.97 -4.44
CA CYS A 13 -2.65 1.00 -3.07
C CYS A 13 -1.58 1.14 -1.97
N ALA A 14 -1.95 1.68 -0.84
CA ALA A 14 -0.94 1.94 0.23
C ALA A 14 -0.80 0.72 1.15
N VAL A 15 0.37 0.15 1.22
CA VAL A 15 0.56 -1.08 2.05
C VAL A 15 1.85 -0.99 2.88
N SER A 16 1.96 -1.79 3.91
CA SER A 16 3.21 -1.82 4.72
C SER A 16 3.67 -3.26 4.87
N ILE A 17 4.96 -3.48 4.79
CA ILE A 17 5.48 -4.88 4.79
C ILE A 17 6.37 -5.11 6.01
N ALA A 18 6.02 -6.07 6.84
CA ALA A 18 6.87 -6.39 8.02
C ALA A 18 7.75 -7.60 7.68
N CYS A 19 9.03 -7.38 7.55
CA CYS A 19 9.98 -8.51 7.30
C CYS A 19 10.60 -8.97 8.62
N ASP A 20 11.24 -10.11 8.63
CA ASP A 20 11.84 -10.63 9.90
C ASP A 20 12.84 -9.62 10.47
N GLU A 21 13.30 -9.84 11.67
CA GLU A 21 14.01 -8.75 12.44
C GLU A 21 15.19 -8.19 11.64
N VAL A 22 15.87 -9.01 10.88
CA VAL A 22 17.09 -8.53 10.15
C VAL A 22 16.68 -7.65 8.95
N LEU A 23 15.49 -7.84 8.43
CA LEU A 23 15.03 -7.03 7.26
C LEU A 23 14.30 -5.75 7.70
N GLY A 24 13.89 -5.67 8.95
CA GLY A 24 13.16 -4.46 9.44
C GLY A 24 11.82 -4.31 8.71
N VAL A 25 11.32 -3.11 8.62
CA VAL A 25 9.98 -2.88 8.01
C VAL A 25 10.03 -1.72 7.02
N PHE A 26 9.36 -1.84 5.89
CA PHE A 26 9.28 -0.69 4.94
C PHE A 26 7.83 -0.46 4.52
N GLN A 27 7.51 0.74 4.09
CA GLN A 27 6.12 1.06 3.66
C GLN A 27 6.15 1.90 2.39
N GLY A 28 5.16 1.74 1.54
CA GLY A 28 5.16 2.47 0.23
C GLY A 28 3.86 2.20 -0.53
N LEU A 29 3.62 2.93 -1.59
CA LEU A 29 2.48 2.59 -2.50
C LEU A 29 2.95 1.62 -3.58
N ILE A 30 2.17 0.60 -3.83
CA ILE A 30 2.61 -0.48 -4.77
C ILE A 30 2.72 0.06 -6.21
N LYS A 31 3.76 -0.31 -6.90
CA LYS A 31 3.86 0.01 -8.35
C LYS A 31 3.64 -1.26 -9.18
N GLN A 32 3.99 -2.40 -8.64
CA GLN A 32 3.82 -3.68 -9.39
C GLN A 32 3.79 -4.87 -8.42
N ILE A 33 3.08 -5.91 -8.76
CA ILE A 33 2.96 -7.08 -7.83
C ILE A 33 3.05 -8.38 -8.64
N SER A 34 3.80 -9.33 -8.15
CA SER A 34 3.86 -10.67 -8.79
C SER A 34 4.07 -11.75 -7.72
N ALA A 35 3.71 -12.97 -8.03
CA ALA A 35 3.68 -14.04 -6.97
C ALA A 35 5.06 -14.17 -6.28
N GLU A 36 6.12 -13.76 -6.93
CA GLU A 36 7.48 -13.97 -6.35
C GLU A 36 7.92 -12.77 -5.52
N GLU A 37 7.41 -11.60 -5.79
CA GLU A 37 7.93 -10.37 -5.12
C GLU A 37 6.87 -9.25 -5.12
N ILE A 38 6.96 -8.34 -4.19
CA ILE A 38 6.10 -7.11 -4.23
C ILE A 38 6.98 -5.87 -4.43
N THR A 39 6.54 -4.94 -5.25
CA THR A 39 7.39 -3.75 -5.55
C THR A 39 6.62 -2.45 -5.26
N ILE A 40 7.22 -1.54 -4.52
CA ILE A 40 6.53 -0.25 -4.21
C ILE A 40 7.49 0.93 -4.40
N VAL A 41 7.00 2.14 -4.36
CA VAL A 41 7.85 3.34 -4.65
C VAL A 41 7.84 4.32 -3.46
N ARG A 42 8.79 5.22 -3.42
CA ARG A 42 8.93 6.15 -2.25
C ARG A 42 9.14 5.34 -0.97
N ALA A 43 10.26 4.68 -0.87
CA ALA A 43 10.49 3.74 0.26
C ALA A 43 10.60 4.48 1.60
N PHE A 44 9.80 4.10 2.55
CA PHE A 44 10.00 4.58 3.95
C PHE A 44 10.38 3.39 4.83
N ARG A 45 11.35 3.54 5.69
CA ARG A 45 11.84 2.39 6.51
C ARG A 45 12.02 2.82 7.96
N ASN A 46 11.68 1.96 8.89
CA ASN A 46 11.86 2.28 10.35
C ASN A 46 11.20 3.63 10.71
N GLY A 47 10.03 3.89 10.18
CA GLY A 47 9.28 5.13 10.54
C GLY A 47 10.06 6.39 10.16
N VAL A 48 10.98 6.28 9.22
CA VAL A 48 11.70 7.50 8.72
C VAL A 48 11.93 7.37 7.19
N PRO A 49 11.99 8.50 6.50
CA PRO A 49 12.08 8.46 5.02
C PRO A 49 13.47 7.98 4.59
N LEU A 50 13.54 7.12 3.60
CA LEU A 50 14.86 6.70 3.05
C LEU A 50 15.41 7.78 2.12
N ARG A 51 16.71 7.94 2.09
CA ARG A 51 17.34 9.00 1.23
C ARG A 51 16.95 8.80 -0.23
N LYS A 52 16.80 7.58 -0.66
CA LYS A 52 16.45 7.30 -2.09
C LYS A 52 14.93 7.20 -2.25
N GLN A 53 14.24 8.30 -2.11
CA GLN A 53 12.75 8.30 -2.28
C GLN A 53 12.39 7.85 -3.70
N ASN A 54 13.18 8.21 -4.67
CA ASN A 54 12.90 7.82 -6.08
C ASN A 54 13.14 6.32 -6.29
N ALA A 55 13.96 5.72 -5.47
CA ALA A 55 14.32 4.27 -5.68
C ALA A 55 13.15 3.39 -5.25
N GLU A 56 12.88 2.35 -6.01
CA GLU A 56 11.77 1.41 -5.65
C GLU A 56 12.27 0.29 -4.72
N VAL A 57 11.42 -0.20 -3.86
CA VAL A 57 11.78 -1.38 -3.02
C VAL A 57 11.17 -2.64 -3.62
N VAL A 58 11.98 -3.63 -3.93
CA VAL A 58 11.42 -4.92 -4.42
C VAL A 58 11.90 -6.05 -3.52
N LEU A 59 11.00 -6.64 -2.78
CA LEU A 59 11.39 -7.65 -1.76
C LEU A 59 10.57 -8.93 -1.93
N LYS A 60 11.21 -10.07 -1.82
CA LYS A 60 10.50 -11.36 -2.06
C LYS A 60 9.58 -11.71 -0.89
N CYS A 61 8.44 -12.29 -1.17
CA CYS A 61 7.51 -12.72 -0.07
C CYS A 61 8.22 -13.65 0.92
N THR A 62 9.17 -14.43 0.44
CA THR A 62 9.88 -15.40 1.33
C THR A 62 10.66 -14.65 2.41
N ASP A 63 11.06 -13.43 2.14
CA ASP A 63 11.77 -12.61 3.16
C ASP A 63 10.76 -11.82 4.00
N ILE A 64 9.59 -11.56 3.45
CA ILE A 64 8.54 -10.84 4.23
C ILE A 64 7.79 -11.84 5.13
N ARG A 65 7.36 -11.40 6.29
CA ARG A 65 6.61 -12.30 7.21
C ARG A 65 5.11 -12.02 7.12
N SER A 66 4.73 -10.78 6.87
CA SER A 66 3.27 -10.47 6.71
C SER A 66 3.08 -9.09 6.05
N ILE A 67 2.25 -9.02 5.03
CA ILE A 67 1.91 -7.71 4.41
C ILE A 67 0.55 -7.23 4.90
N ASP A 68 0.37 -5.94 5.05
CA ASP A 68 -0.96 -5.40 5.46
C ASP A 68 -1.36 -4.21 4.57
N LEU A 69 -2.54 -4.24 4.02
CA LEU A 69 -3.03 -3.07 3.22
C LEU A 69 -3.49 -1.95 4.17
N ILE A 70 -2.80 -0.84 4.16
CA ILE A 70 -3.18 0.29 5.06
C ILE A 70 -4.37 1.06 4.47
N GLU A 71 -4.31 1.38 3.21
CA GLU A 71 -5.39 2.19 2.57
C GLU A 71 -5.74 1.62 1.18
N PRO A 72 -6.88 0.97 1.05
CA PRO A 72 -7.28 0.42 -0.27
C PRO A 72 -7.34 1.52 -1.33
N ALA A 73 -7.11 1.17 -2.57
CA ALA A 73 -7.13 2.19 -3.67
C ALA A 73 -8.51 2.85 -3.75
N LYS A 74 -9.54 2.13 -3.38
CA LYS A 74 -10.93 2.70 -3.43
C LYS A 74 -11.65 2.47 -2.09
N GLN A 75 -12.62 3.30 -1.79
CA GLN A 75 -13.36 3.16 -0.49
C GLN A 75 -14.66 2.40 -0.72
N ASP A 76 -14.84 1.29 -0.02
CA ASP A 76 -16.10 0.50 -0.17
C ASP A 76 -17.20 1.07 0.73
N LEU A 77 -18.27 0.34 0.92
CA LEU A 77 -19.38 0.82 1.80
C LEU A 77 -19.07 0.51 3.26
N ASP A 78 -19.54 1.33 4.17
CA ASP A 78 -19.24 1.12 5.62
C ASP A 78 -20.13 0.01 6.18
N GLY A 79 -19.52 -1.04 6.66
CA GLY A 79 -20.31 -2.18 7.23
C GLY A 79 -20.66 -1.88 8.69
N HIS A 80 -21.19 -2.86 9.39
CA HIS A 80 -21.58 -2.64 10.83
C HIS A 80 -20.36 -2.18 11.65
N THR A 81 -19.21 -2.74 11.39
CA THR A 81 -17.98 -2.34 12.13
C THR A 81 -17.41 -1.04 11.56
N ALA A 82 -16.60 -0.35 12.32
CA ALA A 82 -16.02 0.95 11.83
C ALA A 82 -14.49 0.95 12.05
N PRO A 83 -13.80 1.84 11.36
CA PRO A 83 -12.32 1.93 11.54
C PRO A 83 -11.99 2.42 12.94
N PRO A 84 -10.80 2.08 13.43
CA PRO A 84 -10.39 2.53 14.79
C PRO A 84 -10.36 4.07 14.86
N PRO A 85 -10.64 4.62 16.03
CA PRO A 85 -10.64 6.10 16.17
C PRO A 85 -9.27 6.68 15.84
N VAL A 86 -9.23 7.82 15.19
CA VAL A 86 -7.92 8.44 14.82
C VAL A 86 -7.76 9.80 15.53
N VAL A 87 -8.42 9.98 16.65
CA VAL A 87 -8.34 11.28 17.38
C VAL A 87 -7.99 11.04 18.86
N ASN A 88 -7.18 11.89 19.43
CA ASN A 88 -6.79 11.72 20.87
C ASN A 88 -7.29 12.92 21.70
N LYS A 89 -7.36 12.76 23.00
CA LYS A 89 -7.82 13.88 23.89
C LYS A 89 -9.18 14.42 23.43
N PRO A 90 -10.23 13.60 23.57
CA PRO A 90 -11.58 14.05 23.17
C PRO A 90 -12.00 15.29 23.97
N THR A 91 -12.73 16.18 23.35
CA THR A 91 -13.17 17.42 24.06
C THR A 91 -14.29 17.09 25.07
N PRO A 92 -14.28 17.77 26.21
CA PRO A 92 -15.32 17.52 27.23
C PRO A 92 -16.72 17.83 26.66
N VAL A 93 -17.72 17.10 27.09
CA VAL A 93 -19.10 17.33 26.57
C VAL A 93 -20.11 17.41 27.73
N LYS A 94 -21.12 18.24 27.61
CA LYS A 94 -22.14 18.39 28.71
C LYS A 94 -21.46 18.72 30.04
N LEU A 95 -20.52 19.63 30.03
CA LEU A 95 -19.81 20.02 31.29
C LEU A 95 -20.73 20.89 32.16
N PRO A 96 -20.67 20.70 33.47
CA PRO A 96 -21.49 21.53 34.38
C PRO A 96 -21.12 23.00 34.26
N HIS A 97 -22.05 23.89 34.51
CA HIS A 97 -21.75 25.36 34.41
C HIS A 97 -21.73 25.98 35.81
N PHE A 98 -20.70 26.73 36.10
CA PHE A 98 -20.59 27.38 37.45
C PHE A 98 -21.54 28.57 37.55
N SER A 99 -21.95 29.15 36.44
CA SER A 99 -22.85 30.34 36.48
C SER A 99 -24.17 29.98 37.17
N ASN A 100 -24.83 30.95 37.76
CA ASN A 100 -26.14 30.70 38.47
C ASN A 100 -25.99 29.57 39.49
N ILE A 101 -24.92 29.59 40.26
CA ILE A 101 -24.72 28.53 41.29
C ILE A 101 -25.85 28.57 42.34
N LEU A 102 -26.42 29.74 42.55
CA LEU A 102 -27.53 29.86 43.55
C LEU A 102 -28.70 28.96 43.16
N GLY A 103 -28.97 28.84 41.88
CA GLY A 103 -30.10 27.98 41.43
C GLY A 103 -29.55 26.64 40.92
N GLY A 1 -3.69 -15.93 -6.90
CA GLY A 1 -5.07 -16.45 -7.15
C GLY A 1 -5.66 -16.97 -5.84
N ALA A 2 -5.52 -18.25 -5.59
CA ALA A 2 -6.08 -18.83 -4.32
C ALA A 2 -5.41 -18.19 -3.11
N MET A 3 -4.17 -17.82 -3.24
CA MET A 3 -3.44 -17.18 -2.10
C MET A 3 -2.38 -16.21 -2.64
N GLY A 4 -1.97 -15.27 -1.82
CA GLY A 4 -0.95 -14.27 -2.29
C GLY A 4 -1.60 -13.28 -3.26
N PRO A 5 -1.88 -12.07 -2.80
CA PRO A 5 -2.50 -11.06 -3.70
C PRO A 5 -1.55 -10.72 -4.85
N THR A 6 -1.56 -11.52 -5.88
CA THR A 6 -0.68 -11.24 -7.07
C THR A 6 -1.45 -10.47 -8.16
N ASP A 7 -2.62 -9.96 -7.85
CA ASP A 7 -3.44 -9.28 -8.89
C ASP A 7 -2.92 -7.87 -9.17
N GLN A 8 -3.00 -7.43 -10.41
CA GLN A 8 -2.60 -6.02 -10.74
C GLN A 8 -3.63 -4.99 -10.23
N ASP A 9 -4.73 -5.44 -9.67
CA ASP A 9 -5.74 -4.49 -9.13
C ASP A 9 -5.17 -3.74 -7.92
N TRP A 10 -4.25 -4.35 -7.20
CA TRP A 10 -3.68 -3.69 -5.99
C TRP A 10 -2.68 -2.59 -6.35
N ILE A 11 -2.21 -2.53 -7.59
CA ILE A 11 -1.11 -1.58 -7.93
C ILE A 11 -1.49 -0.14 -7.54
N GLY A 12 -0.60 0.55 -6.88
CA GLY A 12 -0.90 1.94 -6.43
C GLY A 12 -1.64 1.97 -5.08
N CYS A 13 -1.95 0.82 -4.49
CA CYS A 13 -2.63 0.83 -3.16
C CYS A 13 -1.61 0.99 -2.02
N ALA A 14 -2.03 1.51 -0.89
CA ALA A 14 -1.06 1.77 0.23
C ALA A 14 -0.98 0.55 1.15
N VAL A 15 0.19 -0.02 1.31
CA VAL A 15 0.33 -1.23 2.18
C VAL A 15 1.57 -1.11 3.08
N SER A 16 1.58 -1.84 4.17
CA SER A 16 2.78 -1.86 5.05
C SER A 16 3.33 -3.29 5.11
N ILE A 17 4.63 -3.44 5.11
CA ILE A 17 5.23 -4.80 5.01
C ILE A 17 6.17 -5.04 6.20
N ALA A 18 5.90 -6.05 6.98
CA ALA A 18 6.80 -6.41 8.11
C ALA A 18 7.72 -7.54 7.68
N CYS A 19 8.99 -7.25 7.51
CA CYS A 19 9.97 -8.31 7.12
C CYS A 19 10.67 -8.85 8.37
N ASP A 20 11.36 -9.96 8.26
CA ASP A 20 12.03 -10.56 9.46
C ASP A 20 13.02 -9.55 10.07
N GLU A 21 13.52 -9.83 11.24
CA GLU A 21 14.24 -8.77 12.03
C GLU A 21 15.38 -8.12 11.24
N VAL A 22 16.03 -8.87 10.39
CA VAL A 22 17.20 -8.31 9.64
C VAL A 22 16.72 -7.36 8.53
N LEU A 23 15.51 -7.55 8.05
CA LEU A 23 14.97 -6.67 6.97
C LEU A 23 14.22 -5.46 7.55
N GLY A 24 13.84 -5.52 8.81
CA GLY A 24 13.09 -4.38 9.44
C GLY A 24 11.73 -4.21 8.77
N VAL A 25 11.20 -3.01 8.75
CA VAL A 25 9.83 -2.78 8.21
C VAL A 25 9.83 -1.59 7.25
N PHE A 26 9.08 -1.67 6.17
CA PHE A 26 8.91 -0.48 5.29
C PHE A 26 7.44 -0.30 4.93
N GLN A 27 7.06 0.90 4.54
CA GLN A 27 5.67 1.16 4.08
C GLN A 27 5.71 2.02 2.81
N GLY A 28 4.81 1.78 1.89
CA GLY A 28 4.88 2.50 0.58
C GLY A 28 3.68 2.11 -0.29
N LEU A 29 3.50 2.82 -1.39
CA LEU A 29 2.42 2.45 -2.35
C LEU A 29 2.97 1.46 -3.38
N ILE A 30 2.22 0.43 -3.68
CA ILE A 30 2.70 -0.61 -4.65
C ILE A 30 2.82 -0.01 -6.05
N LYS A 31 3.87 -0.33 -6.75
CA LYS A 31 3.98 0.07 -8.18
C LYS A 31 3.85 -1.16 -9.08
N GLN A 32 4.28 -2.30 -8.60
CA GLN A 32 4.16 -3.56 -9.40
C GLN A 32 4.08 -4.76 -8.46
N ILE A 33 3.40 -5.81 -8.87
CA ILE A 33 3.28 -7.03 -8.01
C ILE A 33 3.43 -8.29 -8.87
N SER A 34 4.16 -9.25 -8.38
CA SER A 34 4.28 -10.56 -9.09
C SER A 34 4.42 -11.68 -8.07
N ALA A 35 4.11 -12.89 -8.45
CA ALA A 35 4.02 -14.01 -7.46
C ALA A 35 5.33 -14.16 -6.66
N GLU A 36 6.44 -13.70 -7.21
CA GLU A 36 7.75 -13.93 -6.54
C GLU A 36 8.12 -12.76 -5.62
N GLU A 37 7.61 -11.58 -5.88
CA GLU A 37 8.07 -10.37 -5.13
C GLU A 37 7.01 -9.26 -5.16
N ILE A 38 7.05 -8.37 -4.20
CA ILE A 38 6.19 -7.14 -4.27
C ILE A 38 7.08 -5.91 -4.42
N THR A 39 6.68 -4.96 -5.26
CA THR A 39 7.55 -3.77 -5.50
C THR A 39 6.78 -2.47 -5.19
N ILE A 40 7.38 -1.57 -4.46
CA ILE A 40 6.69 -0.28 -4.10
C ILE A 40 7.61 0.90 -4.37
N VAL A 41 7.09 2.10 -4.31
CA VAL A 41 7.91 3.31 -4.62
C VAL A 41 7.80 4.35 -3.48
N ARG A 42 8.72 5.29 -3.44
CA ARG A 42 8.76 6.29 -2.31
C ARG A 42 8.76 5.58 -0.95
N ALA A 43 9.58 4.57 -0.82
CA ALA A 43 9.52 3.69 0.40
C ALA A 43 10.01 4.44 1.65
N PHE A 44 9.36 4.19 2.76
CA PHE A 44 9.90 4.65 4.07
C PHE A 44 10.21 3.43 4.94
N ARG A 45 11.30 3.45 5.66
CA ARG A 45 11.70 2.26 6.47
C ARG A 45 12.13 2.69 7.87
N ASN A 46 11.83 1.89 8.87
CA ASN A 46 12.22 2.24 10.28
C ASN A 46 11.74 3.65 10.66
N GLY A 47 10.55 4.00 10.27
CA GLY A 47 9.97 5.32 10.68
C GLY A 47 10.82 6.48 10.14
N VAL A 48 11.59 6.26 9.10
CA VAL A 48 12.33 7.39 8.45
C VAL A 48 12.40 7.14 6.93
N PRO A 49 12.47 8.21 6.15
CA PRO A 49 12.46 8.06 4.67
C PRO A 49 13.79 7.48 4.18
N LEU A 50 13.78 6.77 3.08
CA LEU A 50 15.07 6.30 2.47
C LEU A 50 15.78 7.48 1.79
N ARG A 51 17.09 7.40 1.67
CA ARG A 51 17.88 8.56 1.14
C ARG A 51 17.35 9.00 -0.23
N LYS A 52 16.96 8.06 -1.07
CA LYS A 52 16.40 8.41 -2.40
C LYS A 52 14.87 8.23 -2.40
N GLN A 53 14.15 9.31 -2.57
CA GLN A 53 12.65 9.20 -2.62
C GLN A 53 12.22 8.38 -3.83
N ASN A 54 12.94 8.49 -4.91
CA ASN A 54 12.55 7.76 -6.16
C ASN A 54 13.08 6.31 -6.17
N ALA A 55 13.74 5.87 -5.12
CA ALA A 55 14.34 4.50 -5.14
C ALA A 55 13.24 3.45 -5.00
N GLU A 56 13.31 2.40 -5.79
CA GLU A 56 12.26 1.33 -5.71
C GLU A 56 12.67 0.24 -4.71
N VAL A 57 11.73 -0.24 -3.94
CA VAL A 57 12.02 -1.37 -3.01
C VAL A 57 11.36 -2.65 -3.55
N VAL A 58 12.15 -3.67 -3.77
CA VAL A 58 11.56 -4.96 -4.25
C VAL A 58 11.95 -6.09 -3.29
N LEU A 59 10.99 -6.64 -2.61
CA LEU A 59 11.28 -7.64 -1.55
C LEU A 59 10.45 -8.91 -1.77
N LYS A 60 11.08 -10.06 -1.67
CA LYS A 60 10.36 -11.34 -1.95
C LYS A 60 9.42 -11.70 -0.79
N CYS A 61 8.26 -12.25 -1.09
CA CYS A 61 7.32 -12.69 -0.01
C CYS A 61 8.02 -13.66 0.96
N THR A 62 8.94 -14.44 0.46
CA THR A 62 9.65 -15.43 1.34
C THR A 62 10.47 -14.68 2.40
N ASP A 63 10.88 -13.49 2.11
CA ASP A 63 11.63 -12.67 3.13
C ASP A 63 10.64 -11.86 3.98
N ILE A 64 9.47 -11.58 3.45
CA ILE A 64 8.43 -10.84 4.25
C ILE A 64 7.70 -11.83 5.17
N ARG A 65 7.34 -11.39 6.35
CA ARG A 65 6.64 -12.29 7.32
C ARG A 65 5.14 -12.01 7.30
N SER A 66 4.75 -10.78 7.09
CA SER A 66 3.29 -10.45 7.04
C SER A 66 3.05 -9.13 6.32
N ILE A 67 1.87 -8.93 5.79
CA ILE A 67 1.56 -7.68 5.03
C ILE A 67 0.14 -7.20 5.35
N ASP A 68 -0.08 -5.92 5.34
CA ASP A 68 -1.45 -5.38 5.60
C ASP A 68 -1.75 -4.21 4.65
N LEU A 69 -2.90 -4.23 4.00
CA LEU A 69 -3.31 -3.06 3.17
C LEU A 69 -3.82 -1.92 4.09
N ILE A 70 -3.11 -0.82 4.14
CA ILE A 70 -3.55 0.32 4.99
C ILE A 70 -4.69 1.08 4.29
N GLU A 71 -4.55 1.31 3.01
CA GLU A 71 -5.59 2.05 2.25
C GLU A 71 -5.84 1.37 0.90
N PRO A 72 -6.81 0.46 0.85
CA PRO A 72 -7.09 -0.28 -0.41
C PRO A 72 -7.49 0.69 -1.52
N ALA A 73 -7.12 0.39 -2.73
CA ALA A 73 -7.52 1.27 -3.89
C ALA A 73 -9.05 1.28 -4.03
N LYS A 74 -9.70 0.21 -3.64
CA LYS A 74 -11.19 0.13 -3.74
C LYS A 74 -11.67 0.40 -5.17
N GLN A 75 -11.05 -0.22 -6.14
CA GLN A 75 -11.49 -0.07 -7.57
C GLN A 75 -11.56 1.41 -7.98
N ASP A 76 -10.44 2.11 -7.91
CA ASP A 76 -10.43 3.56 -8.31
C ASP A 76 -10.95 3.73 -9.74
N LEU A 77 -10.64 2.81 -10.61
CA LEU A 77 -11.15 2.89 -12.01
C LEU A 77 -12.38 2.00 -12.18
N ASP A 78 -13.48 2.57 -12.62
CA ASP A 78 -14.73 1.79 -12.79
C ASP A 78 -14.81 1.20 -14.21
N GLY A 79 -14.82 -0.10 -14.33
CA GLY A 79 -14.94 -0.73 -15.67
C GLY A 79 -14.90 -2.26 -15.53
N HIS A 80 -15.20 -2.98 -16.58
CA HIS A 80 -15.16 -4.46 -16.52
C HIS A 80 -14.53 -5.02 -17.81
N THR A 81 -14.10 -6.26 -17.78
CA THR A 81 -13.51 -6.88 -19.01
C THR A 81 -14.32 -8.11 -19.41
N ALA A 82 -14.61 -8.24 -20.69
CA ALA A 82 -15.40 -9.42 -21.17
C ALA A 82 -14.53 -10.68 -21.22
N PRO A 83 -13.45 -10.64 -21.97
CA PRO A 83 -12.57 -11.83 -22.10
C PRO A 83 -11.80 -12.08 -20.79
N PRO A 84 -11.65 -13.33 -20.40
CA PRO A 84 -10.86 -13.64 -19.18
C PRO A 84 -9.39 -13.23 -19.38
N PRO A 85 -8.75 -12.78 -18.31
CA PRO A 85 -7.33 -12.36 -18.42
C PRO A 85 -6.45 -13.53 -18.88
N VAL A 86 -5.52 -13.28 -19.77
CA VAL A 86 -4.63 -14.38 -20.27
C VAL A 86 -3.77 -14.92 -19.13
N VAL A 87 -3.30 -14.06 -18.26
CA VAL A 87 -2.40 -14.51 -17.15
C VAL A 87 -3.17 -15.47 -16.23
N ASN A 88 -4.42 -15.19 -15.96
CA ASN A 88 -5.21 -16.06 -15.03
C ASN A 88 -6.20 -16.92 -15.82
N LYS A 89 -6.32 -18.17 -15.45
CA LYS A 89 -7.29 -19.07 -16.15
C LYS A 89 -8.34 -19.60 -15.16
N PRO A 90 -9.46 -20.08 -15.68
CA PRO A 90 -10.53 -20.59 -14.77
C PRO A 90 -10.02 -21.74 -13.90
N THR A 91 -10.37 -21.75 -12.65
CA THR A 91 -9.93 -22.84 -11.74
C THR A 91 -10.76 -24.12 -11.99
N PRO A 92 -10.14 -25.27 -11.89
CA PRO A 92 -10.88 -26.54 -12.11
C PRO A 92 -12.01 -26.69 -11.09
N VAL A 93 -11.79 -26.20 -9.89
CA VAL A 93 -12.85 -26.27 -8.83
C VAL A 93 -12.97 -24.92 -8.11
N LYS A 94 -14.18 -24.53 -7.78
CA LYS A 94 -14.37 -23.24 -7.06
C LYS A 94 -14.16 -23.42 -5.55
N LEU A 95 -13.35 -22.58 -4.96
CA LEU A 95 -13.09 -22.70 -3.48
C LEU A 95 -14.23 -22.04 -2.69
N PRO A 96 -14.44 -22.48 -1.46
CA PRO A 96 -15.50 -21.87 -0.62
C PRO A 96 -15.21 -20.38 -0.39
N HIS A 97 -16.24 -19.59 -0.24
CA HIS A 97 -16.04 -18.13 -0.02
C HIS A 97 -16.52 -17.73 1.38
N PHE A 98 -15.79 -16.87 2.04
CA PHE A 98 -16.18 -16.44 3.42
C PHE A 98 -16.05 -14.93 3.56
N SER A 99 -16.68 -14.36 4.57
CA SER A 99 -16.61 -12.87 4.78
C SER A 99 -16.99 -12.10 3.51
N ASN A 100 -18.25 -11.76 3.36
CA ASN A 100 -18.69 -11.01 2.15
C ASN A 100 -17.93 -9.69 2.02
N ILE A 101 -17.65 -9.05 3.13
CA ILE A 101 -16.92 -7.75 3.09
C ILE A 101 -15.65 -7.83 3.95
N LEU A 102 -14.57 -7.27 3.46
CA LEU A 102 -13.28 -7.30 4.23
C LEU A 102 -13.07 -5.98 4.98
N GLY A 103 -12.77 -6.06 6.25
CA GLY A 103 -12.55 -4.81 7.04
C GLY A 103 -13.61 -4.72 8.14
N GLY A 1 -5.19 -15.81 -0.25
CA GLY A 1 -6.47 -15.96 -0.99
C GLY A 1 -7.62 -15.39 -0.15
N ALA A 2 -7.63 -15.67 1.13
CA ALA A 2 -8.72 -15.14 2.00
C ALA A 2 -8.69 -13.61 2.02
N MET A 3 -7.52 -13.04 1.92
CA MET A 3 -7.40 -11.54 1.93
C MET A 3 -6.17 -11.12 1.11
N GLY A 4 -6.22 -9.94 0.55
CA GLY A 4 -5.06 -9.44 -0.26
C GLY A 4 -4.80 -10.40 -1.45
N PRO A 5 -5.76 -10.50 -2.35
CA PRO A 5 -5.58 -11.40 -3.52
C PRO A 5 -4.39 -10.95 -4.36
N THR A 6 -3.78 -11.86 -5.07
CA THR A 6 -2.60 -11.49 -5.92
C THR A 6 -3.07 -11.11 -7.33
N ASP A 7 -3.01 -9.84 -7.66
CA ASP A 7 -3.45 -9.39 -9.01
C ASP A 7 -3.01 -7.94 -9.27
N GLN A 8 -3.22 -7.45 -10.47
CA GLN A 8 -2.86 -6.04 -10.77
C GLN A 8 -3.83 -5.04 -10.14
N ASP A 9 -4.87 -5.50 -9.49
CA ASP A 9 -5.87 -4.58 -8.86
C ASP A 9 -5.22 -3.85 -7.68
N TRP A 10 -4.25 -4.47 -7.04
CA TRP A 10 -3.60 -3.82 -5.86
C TRP A 10 -2.62 -2.73 -6.29
N ILE A 11 -2.25 -2.66 -7.56
CA ILE A 11 -1.18 -1.69 -7.98
C ILE A 11 -1.56 -0.26 -7.57
N GLY A 12 -0.66 0.44 -6.91
CA GLY A 12 -0.97 1.81 -6.42
C GLY A 12 -1.67 1.78 -5.05
N CYS A 13 -1.93 0.62 -4.48
CA CYS A 13 -2.59 0.58 -3.13
C CYS A 13 -1.57 0.80 -2.01
N ALA A 14 -2.02 1.28 -0.87
CA ALA A 14 -1.07 1.65 0.23
C ALA A 14 -0.91 0.47 1.20
N VAL A 15 0.29 -0.05 1.33
CA VAL A 15 0.48 -1.26 2.20
C VAL A 15 1.72 -1.11 3.09
N SER A 16 1.74 -1.79 4.21
CA SER A 16 2.95 -1.82 5.07
C SER A 16 3.47 -3.25 5.17
N ILE A 17 4.76 -3.43 5.12
CA ILE A 17 5.32 -4.81 5.05
C ILE A 17 6.24 -5.06 6.24
N ALA A 18 5.97 -6.08 7.00
CA ALA A 18 6.88 -6.45 8.13
C ALA A 18 7.80 -7.59 7.70
N CYS A 19 9.06 -7.30 7.52
CA CYS A 19 10.04 -8.35 7.13
C CYS A 19 10.78 -8.87 8.36
N ASP A 20 11.49 -9.97 8.23
CA ASP A 20 12.24 -10.54 9.40
C ASP A 20 13.22 -9.49 9.95
N GLU A 21 13.78 -9.75 11.11
CA GLU A 21 14.48 -8.66 11.88
C GLU A 21 15.57 -7.97 11.03
N VAL A 22 16.23 -8.70 10.16
CA VAL A 22 17.36 -8.11 9.38
C VAL A 22 16.82 -7.16 8.30
N LEU A 23 15.60 -7.37 7.86
CA LEU A 23 15.00 -6.47 6.84
C LEU A 23 14.23 -5.30 7.50
N GLY A 24 13.88 -5.44 8.77
CA GLY A 24 13.11 -4.36 9.45
C GLY A 24 11.73 -4.19 8.79
N VAL A 25 11.22 -3.00 8.78
CA VAL A 25 9.85 -2.76 8.22
C VAL A 25 9.85 -1.58 7.25
N PHE A 26 9.14 -1.68 6.16
CA PHE A 26 8.99 -0.50 5.25
C PHE A 26 7.51 -0.30 4.87
N GLN A 27 7.16 0.88 4.46
CA GLN A 27 5.76 1.15 4.00
C GLN A 27 5.80 2.00 2.73
N GLY A 28 4.90 1.76 1.81
CA GLY A 28 4.95 2.48 0.49
C GLY A 28 3.75 2.09 -0.36
N LEU A 29 3.54 2.81 -1.45
CA LEU A 29 2.47 2.41 -2.41
C LEU A 29 3.02 1.45 -3.46
N ILE A 30 2.31 0.40 -3.73
CA ILE A 30 2.79 -0.61 -4.72
C ILE A 30 2.80 -0.02 -6.13
N LYS A 31 3.83 -0.28 -6.89
CA LYS A 31 3.82 0.09 -8.33
C LYS A 31 3.73 -1.17 -9.20
N GLN A 32 4.21 -2.29 -8.71
CA GLN A 32 4.15 -3.56 -9.51
C GLN A 32 4.07 -4.76 -8.56
N ILE A 33 3.41 -5.81 -8.98
CA ILE A 33 3.30 -7.03 -8.12
C ILE A 33 3.44 -8.29 -8.99
N SER A 34 4.10 -9.28 -8.46
CA SER A 34 4.17 -10.60 -9.16
C SER A 34 4.21 -11.72 -8.12
N ALA A 35 3.85 -12.92 -8.51
CA ALA A 35 3.67 -14.02 -7.50
C ALA A 35 4.92 -14.20 -6.64
N GLU A 36 6.08 -13.82 -7.14
CA GLU A 36 7.35 -14.09 -6.40
C GLU A 36 7.75 -12.91 -5.50
N GLU A 37 7.33 -11.72 -5.84
CA GLU A 37 7.86 -10.51 -5.12
C GLU A 37 6.88 -9.33 -5.22
N ILE A 38 6.99 -8.39 -4.31
CA ILE A 38 6.18 -7.13 -4.41
C ILE A 38 7.12 -5.92 -4.57
N THR A 39 6.74 -4.94 -5.36
CA THR A 39 7.64 -3.77 -5.60
C THR A 39 6.88 -2.46 -5.30
N ILE A 40 7.48 -1.58 -4.54
CA ILE A 40 6.80 -0.29 -4.18
C ILE A 40 7.74 0.90 -4.41
N VAL A 41 7.22 2.10 -4.33
CA VAL A 41 8.07 3.31 -4.60
C VAL A 41 7.93 4.35 -3.48
N ARG A 42 8.85 5.29 -3.41
CA ARG A 42 8.86 6.29 -2.29
C ARG A 42 8.88 5.57 -0.94
N ALA A 43 9.75 4.61 -0.79
CA ALA A 43 9.73 3.71 0.41
C ALA A 43 10.13 4.47 1.68
N PHE A 44 9.44 4.21 2.76
CA PHE A 44 9.90 4.68 4.10
C PHE A 44 10.22 3.47 4.97
N ARG A 45 11.27 3.55 5.77
CA ARG A 45 11.67 2.38 6.60
C ARG A 45 11.98 2.82 8.03
N ASN A 46 11.64 2.01 9.01
CA ASN A 46 11.91 2.38 10.44
C ASN A 46 11.33 3.77 10.77
N GLY A 47 10.15 4.05 10.29
CA GLY A 47 9.47 5.34 10.63
C GLY A 47 10.30 6.55 10.15
N VAL A 48 11.17 6.35 9.19
CA VAL A 48 11.90 7.51 8.59
C VAL A 48 12.13 7.25 7.08
N PRO A 49 12.21 8.32 6.30
CA PRO A 49 12.33 8.15 4.82
C PRO A 49 13.68 7.54 4.48
N LEU A 50 13.74 6.77 3.42
CA LEU A 50 15.06 6.21 2.97
C LEU A 50 15.89 7.29 2.28
N ARG A 51 17.19 7.16 2.28
CA ARG A 51 18.08 8.22 1.72
C ARG A 51 17.69 8.55 0.27
N LYS A 52 17.33 7.55 -0.50
CA LYS A 52 16.90 7.80 -1.90
C LYS A 52 15.37 7.80 -2.00
N GLN A 53 14.78 8.96 -2.13
CA GLN A 53 13.29 9.05 -2.25
C GLN A 53 12.82 8.33 -3.52
N ASN A 54 13.60 8.40 -4.56
CA ASN A 54 13.20 7.76 -5.85
C ASN A 54 13.64 6.29 -5.91
N ALA A 55 14.25 5.76 -4.86
CA ALA A 55 14.76 4.36 -4.91
C ALA A 55 13.61 3.36 -4.83
N GLU A 56 13.63 2.35 -5.65
CA GLU A 56 12.54 1.32 -5.62
C GLU A 56 12.87 0.20 -4.64
N VAL A 57 11.89 -0.27 -3.91
CA VAL A 57 12.11 -1.43 -2.98
C VAL A 57 11.46 -2.67 -3.56
N VAL A 58 12.23 -3.71 -3.79
CA VAL A 58 11.65 -5.00 -4.30
C VAL A 58 12.02 -6.13 -3.35
N LEU A 59 11.05 -6.70 -2.68
CA LEU A 59 11.35 -7.71 -1.63
C LEU A 59 10.54 -8.99 -1.87
N LYS A 60 11.17 -10.13 -1.70
CA LYS A 60 10.51 -11.42 -2.04
C LYS A 60 9.45 -11.77 -0.99
N CYS A 61 8.39 -12.43 -1.40
CA CYS A 61 7.39 -12.95 -0.40
C CYS A 61 8.08 -13.84 0.66
N THR A 62 9.13 -14.51 0.27
CA THR A 62 9.79 -15.48 1.20
C THR A 62 10.38 -14.77 2.42
N ASP A 63 10.92 -13.58 2.25
CA ASP A 63 11.55 -12.87 3.39
C ASP A 63 10.54 -11.96 4.12
N ILE A 64 9.36 -11.75 3.54
CA ILE A 64 8.30 -11.00 4.26
C ILE A 64 7.54 -11.95 5.19
N ARG A 65 7.24 -11.51 6.40
CA ARG A 65 6.49 -12.38 7.35
C ARG A 65 5.01 -12.01 7.38
N SER A 66 4.68 -10.76 7.15
CA SER A 66 3.24 -10.34 7.16
C SER A 66 3.04 -9.04 6.40
N ILE A 67 1.86 -8.82 5.88
CA ILE A 67 1.58 -7.57 5.10
C ILE A 67 0.17 -7.04 5.46
N ASP A 68 0.01 -5.75 5.50
CA ASP A 68 -1.32 -5.15 5.80
C ASP A 68 -1.59 -3.94 4.90
N LEU A 69 -2.63 -3.99 4.11
CA LEU A 69 -2.98 -2.80 3.26
C LEU A 69 -3.66 -1.73 4.12
N ILE A 70 -3.01 -0.61 4.29
CA ILE A 70 -3.60 0.50 5.12
C ILE A 70 -4.74 1.17 4.35
N GLU A 71 -4.58 1.32 3.06
CA GLU A 71 -5.63 1.98 2.23
C GLU A 71 -5.85 1.17 0.94
N PRO A 72 -6.78 0.24 0.96
CA PRO A 72 -7.03 -0.59 -0.25
C PRO A 72 -7.53 0.29 -1.40
N ALA A 73 -8.22 1.36 -1.09
CA ALA A 73 -8.78 2.24 -2.16
C ALA A 73 -7.65 2.97 -2.89
N LYS A 74 -7.76 3.08 -4.20
CA LYS A 74 -6.72 3.82 -4.98
C LYS A 74 -6.66 5.28 -4.52
N GLN A 75 -7.78 5.84 -4.14
CA GLN A 75 -7.80 7.26 -3.68
C GLN A 75 -8.76 7.41 -2.49
N ASP A 76 -8.67 8.52 -1.78
CA ASP A 76 -9.57 8.73 -0.60
C ASP A 76 -11.03 8.82 -1.06
N LEU A 77 -11.93 8.31 -0.27
CA LEU A 77 -13.38 8.35 -0.65
C LEU A 77 -14.04 9.61 -0.10
N ASP A 78 -14.92 10.21 -0.87
CA ASP A 78 -15.60 11.47 -0.41
C ASP A 78 -16.36 11.21 0.90
N GLY A 79 -16.95 10.05 1.04
CA GLY A 79 -17.73 9.73 2.28
C GLY A 79 -16.78 9.20 3.35
N HIS A 80 -17.29 8.89 4.51
CA HIS A 80 -16.44 8.36 5.61
C HIS A 80 -17.05 7.08 6.19
N THR A 81 -16.23 6.17 6.66
CA THR A 81 -16.76 4.91 7.26
C THR A 81 -16.27 4.77 8.71
N ALA A 82 -17.14 4.34 9.59
CA ALA A 82 -16.75 4.19 11.02
C ALA A 82 -17.10 2.78 11.53
N PRO A 83 -16.28 1.80 11.17
CA PRO A 83 -16.53 0.41 11.63
C PRO A 83 -16.45 0.35 13.16
N PRO A 84 -17.28 -0.48 13.78
CA PRO A 84 -17.28 -0.59 15.26
C PRO A 84 -15.96 -1.21 15.74
N PRO A 85 -15.13 -0.42 16.40
CA PRO A 85 -13.84 -0.97 16.91
C PRO A 85 -14.10 -2.07 17.94
N VAL A 86 -13.32 -3.13 17.91
CA VAL A 86 -13.49 -4.23 18.90
C VAL A 86 -12.16 -4.49 19.64
N VAL A 87 -12.21 -4.60 20.94
CA VAL A 87 -10.96 -4.87 21.71
C VAL A 87 -11.12 -6.15 22.53
N ASN A 88 -10.16 -7.04 22.46
CA ASN A 88 -10.23 -8.31 23.25
C ASN A 88 -8.81 -8.82 23.58
N LYS A 89 -8.71 -9.84 24.39
CA LYS A 89 -7.37 -10.40 24.76
C LYS A 89 -6.43 -9.31 25.30
N PRO A 90 -5.24 -9.70 25.71
CA PRO A 90 -4.26 -8.69 26.21
C PRO A 90 -3.94 -7.65 25.14
N THR A 91 -3.58 -6.47 25.53
CA THR A 91 -3.27 -5.39 24.53
C THR A 91 -2.00 -5.73 23.74
N PRO A 92 -1.98 -5.41 22.46
CA PRO A 92 -0.79 -5.74 21.63
C PRO A 92 0.45 -5.02 22.16
N VAL A 93 0.27 -3.92 22.85
CA VAL A 93 1.45 -3.14 23.37
C VAL A 93 1.56 -3.29 24.89
N LYS A 94 2.74 -3.55 25.39
CA LYS A 94 2.93 -3.70 26.87
C LYS A 94 3.54 -2.42 27.45
N LEU A 95 3.29 -2.16 28.71
CA LEU A 95 3.86 -0.93 29.36
C LEU A 95 5.39 -1.05 29.45
N PRO A 96 6.07 0.08 29.52
CA PRO A 96 7.56 0.06 29.56
C PRO A 96 8.05 -0.71 30.78
N HIS A 97 9.02 -1.57 30.60
CA HIS A 97 9.56 -2.38 31.74
C HIS A 97 10.11 -1.45 32.83
N PHE A 98 10.76 -0.38 32.43
CA PHE A 98 11.39 0.54 33.44
C PHE A 98 10.52 1.77 33.65
N SER A 99 10.25 2.12 34.89
CA SER A 99 9.44 3.34 35.18
C SER A 99 10.25 4.30 36.06
N ASN A 100 10.03 5.58 35.91
CA ASN A 100 10.80 6.59 36.72
C ASN A 100 9.97 7.03 37.93
N ILE A 101 10.37 6.61 39.11
CA ILE A 101 9.63 7.02 40.35
C ILE A 101 9.80 8.52 40.62
N LEU A 102 10.85 9.12 40.09
CA LEU A 102 11.09 10.58 40.31
C LEU A 102 10.29 11.40 39.30
N GLY A 103 9.76 12.53 39.71
CA GLY A 103 8.97 13.38 38.78
C GLY A 103 7.49 13.23 39.08
N GLY A 1 -0.03 -14.54 -2.19
CA GLY A 1 -0.49 -14.70 -0.78
C GLY A 1 -2.00 -14.95 -0.75
N ALA A 2 -2.42 -16.01 -0.10
CA ALA A 2 -3.88 -16.33 -0.02
C ALA A 2 -4.62 -15.20 0.69
N MET A 3 -3.98 -14.58 1.65
CA MET A 3 -4.65 -13.46 2.40
C MET A 3 -4.56 -12.16 1.59
N GLY A 4 -3.49 -11.98 0.87
CA GLY A 4 -3.33 -10.74 0.03
C GLY A 4 -3.60 -11.10 -1.44
N PRO A 5 -4.67 -10.59 -2.01
CA PRO A 5 -5.01 -10.94 -3.43
C PRO A 5 -3.86 -10.53 -4.37
N THR A 6 -3.50 -11.40 -5.28
CA THR A 6 -2.43 -11.05 -6.26
C THR A 6 -3.06 -10.59 -7.58
N ASP A 7 -2.95 -9.32 -7.89
CA ASP A 7 -3.51 -8.81 -9.18
C ASP A 7 -2.99 -7.39 -9.47
N GLN A 8 -3.17 -6.92 -10.67
CA GLN A 8 -2.78 -5.50 -11.01
C GLN A 8 -3.74 -4.49 -10.38
N ASP A 9 -4.82 -4.94 -9.78
CA ASP A 9 -5.79 -3.99 -9.15
C ASP A 9 -5.15 -3.31 -7.93
N TRP A 10 -4.22 -3.96 -7.29
CA TRP A 10 -3.58 -3.37 -6.08
C TRP A 10 -2.55 -2.29 -6.46
N ILE A 11 -2.16 -2.21 -7.71
CA ILE A 11 -1.05 -1.27 -8.07
C ILE A 11 -1.40 0.17 -7.64
N GLY A 12 -0.49 0.81 -6.94
CA GLY A 12 -0.77 2.17 -6.40
C GLY A 12 -1.51 2.12 -5.06
N CYS A 13 -1.83 0.95 -4.54
CA CYS A 13 -2.54 0.89 -3.21
C CYS A 13 -1.53 1.02 -2.06
N ALA A 14 -1.96 1.47 -0.91
CA ALA A 14 -1.02 1.72 0.21
C ALA A 14 -0.92 0.48 1.12
N VAL A 15 0.25 -0.07 1.27
CA VAL A 15 0.41 -1.30 2.11
C VAL A 15 1.64 -1.16 3.03
N SER A 16 1.65 -1.90 4.12
CA SER A 16 2.85 -1.92 5.00
C SER A 16 3.40 -3.35 5.10
N ILE A 17 4.70 -3.49 5.10
CA ILE A 17 5.30 -4.86 5.05
C ILE A 17 6.22 -5.07 6.24
N ALA A 18 5.97 -6.09 7.02
CA ALA A 18 6.90 -6.44 8.14
C ALA A 18 7.83 -7.58 7.69
N CYS A 19 9.08 -7.28 7.50
CA CYS A 19 10.07 -8.33 7.08
C CYS A 19 10.81 -8.85 8.30
N ASP A 20 11.51 -9.96 8.15
CA ASP A 20 12.22 -10.57 9.32
C ASP A 20 13.23 -9.58 9.90
N GLU A 21 13.85 -9.92 11.00
CA GLU A 21 14.62 -8.91 11.81
C GLU A 21 15.66 -8.18 10.96
N VAL A 22 16.29 -8.86 10.03
CA VAL A 22 17.41 -8.23 9.26
C VAL A 22 16.84 -7.24 8.22
N LEU A 23 15.62 -7.45 7.78
CA LEU A 23 15.02 -6.55 6.77
C LEU A 23 14.27 -5.37 7.42
N GLY A 24 13.94 -5.49 8.70
CA GLY A 24 13.18 -4.40 9.39
C GLY A 24 11.80 -4.25 8.75
N VAL A 25 11.27 -3.04 8.75
CA VAL A 25 9.88 -2.82 8.20
C VAL A 25 9.88 -1.64 7.24
N PHE A 26 9.13 -1.73 6.17
CA PHE A 26 8.95 -0.53 5.28
C PHE A 26 7.48 -0.37 4.92
N GLN A 27 7.10 0.82 4.51
CA GLN A 27 5.71 1.06 4.04
C GLN A 27 5.75 1.94 2.79
N GLY A 28 4.86 1.73 1.86
CA GLY A 28 4.95 2.46 0.56
C GLY A 28 3.75 2.11 -0.32
N LEU A 29 3.58 2.82 -1.41
CA LEU A 29 2.50 2.47 -2.39
C LEU A 29 3.06 1.50 -3.43
N ILE A 30 2.31 0.49 -3.75
CA ILE A 30 2.79 -0.54 -4.72
C ILE A 30 2.92 0.06 -6.13
N LYS A 31 3.98 -0.25 -6.82
CA LYS A 31 4.11 0.15 -8.25
C LYS A 31 3.99 -1.09 -9.14
N GLN A 32 4.40 -2.23 -8.65
CA GLN A 32 4.32 -3.49 -9.46
C GLN A 32 4.17 -4.70 -8.52
N ILE A 33 3.54 -5.75 -8.98
CA ILE A 33 3.35 -6.95 -8.11
C ILE A 33 3.52 -8.22 -8.93
N SER A 34 4.18 -9.20 -8.37
CA SER A 34 4.29 -10.54 -9.04
C SER A 34 4.33 -11.63 -7.97
N ALA A 35 3.98 -12.84 -8.34
CA ALA A 35 3.79 -13.93 -7.33
C ALA A 35 5.04 -14.10 -6.46
N GLU A 36 6.20 -13.72 -6.95
CA GLU A 36 7.46 -13.98 -6.20
C GLU A 36 7.84 -12.80 -5.30
N GLU A 37 7.40 -11.61 -5.63
CA GLU A 37 7.88 -10.39 -4.89
C GLU A 37 6.88 -9.24 -5.00
N ILE A 38 6.93 -8.32 -4.08
CA ILE A 38 6.11 -7.07 -4.20
C ILE A 38 7.03 -5.86 -4.40
N THR A 39 6.65 -4.93 -5.24
CA THR A 39 7.54 -3.76 -5.52
C THR A 39 6.80 -2.44 -5.22
N ILE A 40 7.43 -1.55 -4.48
CA ILE A 40 6.76 -0.26 -4.12
C ILE A 40 7.71 0.91 -4.39
N VAL A 41 7.20 2.13 -4.33
CA VAL A 41 8.05 3.33 -4.63
C VAL A 41 7.95 4.35 -3.50
N ARG A 42 8.89 5.28 -3.46
CA ARG A 42 8.95 6.27 -2.31
C ARG A 42 8.91 5.55 -0.96
N ALA A 43 9.76 4.57 -0.80
CA ALA A 43 9.68 3.69 0.40
C ALA A 43 10.05 4.43 1.69
N PHE A 44 9.35 4.15 2.75
CA PHE A 44 9.76 4.63 4.09
C PHE A 44 10.15 3.43 4.96
N ARG A 45 11.21 3.52 5.70
CA ARG A 45 11.70 2.35 6.50
C ARG A 45 12.05 2.79 7.92
N ASN A 46 11.75 1.97 8.91
CA ASN A 46 12.08 2.31 10.33
C ASN A 46 11.53 3.70 10.71
N GLY A 47 10.33 4.00 10.28
CA GLY A 47 9.69 5.29 10.68
C GLY A 47 10.50 6.49 10.19
N VAL A 48 11.33 6.31 9.18
CA VAL A 48 12.04 7.47 8.57
C VAL A 48 12.15 7.27 7.04
N PRO A 49 12.22 8.37 6.30
CA PRO A 49 12.21 8.27 4.82
C PRO A 49 13.56 7.75 4.31
N LEU A 50 13.57 7.03 3.22
CA LEU A 50 14.87 6.63 2.60
C LEU A 50 15.48 7.81 1.85
N ARG A 51 16.79 7.89 1.81
CA ARG A 51 17.47 9.08 1.20
C ARG A 51 17.02 9.28 -0.26
N LYS A 52 16.81 8.20 -0.98
CA LYS A 52 16.34 8.30 -2.39
C LYS A 52 14.83 8.12 -2.46
N GLN A 53 14.09 9.19 -2.67
CA GLN A 53 12.61 9.08 -2.80
C GLN A 53 12.24 8.25 -4.03
N ASN A 54 13.01 8.37 -5.07
CA ASN A 54 12.70 7.65 -6.34
C ASN A 54 13.27 6.20 -6.33
N ALA A 55 13.89 5.79 -5.25
CA ALA A 55 14.49 4.41 -5.21
C ALA A 55 13.38 3.37 -5.07
N GLU A 56 13.47 2.31 -5.84
CA GLU A 56 12.41 1.24 -5.77
C GLU A 56 12.78 0.16 -4.75
N VAL A 57 11.83 -0.29 -3.96
CA VAL A 57 12.08 -1.42 -3.03
C VAL A 57 11.40 -2.68 -3.56
N VAL A 58 12.15 -3.73 -3.80
CA VAL A 58 11.53 -5.01 -4.25
C VAL A 58 11.90 -6.13 -3.29
N LEU A 59 10.95 -6.66 -2.59
CA LEU A 59 11.25 -7.66 -1.52
C LEU A 59 10.39 -8.91 -1.71
N LYS A 60 10.98 -10.07 -1.60
CA LYS A 60 10.22 -11.33 -1.87
C LYS A 60 9.28 -11.66 -0.70
N CYS A 61 8.08 -12.12 -1.00
CA CYS A 61 7.12 -12.53 0.06
C CYS A 61 7.76 -13.59 0.99
N THR A 62 8.61 -14.42 0.43
CA THR A 62 9.26 -15.50 1.26
C THR A 62 10.14 -14.87 2.35
N ASP A 63 10.65 -13.68 2.10
CA ASP A 63 11.46 -12.98 3.14
C ASP A 63 10.54 -12.13 4.03
N ILE A 64 9.38 -11.76 3.54
CA ILE A 64 8.41 -10.99 4.39
C ILE A 64 7.66 -11.95 5.31
N ARG A 65 7.35 -11.50 6.51
CA ARG A 65 6.64 -12.38 7.48
C ARG A 65 5.14 -12.04 7.52
N SER A 66 4.79 -10.81 7.24
CA SER A 66 3.34 -10.42 7.25
C SER A 66 3.11 -9.13 6.47
N ILE A 67 1.94 -8.97 5.90
CA ILE A 67 1.65 -7.73 5.11
C ILE A 67 0.22 -7.26 5.40
N ASP A 68 0.00 -5.97 5.35
CA ASP A 68 -1.37 -5.42 5.60
C ASP A 68 -1.67 -4.28 4.61
N LEU A 69 -2.79 -4.33 3.94
CA LEU A 69 -3.20 -3.18 3.07
C LEU A 69 -3.75 -2.04 3.94
N ILE A 70 -3.05 -0.93 3.99
CA ILE A 70 -3.52 0.23 4.82
C ILE A 70 -4.71 0.91 4.15
N GLU A 71 -4.57 1.23 2.89
CA GLU A 71 -5.64 1.97 2.16
C GLU A 71 -5.84 1.36 0.77
N PRO A 72 -6.85 0.52 0.61
CA PRO A 72 -7.11 -0.09 -0.71
C PRO A 72 -7.51 0.96 -1.73
N ALA A 73 -6.91 0.96 -2.90
CA ALA A 73 -7.28 1.96 -3.95
C ALA A 73 -8.70 1.69 -4.45
N LYS A 74 -9.01 0.46 -4.73
CA LYS A 74 -10.38 0.10 -5.21
C LYS A 74 -10.83 -1.23 -4.63
N GLN A 75 -11.95 -1.26 -3.96
CA GLN A 75 -12.47 -2.55 -3.39
C GLN A 75 -13.94 -2.75 -3.78
N ASP A 76 -14.17 -3.45 -4.86
CA ASP A 76 -15.59 -3.69 -5.32
C ASP A 76 -16.37 -4.48 -4.26
N LEU A 77 -15.73 -5.45 -3.65
CA LEU A 77 -16.42 -6.29 -2.64
C LEU A 77 -15.91 -5.95 -1.23
N ASP A 78 -16.81 -5.70 -0.30
CA ASP A 78 -16.38 -5.36 1.09
C ASP A 78 -15.59 -6.50 1.72
N GLY A 79 -15.97 -7.73 1.42
CA GLY A 79 -15.24 -8.90 1.97
C GLY A 79 -15.94 -10.20 1.56
N HIS A 80 -15.41 -11.32 1.96
CA HIS A 80 -16.06 -12.63 1.61
C HIS A 80 -17.48 -12.70 2.17
N THR A 81 -17.66 -12.23 3.37
CA THR A 81 -19.03 -12.28 4.00
C THR A 81 -19.48 -10.88 4.41
N ALA A 82 -20.75 -10.71 4.64
CA ALA A 82 -21.28 -9.36 5.04
C ALA A 82 -20.91 -9.06 6.51
N PRO A 83 -20.92 -7.79 6.87
CA PRO A 83 -20.55 -7.42 8.28
C PRO A 83 -21.58 -8.00 9.26
N PRO A 84 -21.18 -8.18 10.51
CA PRO A 84 -22.11 -8.73 11.54
C PRO A 84 -23.47 -8.00 11.55
N PRO A 85 -23.45 -6.69 11.78
CA PRO A 85 -24.72 -5.92 11.80
C PRO A 85 -25.43 -6.03 10.45
N VAL A 86 -26.74 -5.98 10.46
CA VAL A 86 -27.51 -6.11 9.18
C VAL A 86 -28.54 -4.97 9.05
N VAL A 87 -28.77 -4.50 7.86
CA VAL A 87 -29.74 -3.39 7.65
C VAL A 87 -31.01 -3.91 6.99
N ASN A 88 -32.16 -3.47 7.44
CA ASN A 88 -33.45 -3.95 6.87
C ASN A 88 -33.77 -3.21 5.58
N LYS A 89 -34.13 -3.94 4.54
CA LYS A 89 -34.44 -3.29 3.21
C LYS A 89 -33.29 -2.38 2.76
N PRO A 90 -32.10 -2.93 2.63
CA PRO A 90 -30.94 -2.12 2.17
C PRO A 90 -31.16 -1.66 0.72
N THR A 91 -30.68 -0.48 0.40
CA THR A 91 -30.81 0.03 -1.01
C THR A 91 -29.92 -0.81 -1.95
N PRO A 92 -30.33 -0.93 -3.21
CA PRO A 92 -29.55 -1.74 -4.17
C PRO A 92 -28.13 -1.18 -4.32
N VAL A 93 -28.00 0.13 -4.24
CA VAL A 93 -26.65 0.77 -4.31
C VAL A 93 -26.46 1.72 -3.13
N LYS A 94 -25.37 1.61 -2.43
CA LYS A 94 -25.11 2.52 -1.28
C LYS A 94 -24.23 3.69 -1.70
N LEU A 95 -23.00 3.42 -2.10
CA LEU A 95 -22.06 4.51 -2.51
C LEU A 95 -22.01 4.61 -4.04
N PRO A 96 -21.51 5.73 -4.55
CA PRO A 96 -21.41 5.89 -6.02
C PRO A 96 -20.54 4.78 -6.64
N HIS A 97 -20.84 4.39 -7.85
CA HIS A 97 -20.05 3.31 -8.51
C HIS A 97 -19.28 3.87 -9.71
N PHE A 98 -18.40 3.08 -10.28
CA PHE A 98 -17.60 3.56 -11.45
C PHE A 98 -17.96 2.75 -12.71
N SER A 99 -17.88 3.36 -13.86
CA SER A 99 -18.24 2.65 -15.13
C SER A 99 -17.36 1.42 -15.31
N ASN A 100 -16.11 1.50 -14.90
CA ASN A 100 -15.17 0.33 -15.03
C ASN A 100 -15.11 -0.15 -16.49
N ILE A 101 -15.00 0.76 -17.42
CA ILE A 101 -14.95 0.38 -18.86
C ILE A 101 -13.76 -0.56 -19.14
N LEU A 102 -12.72 -0.43 -18.37
CA LEU A 102 -11.51 -1.30 -18.56
C LEU A 102 -11.89 -2.77 -18.33
N GLY A 103 -12.79 -3.03 -17.42
CA GLY A 103 -13.22 -4.44 -17.15
C GLY A 103 -14.17 -4.91 -18.24
N GLY A 1 3.89 -16.94 4.43
CA GLY A 1 3.04 -15.91 3.77
C GLY A 1 1.56 -16.24 4.00
N ALA A 2 0.91 -15.50 4.87
CA ALA A 2 -0.54 -15.74 5.15
C ALA A 2 -1.36 -15.54 3.88
N MET A 3 -0.94 -14.64 3.02
CA MET A 3 -1.69 -14.40 1.76
C MET A 3 -0.72 -13.93 0.67
N GLY A 4 -1.05 -14.17 -0.58
CA GLY A 4 -0.15 -13.78 -1.70
C GLY A 4 -0.92 -12.92 -2.72
N PRO A 5 -1.14 -11.66 -2.42
CA PRO A 5 -1.83 -10.77 -3.38
C PRO A 5 -1.00 -10.64 -4.66
N THR A 6 -1.64 -10.77 -5.80
CA THR A 6 -0.89 -10.63 -7.10
C THR A 6 -1.80 -10.01 -8.18
N ASP A 7 -2.90 -9.40 -7.80
CA ASP A 7 -3.80 -8.77 -8.81
C ASP A 7 -3.26 -7.40 -9.23
N GLN A 8 -3.38 -7.07 -10.49
CA GLN A 8 -2.98 -5.70 -10.95
C GLN A 8 -3.89 -4.63 -10.36
N ASP A 9 -5.02 -5.01 -9.82
CA ASP A 9 -5.94 -4.01 -9.20
C ASP A 9 -5.29 -3.38 -7.96
N TRP A 10 -4.38 -4.07 -7.32
CA TRP A 10 -3.74 -3.51 -6.09
C TRP A 10 -2.69 -2.47 -6.44
N ILE A 11 -2.27 -2.37 -7.70
CA ILE A 11 -1.14 -1.43 -8.04
C ILE A 11 -1.50 0.00 -7.60
N GLY A 12 -0.59 0.66 -6.92
CA GLY A 12 -0.85 2.04 -6.43
C GLY A 12 -1.59 2.04 -5.08
N CYS A 13 -1.92 0.89 -4.52
CA CYS A 13 -2.60 0.88 -3.18
C CYS A 13 -1.57 1.01 -2.05
N ALA A 14 -1.99 1.51 -0.91
CA ALA A 14 -1.02 1.77 0.20
C ALA A 14 -0.90 0.53 1.10
N VAL A 15 0.29 -0.02 1.22
CA VAL A 15 0.46 -1.25 2.06
C VAL A 15 1.70 -1.15 2.94
N SER A 16 1.77 -1.93 3.97
CA SER A 16 2.99 -1.96 4.84
C SER A 16 3.52 -3.39 4.94
N ILE A 17 4.82 -3.55 4.94
CA ILE A 17 5.40 -4.92 4.88
C ILE A 17 6.31 -5.15 6.09
N ALA A 18 6.03 -6.16 6.86
CA ALA A 18 6.93 -6.50 8.01
C ALA A 18 7.88 -7.63 7.61
N CYS A 19 9.13 -7.32 7.46
CA CYS A 19 10.14 -8.37 7.09
C CYS A 19 10.85 -8.87 8.36
N ASP A 20 11.56 -9.96 8.27
CA ASP A 20 12.26 -10.51 9.48
C ASP A 20 13.22 -9.45 10.07
N GLU A 21 13.71 -9.68 11.25
CA GLU A 21 14.37 -8.59 12.04
C GLU A 21 15.51 -7.92 11.23
N VAL A 22 16.20 -8.69 10.42
CA VAL A 22 17.36 -8.11 9.67
C VAL A 22 16.85 -7.21 8.52
N LEU A 23 15.67 -7.46 8.04
CA LEU A 23 15.09 -6.61 6.95
C LEU A 23 14.29 -5.43 7.51
N GLY A 24 13.92 -5.48 8.77
CA GLY A 24 13.15 -4.35 9.38
C GLY A 24 11.78 -4.22 8.71
N VAL A 25 11.23 -3.03 8.71
CA VAL A 25 9.85 -2.83 8.15
C VAL A 25 9.85 -1.63 7.21
N PHE A 26 9.18 -1.74 6.08
CA PHE A 26 9.03 -0.55 5.19
C PHE A 26 7.57 -0.35 4.79
N GLN A 27 7.21 0.83 4.40
CA GLN A 27 5.82 1.10 3.91
C GLN A 27 5.87 1.95 2.65
N GLY A 28 4.94 1.76 1.74
CA GLY A 28 4.99 2.48 0.44
C GLY A 28 3.76 2.15 -0.40
N LEU A 29 3.55 2.87 -1.46
CA LEU A 29 2.46 2.51 -2.42
C LEU A 29 3.00 1.55 -3.49
N ILE A 30 2.25 0.53 -3.78
CA ILE A 30 2.72 -0.52 -4.75
C ILE A 30 2.83 0.07 -6.16
N LYS A 31 3.89 -0.25 -6.86
CA LYS A 31 3.99 0.12 -8.31
C LYS A 31 3.81 -1.12 -9.18
N GLN A 32 4.15 -2.28 -8.66
CA GLN A 32 4.01 -3.54 -9.47
C GLN A 32 3.95 -4.74 -8.52
N ILE A 33 3.27 -5.79 -8.92
CA ILE A 33 3.13 -6.99 -8.03
C ILE A 33 3.27 -8.27 -8.85
N SER A 34 3.99 -9.23 -8.33
CA SER A 34 4.08 -10.57 -8.99
C SER A 34 4.19 -11.66 -7.93
N ALA A 35 3.85 -12.87 -8.27
CA ALA A 35 3.74 -13.95 -7.23
C ALA A 35 5.05 -14.11 -6.45
N GLU A 36 6.16 -13.71 -7.02
CA GLU A 36 7.48 -13.95 -6.36
C GLU A 36 7.88 -12.76 -5.48
N GLU A 37 7.41 -11.58 -5.78
CA GLU A 37 7.91 -10.36 -5.05
C GLU A 37 6.88 -9.23 -5.11
N ILE A 38 6.96 -8.30 -4.19
CA ILE A 38 6.11 -7.07 -4.27
C ILE A 38 7.00 -5.84 -4.50
N THR A 39 6.58 -4.92 -5.33
CA THR A 39 7.44 -3.74 -5.65
C THR A 39 6.70 -2.44 -5.31
N ILE A 40 7.34 -1.55 -4.59
CA ILE A 40 6.68 -0.26 -4.18
C ILE A 40 7.62 0.93 -4.43
N VAL A 41 7.12 2.12 -4.29
CA VAL A 41 7.94 3.35 -4.58
C VAL A 41 7.94 4.31 -3.38
N ARG A 42 8.86 5.23 -3.35
CA ARG A 42 9.01 6.15 -2.16
C ARG A 42 9.12 5.35 -0.87
N ALA A 43 10.21 4.63 -0.71
CA ALA A 43 10.35 3.70 0.46
C ALA A 43 10.48 4.48 1.78
N PHE A 44 9.65 4.18 2.74
CA PHE A 44 9.88 4.65 4.13
C PHE A 44 10.16 3.45 5.04
N ARG A 45 11.18 3.52 5.84
CA ARG A 45 11.56 2.35 6.69
C ARG A 45 11.86 2.81 8.12
N ASN A 46 11.51 2.01 9.09
CA ASN A 46 11.77 2.37 10.54
C ASN A 46 11.23 3.78 10.85
N GLY A 47 10.08 4.11 10.33
CA GLY A 47 9.43 5.41 10.67
C GLY A 47 10.31 6.59 10.22
N VAL A 48 11.20 6.38 9.27
CA VAL A 48 12.00 7.51 8.72
C VAL A 48 12.20 7.31 7.20
N PRO A 49 12.35 8.41 6.47
CA PRO A 49 12.44 8.31 4.98
C PRO A 49 13.77 7.68 4.56
N LEU A 50 13.73 6.77 3.63
CA LEU A 50 15.00 6.17 3.10
C LEU A 50 15.68 7.12 2.12
N ARG A 51 16.98 7.10 2.05
CA ARG A 51 17.71 7.92 1.03
C ARG A 51 17.30 7.45 -0.38
N LYS A 52 17.40 8.33 -1.35
CA LYS A 52 16.95 7.99 -2.75
C LYS A 52 15.48 7.53 -2.73
N GLN A 53 14.59 8.39 -2.28
CA GLN A 53 13.14 8.02 -2.17
C GLN A 53 12.60 7.57 -3.54
N ASN A 54 13.18 8.06 -4.61
CA ASN A 54 12.71 7.67 -5.97
C ASN A 54 13.11 6.22 -6.30
N ALA A 55 13.99 5.62 -5.52
CA ALA A 55 14.40 4.20 -5.80
C ALA A 55 13.27 3.25 -5.41
N GLU A 56 13.07 2.22 -6.19
CA GLU A 56 11.96 1.25 -5.91
C GLU A 56 12.44 0.14 -4.97
N VAL A 57 11.58 -0.32 -4.08
CA VAL A 57 11.94 -1.47 -3.20
C VAL A 57 11.28 -2.74 -3.72
N VAL A 58 12.04 -3.77 -3.96
CA VAL A 58 11.45 -5.07 -4.42
C VAL A 58 11.86 -6.18 -3.46
N LEU A 59 10.92 -6.70 -2.72
CA LEU A 59 11.25 -7.69 -1.66
C LEU A 59 10.41 -8.95 -1.81
N LYS A 60 11.01 -10.11 -1.70
CA LYS A 60 10.27 -11.38 -1.93
C LYS A 60 9.35 -11.70 -0.75
N CYS A 61 8.18 -12.22 -1.02
CA CYS A 61 7.26 -12.65 0.08
C CYS A 61 7.95 -13.63 1.04
N THR A 62 8.85 -14.42 0.52
CA THR A 62 9.55 -15.43 1.38
C THR A 62 10.39 -14.73 2.45
N ASP A 63 10.82 -13.52 2.17
CA ASP A 63 11.59 -12.74 3.19
C ASP A 63 10.62 -11.95 4.08
N ILE A 64 9.46 -11.62 3.56
CA ILE A 64 8.43 -10.92 4.38
C ILE A 64 7.65 -11.93 5.21
N ARG A 65 7.36 -11.60 6.45
CA ARG A 65 6.58 -12.54 7.32
C ARG A 65 5.13 -12.08 7.47
N SER A 66 4.83 -10.83 7.15
CA SER A 66 3.40 -10.38 7.22
C SER A 66 3.20 -9.12 6.37
N ILE A 67 2.02 -8.97 5.80
CA ILE A 67 1.73 -7.74 4.97
C ILE A 67 0.30 -7.26 5.26
N ASP A 68 0.10 -5.97 5.23
CA ASP A 68 -1.27 -5.41 5.49
C ASP A 68 -1.59 -4.27 4.52
N LEU A 69 -2.74 -4.29 3.91
CA LEU A 69 -3.18 -3.13 3.07
C LEU A 69 -3.67 -1.99 3.98
N ILE A 70 -2.95 -0.88 4.00
CA ILE A 70 -3.37 0.26 4.87
C ILE A 70 -4.55 1.01 4.24
N GLU A 71 -4.45 1.30 2.97
CA GLU A 71 -5.53 2.08 2.29
C GLU A 71 -5.85 1.46 0.92
N PRO A 72 -6.90 0.66 0.85
CA PRO A 72 -7.29 0.06 -0.45
C PRO A 72 -7.71 1.14 -1.44
N ALA A 73 -7.29 1.00 -2.68
CA ALA A 73 -7.70 1.98 -3.74
C ALA A 73 -9.16 1.74 -4.19
N LYS A 74 -9.74 0.61 -3.85
CA LYS A 74 -11.11 0.28 -4.35
C LYS A 74 -12.12 1.36 -3.93
N GLN A 75 -11.94 1.94 -2.77
CA GLN A 75 -12.98 2.87 -2.22
C GLN A 75 -13.20 4.06 -3.18
N ASP A 76 -12.14 4.73 -3.58
CA ASP A 76 -12.29 5.92 -4.46
C ASP A 76 -12.70 5.50 -5.88
N LEU A 77 -12.22 4.37 -6.34
CA LEU A 77 -12.56 3.91 -7.73
C LEU A 77 -14.07 3.69 -7.88
N ASP A 78 -14.70 3.19 -6.85
CA ASP A 78 -16.16 2.90 -6.92
C ASP A 78 -16.75 2.71 -5.51
N GLY A 79 -18.00 2.33 -5.42
CA GLY A 79 -18.64 2.10 -4.09
C GLY A 79 -19.21 3.41 -3.56
N HIS A 80 -19.63 4.29 -4.45
CA HIS A 80 -20.22 5.59 -4.00
C HIS A 80 -21.72 5.62 -4.34
N THR A 81 -22.54 5.94 -3.38
CA THR A 81 -24.02 6.02 -3.63
C THR A 81 -24.58 7.35 -3.15
N ALA A 82 -25.71 7.75 -3.65
CA ALA A 82 -26.35 9.03 -3.18
C ALA A 82 -27.08 8.80 -1.84
N PRO A 83 -27.89 7.77 -1.75
CA PRO A 83 -28.60 7.47 -0.47
C PRO A 83 -27.58 7.24 0.66
N PRO A 84 -28.04 7.22 1.90
CA PRO A 84 -27.13 7.00 3.04
C PRO A 84 -26.45 5.62 2.94
N PRO A 85 -25.34 5.44 3.63
CA PRO A 85 -24.62 4.14 3.56
C PRO A 85 -25.52 3.00 4.04
N VAL A 86 -25.25 1.80 3.59
CA VAL A 86 -26.10 0.62 4.00
C VAL A 86 -26.05 0.46 5.52
N VAL A 87 -24.89 0.65 6.11
CA VAL A 87 -24.79 0.55 7.60
C VAL A 87 -24.13 1.81 8.17
N ASN A 88 -24.56 2.22 9.35
CA ASN A 88 -23.98 3.46 9.97
C ASN A 88 -24.14 3.41 11.49
N LYS A 89 -23.74 4.46 12.16
CA LYS A 89 -23.92 4.51 13.65
C LYS A 89 -25.41 4.55 14.01
N PRO A 90 -25.74 4.27 15.26
CA PRO A 90 -27.17 4.25 15.68
C PRO A 90 -27.83 5.61 15.40
N THR A 91 -29.09 5.59 15.03
CA THR A 91 -29.81 6.87 14.73
C THR A 91 -31.06 7.00 15.63
N PRO A 92 -30.95 7.79 16.68
CA PRO A 92 -32.11 7.96 17.61
C PRO A 92 -33.33 8.51 16.85
N VAL A 93 -33.10 9.22 15.76
CA VAL A 93 -34.24 9.78 14.98
C VAL A 93 -34.07 9.46 13.48
N LYS A 94 -35.14 9.16 12.80
CA LYS A 94 -35.06 8.84 11.34
C LYS A 94 -35.51 10.06 10.53
N LEU A 95 -34.85 10.31 9.41
CA LEU A 95 -35.24 11.48 8.56
C LEU A 95 -36.52 11.16 7.76
N PRO A 96 -37.39 12.13 7.60
CA PRO A 96 -38.63 11.91 6.81
C PRO A 96 -38.28 11.56 5.36
N HIS A 97 -39.09 10.73 4.74
CA HIS A 97 -38.83 10.36 3.31
C HIS A 97 -40.04 10.71 2.44
N PHE A 98 -39.81 11.38 1.34
CA PHE A 98 -40.95 11.75 0.43
C PHE A 98 -41.65 10.50 -0.08
N SER A 99 -40.89 9.50 -0.47
CA SER A 99 -41.49 8.24 -1.00
C SER A 99 -40.88 7.02 -0.31
N ASN A 100 -41.58 5.91 -0.31
CA ASN A 100 -41.04 4.67 0.35
C ASN A 100 -39.70 4.28 -0.27
N ILE A 101 -39.52 4.51 -1.54
CA ILE A 101 -38.24 4.15 -2.22
C ILE A 101 -37.54 5.41 -2.71
N LEU A 102 -36.26 5.56 -2.41
CA LEU A 102 -35.52 6.79 -2.84
C LEU A 102 -35.51 6.91 -4.37
N GLY A 103 -35.37 5.80 -5.05
CA GLY A 103 -35.38 5.83 -6.54
C GLY A 103 -33.93 5.93 -7.06
N GLY A 1 -6.00 -15.09 -5.06
CA GLY A 1 -4.82 -14.56 -4.31
C GLY A 1 -4.91 -14.97 -2.85
N ALA A 2 -5.34 -16.18 -2.59
CA ALA A 2 -5.46 -16.65 -1.18
C ALA A 2 -4.09 -16.66 -0.50
N MET A 3 -3.06 -16.94 -1.25
CA MET A 3 -1.68 -16.98 -0.66
C MET A 3 -1.11 -15.55 -0.55
N GLY A 4 -1.37 -14.73 -1.54
CA GLY A 4 -0.86 -13.33 -1.50
C GLY A 4 -1.64 -12.46 -2.50
N PRO A 5 -1.77 -11.18 -2.21
CA PRO A 5 -2.49 -10.27 -3.15
C PRO A 5 -1.69 -10.12 -4.45
N THR A 6 -1.88 -11.02 -5.38
CA THR A 6 -1.13 -10.95 -6.67
C THR A 6 -1.94 -10.23 -7.75
N ASP A 7 -3.07 -9.65 -7.40
CA ASP A 7 -3.93 -8.98 -8.44
C ASP A 7 -3.35 -7.61 -8.81
N GLN A 8 -3.41 -7.25 -10.06
CA GLN A 8 -2.94 -5.89 -10.49
C GLN A 8 -3.91 -4.79 -10.05
N ASP A 9 -5.03 -5.15 -9.47
CA ASP A 9 -5.98 -4.10 -8.95
C ASP A 9 -5.36 -3.38 -7.75
N TRP A 10 -4.44 -4.02 -7.05
CA TRP A 10 -3.83 -3.37 -5.85
C TRP A 10 -2.80 -2.31 -6.25
N ILE A 11 -2.37 -2.28 -7.50
CA ILE A 11 -1.26 -1.34 -7.88
C ILE A 11 -1.62 0.10 -7.49
N GLY A 12 -0.71 0.78 -6.83
CA GLY A 12 -1.00 2.17 -6.34
C GLY A 12 -1.74 2.17 -4.99
N CYS A 13 -2.03 1.01 -4.42
CA CYS A 13 -2.68 1.00 -3.07
C CYS A 13 -1.61 1.12 -1.96
N ALA A 14 -1.99 1.62 -0.80
CA ALA A 14 -0.99 1.86 0.28
C ALA A 14 -0.88 0.62 1.18
N VAL A 15 0.30 0.03 1.26
CA VAL A 15 0.47 -1.20 2.10
C VAL A 15 1.75 -1.11 2.94
N SER A 16 1.82 -1.90 3.98
CA SER A 16 3.06 -1.92 4.83
C SER A 16 3.57 -3.35 4.93
N ILE A 17 4.87 -3.53 4.86
CA ILE A 17 5.44 -4.91 4.84
C ILE A 17 6.36 -5.10 6.04
N ALA A 18 6.06 -6.07 6.87
CA ALA A 18 6.94 -6.36 8.04
C ALA A 18 7.85 -7.56 7.72
N CYS A 19 9.12 -7.32 7.58
CA CYS A 19 10.09 -8.43 7.36
C CYS A 19 10.68 -8.86 8.70
N ASP A 20 11.35 -9.99 8.74
CA ASP A 20 11.93 -10.49 10.03
C ASP A 20 12.91 -9.45 10.59
N GLU A 21 13.32 -9.62 11.82
CA GLU A 21 14.00 -8.50 12.57
C GLU A 21 15.20 -7.94 11.79
N VAL A 22 15.91 -8.78 11.08
CA VAL A 22 17.14 -8.32 10.36
C VAL A 22 16.75 -7.48 9.13
N LEU A 23 15.58 -7.71 8.59
CA LEU A 23 15.14 -6.94 7.39
C LEU A 23 14.38 -5.67 7.78
N GLY A 24 13.95 -5.55 9.02
CA GLY A 24 13.21 -4.33 9.46
C GLY A 24 11.87 -4.22 8.73
N VAL A 25 11.33 -3.03 8.64
CA VAL A 25 9.97 -2.86 8.03
C VAL A 25 9.99 -1.70 7.04
N PHE A 26 9.31 -1.83 5.93
CA PHE A 26 9.19 -0.69 4.97
C PHE A 26 7.73 -0.48 4.57
N GLN A 27 7.39 0.72 4.16
CA GLN A 27 6.00 1.01 3.73
C GLN A 27 6.02 1.87 2.46
N GLY A 28 5.05 1.71 1.60
CA GLY A 28 5.05 2.45 0.30
C GLY A 28 3.77 2.16 -0.47
N LEU A 29 3.53 2.89 -1.53
CA LEU A 29 2.40 2.56 -2.44
C LEU A 29 2.88 1.60 -3.53
N ILE A 30 2.12 0.57 -3.80
CA ILE A 30 2.58 -0.49 -4.76
C ILE A 30 2.71 0.09 -6.17
N LYS A 31 3.76 -0.26 -6.86
CA LYS A 31 3.91 0.12 -8.29
C LYS A 31 3.76 -1.12 -9.18
N GLN A 32 4.09 -2.27 -8.67
CA GLN A 32 3.96 -3.53 -9.46
C GLN A 32 3.91 -4.73 -8.53
N ILE A 33 3.21 -5.78 -8.93
CA ILE A 33 3.09 -6.99 -8.06
C ILE A 33 3.21 -8.25 -8.92
N SER A 34 3.94 -9.22 -8.43
CA SER A 34 4.03 -10.53 -9.14
C SER A 34 4.18 -11.66 -8.13
N ALA A 35 3.84 -12.86 -8.51
CA ALA A 35 3.76 -13.99 -7.50
C ALA A 35 5.08 -14.14 -6.74
N GLU A 36 6.18 -13.71 -7.30
CA GLU A 36 7.52 -13.97 -6.67
C GLU A 36 7.92 -12.80 -5.75
N GLU A 37 7.43 -11.61 -6.01
CA GLU A 37 7.92 -10.42 -5.24
C GLU A 37 6.87 -9.29 -5.26
N ILE A 38 6.95 -8.39 -4.31
CA ILE A 38 6.09 -7.16 -4.35
C ILE A 38 6.98 -5.92 -4.52
N THR A 39 6.56 -4.97 -5.32
CA THR A 39 7.42 -3.78 -5.58
C THR A 39 6.64 -2.48 -5.28
N ILE A 40 7.22 -1.58 -4.53
CA ILE A 40 6.55 -0.29 -4.24
C ILE A 40 7.53 0.88 -4.43
N VAL A 41 7.04 2.09 -4.41
CA VAL A 41 7.91 3.28 -4.69
C VAL A 41 7.85 4.29 -3.54
N ARG A 42 8.81 5.20 -3.48
CA ARG A 42 8.92 6.15 -2.31
C ARG A 42 9.11 5.34 -1.02
N ALA A 43 10.23 4.68 -0.91
CA ALA A 43 10.45 3.74 0.25
C ALA A 43 10.55 4.50 1.57
N PHE A 44 9.73 4.13 2.52
CA PHE A 44 9.93 4.60 3.92
C PHE A 44 10.28 3.40 4.81
N ARG A 45 11.30 3.51 5.62
CA ARG A 45 11.75 2.35 6.43
C ARG A 45 12.02 2.78 7.88
N ASN A 46 11.70 1.94 8.83
CA ASN A 46 11.96 2.28 10.27
C ASN A 46 11.32 3.63 10.64
N GLY A 47 10.15 3.89 10.14
CA GLY A 47 9.41 5.14 10.53
C GLY A 47 10.21 6.39 10.12
N VAL A 48 11.10 6.27 9.16
CA VAL A 48 11.81 7.48 8.64
C VAL A 48 12.01 7.34 7.11
N PRO A 49 12.08 8.45 6.41
CA PRO A 49 12.18 8.40 4.93
C PRO A 49 13.58 7.92 4.51
N LEU A 50 13.66 7.07 3.52
CA LEU A 50 15.00 6.64 3.00
C LEU A 50 15.59 7.73 2.11
N ARG A 51 16.89 7.87 2.10
CA ARG A 51 17.55 8.99 1.34
C ARG A 51 17.14 8.95 -0.14
N LYS A 52 17.01 7.78 -0.70
CA LYS A 52 16.61 7.66 -2.14
C LYS A 52 15.11 7.43 -2.26
N GLN A 53 14.32 8.49 -2.14
CA GLN A 53 12.84 8.34 -2.26
C GLN A 53 12.47 7.83 -3.65
N ASN A 54 13.24 8.18 -4.65
CA ASN A 54 12.94 7.74 -6.04
C ASN A 54 13.21 6.23 -6.22
N ALA A 55 14.04 5.66 -5.37
CA ALA A 55 14.42 4.22 -5.54
C ALA A 55 13.25 3.32 -5.13
N GLU A 56 12.99 2.28 -5.90
CA GLU A 56 11.86 1.36 -5.59
C GLU A 56 12.33 0.23 -4.66
N VAL A 57 11.45 -0.26 -3.82
CA VAL A 57 11.78 -1.45 -2.97
C VAL A 57 11.17 -2.70 -3.59
N VAL A 58 11.98 -3.69 -3.89
CA VAL A 58 11.43 -4.99 -4.40
C VAL A 58 11.89 -6.12 -3.50
N LEU A 59 10.97 -6.71 -2.79
CA LEU A 59 11.34 -7.72 -1.76
C LEU A 59 10.53 -9.01 -1.96
N LYS A 60 11.17 -10.15 -1.84
CA LYS A 60 10.48 -11.45 -2.09
C LYS A 60 9.53 -11.80 -0.95
N CYS A 61 8.39 -12.36 -1.25
CA CYS A 61 7.44 -12.79 -0.18
C CYS A 61 8.12 -13.74 0.81
N THR A 62 9.07 -14.52 0.35
CA THR A 62 9.74 -15.51 1.24
C THR A 62 10.52 -14.78 2.35
N ASP A 63 10.94 -13.57 2.09
CA ASP A 63 11.67 -12.78 3.13
C ASP A 63 10.68 -11.98 3.99
N ILE A 64 9.51 -11.72 3.48
CA ILE A 64 8.48 -10.98 4.28
C ILE A 64 7.77 -11.92 5.25
N ARG A 65 7.45 -11.45 6.43
CA ARG A 65 6.75 -12.32 7.43
C ARG A 65 5.25 -12.01 7.43
N SER A 66 4.88 -10.78 7.18
CA SER A 66 3.42 -10.43 7.17
C SER A 66 3.20 -9.12 6.40
N ILE A 67 2.03 -8.95 5.83
CA ILE A 67 1.75 -7.72 5.02
C ILE A 67 0.33 -7.22 5.31
N ASP A 68 0.13 -5.93 5.30
CA ASP A 68 -1.22 -5.36 5.57
C ASP A 68 -1.54 -4.22 4.60
N LEU A 69 -2.72 -4.21 4.03
CA LEU A 69 -3.16 -3.02 3.23
C LEU A 69 -3.59 -1.89 4.17
N ILE A 70 -2.87 -0.80 4.18
CA ILE A 70 -3.25 0.34 5.09
C ILE A 70 -4.42 1.11 4.49
N GLU A 71 -4.36 1.39 3.22
CA GLU A 71 -5.46 2.17 2.55
C GLU A 71 -5.79 1.56 1.18
N PRO A 72 -6.88 0.81 1.11
CA PRO A 72 -7.28 0.20 -0.18
C PRO A 72 -7.54 1.28 -1.23
N ALA A 73 -8.07 2.41 -0.82
CA ALA A 73 -8.35 3.54 -1.76
C ALA A 73 -9.30 3.10 -2.89
N LYS A 74 -8.78 2.50 -3.94
CA LYS A 74 -9.63 2.16 -5.12
C LYS A 74 -10.80 1.27 -4.72
N GLN A 75 -10.61 0.39 -3.75
CA GLN A 75 -11.70 -0.55 -3.35
C GLN A 75 -12.62 0.09 -2.32
N ASP A 76 -13.88 0.23 -2.62
CA ASP A 76 -14.84 0.82 -1.65
C ASP A 76 -16.29 0.48 -2.06
N LEU A 77 -17.23 0.76 -1.20
CA LEU A 77 -18.66 0.46 -1.54
C LEU A 77 -19.38 1.73 -1.98
N ASP A 78 -19.90 1.74 -3.19
CA ASP A 78 -20.61 2.95 -3.71
C ASP A 78 -21.89 3.21 -2.91
N GLY A 79 -22.67 2.17 -2.68
CA GLY A 79 -23.95 2.34 -1.92
C GLY A 79 -23.74 1.87 -0.48
N HIS A 80 -24.81 1.88 0.31
CA HIS A 80 -24.70 1.38 1.71
C HIS A 80 -25.66 0.21 1.93
N THR A 81 -25.13 -0.94 2.26
CA THR A 81 -26.00 -2.12 2.56
C THR A 81 -25.36 -2.98 3.66
N ALA A 82 -26.17 -3.73 4.39
CA ALA A 82 -25.62 -4.60 5.49
C ALA A 82 -24.73 -3.79 6.44
N PRO A 83 -24.09 -4.46 7.38
CA PRO A 83 -23.17 -3.74 8.32
C PRO A 83 -22.03 -3.06 7.53
N PRO A 84 -21.70 -1.83 7.90
CA PRO A 84 -20.65 -1.09 7.14
C PRO A 84 -19.27 -1.75 7.36
N PRO A 85 -18.38 -1.61 6.39
CA PRO A 85 -17.03 -2.19 6.53
C PRO A 85 -16.31 -1.58 7.74
N VAL A 86 -15.53 -2.37 8.43
CA VAL A 86 -14.81 -1.86 9.65
C VAL A 86 -13.32 -2.20 9.56
N VAL A 87 -12.50 -1.49 10.31
CA VAL A 87 -11.03 -1.75 10.28
C VAL A 87 -10.51 -1.93 11.72
N ASN A 88 -9.34 -2.51 11.85
CA ASN A 88 -8.77 -2.76 13.22
C ASN A 88 -8.16 -1.47 13.77
N LYS A 89 -8.70 -0.97 14.86
CA LYS A 89 -8.18 0.30 15.46
C LYS A 89 -7.84 0.08 16.96
N PRO A 90 -7.18 1.05 17.55
CA PRO A 90 -6.80 0.92 19.00
C PRO A 90 -8.06 0.72 19.86
N THR A 91 -7.93 -0.02 20.94
CA THR A 91 -9.11 -0.29 21.81
C THR A 91 -9.57 1.00 22.51
N PRO A 92 -10.87 1.18 22.65
CA PRO A 92 -11.39 2.41 23.32
C PRO A 92 -10.88 2.49 24.76
N VAL A 93 -10.61 1.36 25.37
CA VAL A 93 -10.12 1.36 26.78
C VAL A 93 -8.91 0.44 26.91
N LYS A 94 -7.97 0.79 27.77
CA LYS A 94 -6.75 -0.05 27.95
C LYS A 94 -7.04 -1.23 28.89
N LEU A 95 -6.56 -2.40 28.56
CA LEU A 95 -6.82 -3.59 29.41
C LEU A 95 -5.62 -3.87 30.33
N PRO A 96 -5.84 -4.62 31.39
CA PRO A 96 -4.74 -4.94 32.34
C PRO A 96 -3.62 -5.70 31.62
N HIS A 97 -2.41 -5.60 32.10
CA HIS A 97 -1.27 -6.33 31.47
C HIS A 97 -0.69 -7.36 32.45
N PHE A 98 0.29 -8.12 32.01
CA PHE A 98 0.89 -9.16 32.91
C PHE A 98 1.47 -8.50 34.18
N SER A 99 1.92 -7.27 34.06
CA SER A 99 2.44 -6.55 35.25
C SER A 99 1.33 -6.36 36.29
N ASN A 100 0.10 -6.31 35.85
CA ASN A 100 -1.05 -6.13 36.80
C ASN A 100 -1.41 -7.47 37.45
N ILE A 101 -1.67 -7.46 38.73
CA ILE A 101 -1.99 -8.74 39.46
C ILE A 101 -3.26 -9.36 38.87
N LEU A 102 -4.20 -8.54 38.47
CA LEU A 102 -5.47 -9.07 37.89
C LEU A 102 -5.38 -9.08 36.37
N GLY A 103 -5.92 -10.10 35.73
CA GLY A 103 -5.86 -10.18 34.24
C GLY A 103 -4.54 -10.83 33.81
N GLY A 1 -1.36 -21.08 2.78
CA GLY A 1 -1.85 -19.90 2.00
C GLY A 1 -1.25 -19.92 0.60
N ALA A 2 -1.60 -20.90 -0.19
CA ALA A 2 -1.06 -20.99 -1.58
C ALA A 2 -1.48 -19.76 -2.40
N MET A 3 -2.66 -19.24 -2.12
CA MET A 3 -3.15 -18.05 -2.88
C MET A 3 -2.67 -16.77 -2.19
N GLY A 4 -2.18 -15.83 -2.96
CA GLY A 4 -1.70 -14.54 -2.38
C GLY A 4 -2.23 -13.36 -3.20
N PRO A 5 -2.22 -12.17 -2.63
CA PRO A 5 -2.72 -10.99 -3.37
C PRO A 5 -1.74 -10.62 -4.50
N THR A 6 -1.66 -11.46 -5.51
CA THR A 6 -0.73 -11.18 -6.64
C THR A 6 -1.46 -10.47 -7.79
N ASP A 7 -2.65 -9.97 -7.55
CA ASP A 7 -3.44 -9.33 -8.65
C ASP A 7 -2.93 -7.91 -8.94
N GLN A 8 -2.97 -7.50 -10.18
CA GLN A 8 -2.54 -6.11 -10.53
C GLN A 8 -3.57 -5.05 -10.09
N ASP A 9 -4.68 -5.47 -9.54
CA ASP A 9 -5.69 -4.48 -9.03
C ASP A 9 -5.14 -3.72 -7.82
N TRP A 10 -4.22 -4.31 -7.10
CA TRP A 10 -3.66 -3.64 -5.89
C TRP A 10 -2.65 -2.55 -6.26
N ILE A 11 -2.18 -2.50 -7.49
CA ILE A 11 -1.07 -1.56 -7.84
C ILE A 11 -1.44 -0.12 -7.46
N GLY A 12 -0.54 0.58 -6.83
CA GLY A 12 -0.83 1.97 -6.37
C GLY A 12 -1.55 1.99 -5.01
N CYS A 13 -1.83 0.84 -4.41
CA CYS A 13 -2.50 0.85 -3.06
C CYS A 13 -1.45 1.02 -1.94
N ALA A 14 -1.86 1.52 -0.81
CA ALA A 14 -0.90 1.81 0.30
C ALA A 14 -0.80 0.60 1.23
N VAL A 15 0.37 0.02 1.38
CA VAL A 15 0.51 -1.18 2.25
C VAL A 15 1.75 -1.06 3.15
N SER A 16 1.75 -1.76 4.25
CA SER A 16 2.96 -1.80 5.12
C SER A 16 3.49 -3.24 5.19
N ILE A 17 4.79 -3.40 5.16
CA ILE A 17 5.37 -4.77 5.09
C ILE A 17 6.32 -5.00 6.25
N ALA A 18 6.04 -5.99 7.06
CA ALA A 18 6.98 -6.34 8.18
C ALA A 18 7.86 -7.51 7.75
N CYS A 19 9.13 -7.26 7.53
CA CYS A 19 10.07 -8.35 7.15
C CYS A 19 10.79 -8.87 8.40
N ASP A 20 11.46 -9.99 8.30
CA ASP A 20 12.15 -10.58 9.49
C ASP A 20 13.17 -9.59 10.04
N GLU A 21 13.72 -9.88 11.19
CA GLU A 21 14.48 -8.83 11.96
C GLU A 21 15.60 -8.19 11.12
N VAL A 22 16.21 -8.95 10.24
CA VAL A 22 17.37 -8.40 9.45
C VAL A 22 16.86 -7.44 8.36
N LEU A 23 15.64 -7.62 7.92
CA LEU A 23 15.08 -6.74 6.85
C LEU A 23 14.36 -5.52 7.45
N GLY A 24 14.01 -5.57 8.71
CA GLY A 24 13.29 -4.41 9.34
C GLY A 24 11.91 -4.24 8.71
N VAL A 25 11.39 -3.03 8.71
CA VAL A 25 10.01 -2.79 8.19
C VAL A 25 10.01 -1.61 7.22
N PHE A 26 9.27 -1.71 6.14
CA PHE A 26 9.11 -0.53 5.24
C PHE A 26 7.64 -0.32 4.89
N GLN A 27 7.29 0.87 4.47
CA GLN A 27 5.89 1.14 4.03
C GLN A 27 5.93 1.98 2.75
N GLY A 28 5.01 1.76 1.84
CA GLY A 28 5.07 2.46 0.52
C GLY A 28 3.84 2.10 -0.31
N LEU A 29 3.64 2.80 -1.41
CA LEU A 29 2.55 2.42 -2.35
C LEU A 29 3.09 1.43 -3.39
N ILE A 30 2.33 0.40 -3.66
CA ILE A 30 2.79 -0.65 -4.63
C ILE A 30 2.89 -0.06 -6.04
N LYS A 31 3.94 -0.38 -6.75
CA LYS A 31 4.03 0.03 -8.18
C LYS A 31 3.85 -1.19 -9.09
N GLN A 32 4.26 -2.35 -8.62
CA GLN A 32 4.09 -3.60 -9.42
C GLN A 32 4.00 -4.80 -8.49
N ILE A 33 3.30 -5.84 -8.90
CA ILE A 33 3.19 -7.06 -8.04
C ILE A 33 3.29 -8.32 -8.92
N SER A 34 4.00 -9.30 -8.44
CA SER A 34 4.07 -10.61 -9.16
C SER A 34 4.19 -11.74 -8.13
N ALA A 35 3.84 -12.94 -8.51
CA ALA A 35 3.75 -14.06 -7.51
C ALA A 35 5.06 -14.23 -6.74
N GLU A 36 6.17 -13.81 -7.31
CA GLU A 36 7.49 -14.07 -6.67
C GLU A 36 7.92 -12.90 -5.77
N GLU A 37 7.44 -11.71 -6.04
CA GLU A 37 7.96 -10.51 -5.32
C GLU A 37 6.94 -9.36 -5.32
N ILE A 38 7.03 -8.48 -4.36
CA ILE A 38 6.19 -7.23 -4.40
C ILE A 38 7.11 -6.01 -4.53
N THR A 39 6.71 -5.04 -5.33
CA THR A 39 7.60 -3.86 -5.56
C THR A 39 6.85 -2.55 -5.25
N ILE A 40 7.46 -1.66 -4.52
CA ILE A 40 6.78 -0.36 -4.16
C ILE A 40 7.71 0.83 -4.42
N VAL A 41 7.18 2.02 -4.34
CA VAL A 41 7.99 3.25 -4.65
C VAL A 41 7.84 4.29 -3.53
N ARG A 42 8.73 5.26 -3.48
CA ARG A 42 8.74 6.25 -2.35
C ARG A 42 8.86 5.51 -1.01
N ALA A 43 9.89 4.70 -0.88
CA ALA A 43 9.99 3.78 0.30
C ALA A 43 10.26 4.55 1.60
N PHE A 44 9.56 4.20 2.64
CA PHE A 44 9.93 4.67 4.00
C PHE A 44 10.30 3.46 4.87
N ARG A 45 11.30 3.59 5.71
CA ARG A 45 11.75 2.43 6.55
C ARG A 45 11.97 2.88 7.99
N ASN A 46 11.65 2.04 8.94
CA ASN A 46 11.85 2.40 10.39
C ASN A 46 11.16 3.74 10.72
N GLY A 47 9.98 3.95 10.18
CA GLY A 47 9.21 5.19 10.53
C GLY A 47 9.97 6.45 10.11
N VAL A 48 10.89 6.34 9.17
CA VAL A 48 11.56 7.55 8.62
C VAL A 48 11.85 7.35 7.11
N PRO A 49 11.89 8.45 6.36
CA PRO A 49 12.06 8.33 4.88
C PRO A 49 13.46 7.84 4.55
N LEU A 50 13.61 7.05 3.51
CA LEU A 50 14.98 6.63 3.08
C LEU A 50 15.67 7.75 2.32
N ARG A 51 16.99 7.79 2.36
CA ARG A 51 17.73 8.91 1.69
C ARG A 51 17.38 8.97 0.19
N LYS A 52 17.15 7.84 -0.42
CA LYS A 52 16.73 7.82 -1.85
C LYS A 52 15.21 7.71 -1.95
N GLN A 53 14.53 8.83 -1.96
CA GLN A 53 13.04 8.81 -2.04
C GLN A 53 12.57 8.13 -3.33
N ASN A 54 13.31 8.33 -4.41
CA ASN A 54 12.90 7.74 -5.72
C ASN A 54 13.41 6.29 -5.88
N ALA A 55 14.08 5.75 -4.87
CA ALA A 55 14.61 4.35 -5.00
C ALA A 55 13.46 3.34 -4.87
N GLU A 56 13.45 2.35 -5.72
CA GLU A 56 12.36 1.31 -5.66
C GLU A 56 12.75 0.17 -4.71
N VAL A 57 11.82 -0.32 -3.95
CA VAL A 57 12.10 -1.50 -3.06
C VAL A 57 11.45 -2.75 -3.63
N VAL A 58 12.22 -3.79 -3.85
CA VAL A 58 11.62 -5.07 -4.34
C VAL A 58 11.98 -6.20 -3.37
N LEU A 59 10.99 -6.74 -2.70
CA LEU A 59 11.27 -7.75 -1.64
C LEU A 59 10.41 -9.01 -1.86
N LYS A 60 11.00 -10.17 -1.73
CA LYS A 60 10.26 -11.43 -2.01
C LYS A 60 9.29 -11.75 -0.87
N CYS A 61 8.12 -12.24 -1.18
CA CYS A 61 7.15 -12.65 -0.11
C CYS A 61 7.79 -13.65 0.86
N THR A 62 8.69 -14.47 0.38
CA THR A 62 9.35 -15.47 1.27
C THR A 62 10.20 -14.76 2.33
N ASP A 63 10.65 -13.56 2.04
CA ASP A 63 11.45 -12.80 3.05
C ASP A 63 10.52 -11.95 3.93
N ILE A 64 9.34 -11.64 3.46
CA ILE A 64 8.36 -10.88 4.29
C ILE A 64 7.64 -11.83 5.25
N ARG A 65 7.34 -11.37 6.44
CA ARG A 65 6.67 -12.24 7.45
C ARG A 65 5.17 -11.93 7.51
N SER A 66 4.81 -10.68 7.30
CA SER A 66 3.35 -10.31 7.34
C SER A 66 3.12 -8.99 6.61
N ILE A 67 1.94 -8.81 6.05
CA ILE A 67 1.65 -7.57 5.27
C ILE A 67 0.23 -7.08 5.59
N ASP A 68 0.02 -5.78 5.53
CA ASP A 68 -1.34 -5.22 5.79
C ASP A 68 -1.65 -4.12 4.77
N LEU A 69 -2.78 -4.19 4.11
CA LEU A 69 -3.19 -3.09 3.18
C LEU A 69 -3.72 -1.90 3.99
N ILE A 70 -3.02 -0.79 3.95
CA ILE A 70 -3.45 0.40 4.75
C ILE A 70 -4.65 1.08 4.09
N GLU A 71 -4.52 1.46 2.84
CA GLU A 71 -5.63 2.21 2.15
C GLU A 71 -5.84 1.67 0.72
N PRO A 72 -7.08 1.64 0.27
CA PRO A 72 -7.37 1.13 -1.09
C PRO A 72 -6.65 1.98 -2.15
N ALA A 73 -6.28 1.37 -3.25
CA ALA A 73 -5.55 2.11 -4.32
C ALA A 73 -6.49 3.10 -5.03
N LYS A 74 -5.98 4.27 -5.37
CA LYS A 74 -6.80 5.24 -6.16
C LYS A 74 -6.53 5.06 -7.66
N GLN A 75 -7.55 5.21 -8.48
CA GLN A 75 -7.36 5.01 -9.95
C GLN A 75 -6.26 5.93 -10.50
N ASP A 76 -5.44 5.43 -11.39
CA ASP A 76 -4.31 6.24 -11.94
C ASP A 76 -4.78 7.07 -13.13
N LEU A 77 -4.70 8.37 -13.03
CA LEU A 77 -5.10 9.25 -14.18
C LEU A 77 -3.85 9.77 -14.89
N ASP A 78 -3.81 9.66 -16.19
CA ASP A 78 -2.57 10.05 -16.95
C ASP A 78 -2.59 11.55 -17.32
N GLY A 79 -3.46 12.32 -16.74
CA GLY A 79 -3.52 13.78 -17.06
C GLY A 79 -4.21 13.98 -18.41
N HIS A 80 -5.14 13.10 -18.75
CA HIS A 80 -5.87 13.23 -20.06
C HIS A 80 -6.60 14.57 -20.13
N THR A 81 -7.20 14.99 -19.04
CA THR A 81 -7.95 16.28 -19.02
C THR A 81 -6.99 17.43 -18.70
N ALA A 82 -7.42 18.66 -18.94
CA ALA A 82 -6.55 19.83 -18.65
C ALA A 82 -6.19 19.87 -17.15
N PRO A 83 -5.13 20.58 -16.81
CA PRO A 83 -4.68 20.62 -15.39
C PRO A 83 -5.81 21.14 -14.48
N PRO A 84 -6.38 20.28 -13.66
CA PRO A 84 -7.47 20.72 -12.74
C PRO A 84 -6.90 21.62 -11.63
N PRO A 85 -7.78 22.30 -10.89
CA PRO A 85 -7.31 23.16 -9.78
C PRO A 85 -6.51 22.34 -8.76
N VAL A 86 -5.61 22.97 -8.05
CA VAL A 86 -4.76 22.23 -7.06
C VAL A 86 -4.87 22.88 -5.68
N VAL A 87 -4.58 22.13 -4.64
CA VAL A 87 -4.68 22.67 -3.26
C VAL A 87 -3.41 22.35 -2.46
N ASN A 88 -3.03 23.22 -1.56
CA ASN A 88 -1.79 22.98 -0.75
C ASN A 88 -1.95 21.71 0.09
N LYS A 89 -0.89 21.25 0.69
CA LYS A 89 -0.96 19.98 1.50
C LYS A 89 -2.00 20.12 2.62
N PRO A 90 -2.73 19.06 2.90
CA PRO A 90 -3.78 19.12 3.95
C PRO A 90 -3.17 19.50 5.30
N THR A 91 -3.82 20.40 6.02
CA THR A 91 -3.30 20.80 7.37
C THR A 91 -3.62 19.71 8.41
N PRO A 92 -2.67 19.44 9.31
CA PRO A 92 -2.92 18.41 10.35
C PRO A 92 -4.10 18.83 11.24
N VAL A 93 -4.24 20.10 11.49
CA VAL A 93 -5.40 20.60 12.31
C VAL A 93 -6.07 21.78 11.61
N LYS A 94 -7.34 21.99 11.86
CA LYS A 94 -8.08 23.09 11.18
C LYS A 94 -8.59 24.11 12.21
N LEU A 95 -8.43 25.37 11.93
CA LEU A 95 -8.93 26.43 12.87
C LEU A 95 -10.12 27.17 12.23
N PRO A 96 -10.88 27.89 13.03
CA PRO A 96 -12.06 28.62 12.49
C PRO A 96 -11.63 29.63 11.43
N HIS A 97 -12.33 29.67 10.32
CA HIS A 97 -11.97 30.64 9.24
C HIS A 97 -13.24 31.32 8.71
N PHE A 98 -14.28 30.55 8.47
CA PHE A 98 -15.55 31.14 7.95
C PHE A 98 -16.75 30.60 8.73
N SER A 99 -17.81 31.36 8.80
CA SER A 99 -19.01 30.94 9.59
C SER A 99 -19.81 29.86 8.85
N ASN A 100 -19.71 29.84 7.54
CA ASN A 100 -20.52 28.85 6.76
C ASN A 100 -20.14 27.41 7.14
N ILE A 101 -21.11 26.53 7.19
CA ILE A 101 -20.81 25.11 7.56
C ILE A 101 -21.17 24.18 6.40
N LEU A 102 -20.32 23.22 6.11
CA LEU A 102 -20.60 22.27 4.99
C LEU A 102 -21.90 21.49 5.28
N GLY A 103 -22.15 21.19 6.54
CA GLY A 103 -23.38 20.43 6.90
C GLY A 103 -23.08 19.48 8.04
N GLY A 1 -7.53 -12.06 -3.64
CA GLY A 1 -7.46 -13.49 -3.21
C GLY A 1 -7.35 -13.56 -1.69
N ALA A 2 -7.76 -14.66 -1.11
CA ALA A 2 -7.69 -14.81 0.38
C ALA A 2 -6.23 -14.73 0.85
N MET A 3 -5.32 -15.18 0.03
CA MET A 3 -3.86 -15.13 0.39
C MET A 3 -3.02 -14.88 -0.85
N GLY A 4 -1.86 -14.29 -0.67
CA GLY A 4 -0.97 -14.02 -1.84
C GLY A 4 -1.69 -13.10 -2.85
N PRO A 5 -2.03 -11.91 -2.43
CA PRO A 5 -2.70 -10.95 -3.35
C PRO A 5 -1.72 -10.50 -4.44
N THR A 6 -1.51 -11.33 -5.44
CA THR A 6 -0.55 -10.97 -6.54
C THR A 6 -1.29 -10.35 -7.73
N ASP A 7 -2.53 -9.92 -7.54
CA ASP A 7 -3.32 -9.36 -8.68
C ASP A 7 -2.89 -7.92 -8.97
N GLN A 8 -2.94 -7.51 -10.21
CA GLN A 8 -2.53 -6.10 -10.57
C GLN A 8 -3.57 -5.07 -10.13
N ASP A 9 -4.69 -5.50 -9.58
CA ASP A 9 -5.71 -4.52 -9.09
C ASP A 9 -5.19 -3.76 -7.88
N TRP A 10 -4.26 -4.33 -7.14
CA TRP A 10 -3.73 -3.65 -5.93
C TRP A 10 -2.72 -2.55 -6.30
N ILE A 11 -2.24 -2.52 -7.52
CA ILE A 11 -1.11 -1.58 -7.86
C ILE A 11 -1.50 -0.13 -7.50
N GLY A 12 -0.60 0.58 -6.85
CA GLY A 12 -0.90 1.98 -6.41
C GLY A 12 -1.66 2.01 -5.07
N CYS A 13 -1.96 0.87 -4.47
CA CYS A 13 -2.64 0.90 -3.13
C CYS A 13 -1.61 1.06 -2.00
N ALA A 14 -2.02 1.59 -0.87
CA ALA A 14 -1.05 1.84 0.24
C ALA A 14 -0.97 0.62 1.16
N VAL A 15 0.21 0.05 1.31
CA VAL A 15 0.35 -1.17 2.18
C VAL A 15 1.59 -1.05 3.08
N SER A 16 1.61 -1.79 4.15
CA SER A 16 2.82 -1.81 5.03
C SER A 16 3.38 -3.25 5.08
N ILE A 17 4.68 -3.39 5.07
CA ILE A 17 5.27 -4.76 4.96
C ILE A 17 6.20 -5.01 6.14
N ALA A 18 5.92 -6.04 6.91
CA ALA A 18 6.82 -6.40 8.04
C ALA A 18 7.75 -7.54 7.62
N CYS A 19 9.02 -7.24 7.47
CA CYS A 19 10.01 -8.30 7.10
C CYS A 19 10.67 -8.84 8.37
N ASP A 20 11.37 -9.95 8.26
CA ASP A 20 12.00 -10.56 9.48
C ASP A 20 12.99 -9.55 10.10
N GLU A 21 13.46 -9.84 11.29
CA GLU A 21 14.15 -8.79 12.12
C GLU A 21 15.31 -8.14 11.35
N VAL A 22 15.99 -8.88 10.52
CA VAL A 22 17.18 -8.32 9.79
C VAL A 22 16.72 -7.38 8.67
N LEU A 23 15.53 -7.58 8.16
CA LEU A 23 15.02 -6.70 7.06
C LEU A 23 14.24 -5.49 7.62
N GLY A 24 13.85 -5.53 8.87
CA GLY A 24 13.11 -4.37 9.47
C GLY A 24 11.75 -4.20 8.78
N VAL A 25 11.24 -3.00 8.75
CA VAL A 25 9.86 -2.77 8.20
C VAL A 25 9.88 -1.59 7.22
N PHE A 26 9.13 -1.68 6.16
CA PHE A 26 8.95 -0.48 5.28
C PHE A 26 7.48 -0.29 4.91
N GLN A 27 7.12 0.91 4.53
CA GLN A 27 5.71 1.17 4.07
C GLN A 27 5.74 2.04 2.81
N GLY A 28 4.85 1.81 1.88
CA GLY A 28 4.92 2.51 0.57
C GLY A 28 3.72 2.15 -0.29
N LEU A 29 3.53 2.85 -1.38
CA LEU A 29 2.43 2.48 -2.34
C LEU A 29 2.97 1.49 -3.36
N ILE A 30 2.21 0.46 -3.65
CA ILE A 30 2.68 -0.60 -4.59
C ILE A 30 2.80 -0.03 -6.01
N LYS A 31 3.87 -0.37 -6.70
CA LYS A 31 3.99 0.02 -8.13
C LYS A 31 3.84 -1.22 -9.01
N GLN A 32 4.25 -2.37 -8.52
CA GLN A 32 4.12 -3.62 -9.32
C GLN A 32 4.00 -4.82 -8.38
N ILE A 33 3.30 -5.86 -8.78
CA ILE A 33 3.15 -7.06 -7.92
C ILE A 33 3.27 -8.33 -8.77
N SER A 34 4.00 -9.30 -8.28
CA SER A 34 4.08 -10.62 -8.98
C SER A 34 4.23 -11.73 -7.95
N ALA A 35 3.89 -12.94 -8.31
CA ALA A 35 3.81 -14.04 -7.29
C ALA A 35 5.14 -14.20 -6.53
N GLU A 36 6.24 -13.78 -7.13
CA GLU A 36 7.58 -14.03 -6.50
C GLU A 36 8.04 -12.85 -5.65
N GLU A 37 7.53 -11.66 -5.91
CA GLU A 37 8.04 -10.44 -5.19
C GLU A 37 6.99 -9.33 -5.18
N ILE A 38 7.08 -8.44 -4.22
CA ILE A 38 6.22 -7.21 -4.22
C ILE A 38 7.10 -5.97 -4.41
N THR A 39 6.66 -5.02 -5.20
CA THR A 39 7.51 -3.82 -5.49
C THR A 39 6.74 -2.53 -5.17
N ILE A 40 7.36 -1.61 -4.46
CA ILE A 40 6.68 -0.33 -4.11
C ILE A 40 7.62 0.86 -4.38
N VAL A 41 7.10 2.06 -4.32
CA VAL A 41 7.93 3.27 -4.62
C VAL A 41 7.80 4.31 -3.51
N ARG A 42 8.71 5.27 -3.45
CA ARG A 42 8.73 6.28 -2.34
C ARG A 42 8.76 5.58 -0.99
N ALA A 43 9.62 4.61 -0.85
CA ALA A 43 9.60 3.72 0.36
C ALA A 43 10.04 4.46 1.62
N PHE A 44 9.38 4.21 2.72
CA PHE A 44 9.90 4.68 4.04
C PHE A 44 10.23 3.45 4.91
N ARG A 45 11.30 3.52 5.66
CA ARG A 45 11.73 2.33 6.47
C ARG A 45 12.10 2.76 7.89
N ASN A 46 11.79 1.94 8.87
CA ASN A 46 12.12 2.29 10.30
C ASN A 46 11.58 3.67 10.67
N GLY A 47 10.39 4.00 10.23
CA GLY A 47 9.75 5.29 10.63
C GLY A 47 10.58 6.48 10.13
N VAL A 48 11.40 6.29 9.12
CA VAL A 48 12.11 7.44 8.49
C VAL A 48 12.27 7.20 6.98
N PRO A 49 12.32 8.26 6.20
CA PRO A 49 12.38 8.11 4.73
C PRO A 49 13.72 7.49 4.32
N LEU A 50 13.74 6.72 3.24
CA LEU A 50 15.04 6.15 2.75
C LEU A 50 15.86 7.24 2.05
N ARG A 51 17.16 7.08 2.00
CA ARG A 51 18.05 8.15 1.43
C ARG A 51 17.62 8.51 0.00
N LYS A 52 17.18 7.53 -0.75
CA LYS A 52 16.69 7.81 -2.14
C LYS A 52 15.16 7.76 -2.18
N GLN A 53 14.52 8.89 -2.25
CA GLN A 53 13.02 8.92 -2.31
C GLN A 53 12.53 8.21 -3.58
N ASN A 54 13.26 8.37 -4.67
CA ASN A 54 12.83 7.72 -5.95
C ASN A 54 13.32 6.27 -6.06
N ALA A 55 13.99 5.76 -5.04
CA ALA A 55 14.53 4.36 -5.14
C ALA A 55 13.40 3.35 -5.00
N GLU A 56 13.41 2.34 -5.83
CA GLU A 56 12.33 1.30 -5.76
C GLU A 56 12.71 0.19 -4.78
N VAL A 57 11.78 -0.25 -3.97
CA VAL A 57 12.05 -1.39 -3.03
C VAL A 57 11.40 -2.66 -3.57
N VAL A 58 12.18 -3.69 -3.81
CA VAL A 58 11.60 -4.98 -4.28
C VAL A 58 12.00 -6.09 -3.33
N LEU A 59 11.04 -6.66 -2.65
CA LEU A 59 11.35 -7.67 -1.59
C LEU A 59 10.52 -8.94 -1.81
N LYS A 60 11.16 -10.08 -1.73
CA LYS A 60 10.45 -11.36 -2.02
C LYS A 60 9.52 -11.74 -0.87
N CYS A 61 8.38 -12.32 -1.18
CA CYS A 61 7.43 -12.78 -0.11
C CYS A 61 8.14 -13.72 0.88
N THR A 62 9.09 -14.48 0.40
CA THR A 62 9.84 -15.42 1.30
C THR A 62 10.62 -14.64 2.35
N ASP A 63 11.00 -13.42 2.03
CA ASP A 63 11.73 -12.57 3.03
C ASP A 63 10.73 -11.77 3.87
N ILE A 64 9.56 -11.51 3.33
CA ILE A 64 8.50 -10.79 4.11
C ILE A 64 7.76 -11.78 5.02
N ARG A 65 7.40 -11.36 6.20
CA ARG A 65 6.70 -12.27 7.15
C ARG A 65 5.20 -12.00 7.14
N SER A 66 4.80 -10.77 6.93
CA SER A 66 3.33 -10.45 6.88
C SER A 66 3.09 -9.11 6.17
N ILE A 67 1.91 -8.91 5.64
CA ILE A 67 1.61 -7.65 4.92
C ILE A 67 0.18 -7.18 5.26
N ASP A 68 -0.03 -5.89 5.28
CA ASP A 68 -1.40 -5.35 5.57
C ASP A 68 -1.73 -4.18 4.64
N LEU A 69 -2.87 -4.20 4.01
CA LEU A 69 -3.30 -3.02 3.18
C LEU A 69 -3.80 -1.91 4.10
N ILE A 70 -3.10 -0.79 4.14
CA ILE A 70 -3.53 0.36 5.00
C ILE A 70 -4.67 1.11 4.32
N GLU A 71 -4.53 1.37 3.04
CA GLU A 71 -5.57 2.15 2.30
C GLU A 71 -5.84 1.50 0.93
N PRO A 72 -6.85 0.66 0.86
CA PRO A 72 -7.20 0.02 -0.44
C PRO A 72 -7.58 1.10 -1.48
N ALA A 73 -7.33 0.81 -2.74
CA ALA A 73 -7.69 1.79 -3.81
C ALA A 73 -9.06 1.45 -4.39
N LYS A 74 -9.83 2.46 -4.75
CA LYS A 74 -11.20 2.21 -5.30
C LYS A 74 -11.14 1.98 -6.81
N GLN A 75 -11.80 0.96 -7.30
CA GLN A 75 -11.79 0.69 -8.77
C GLN A 75 -12.41 1.85 -9.54
N ASP A 76 -13.42 2.47 -8.97
CA ASP A 76 -14.09 3.62 -9.66
C ASP A 76 -13.09 4.75 -9.91
N LEU A 77 -12.21 4.99 -8.97
CA LEU A 77 -11.19 6.08 -9.13
C LEU A 77 -9.83 5.48 -9.49
N ASP A 78 -9.17 6.04 -10.47
CA ASP A 78 -7.82 5.52 -10.88
C ASP A 78 -6.75 6.07 -9.94
N GLY A 79 -6.06 5.20 -9.23
CA GLY A 79 -5.04 5.66 -8.24
C GLY A 79 -3.95 6.48 -8.96
N HIS A 80 -3.68 6.16 -10.20
CA HIS A 80 -2.59 6.86 -10.93
C HIS A 80 -3.16 7.99 -11.81
N THR A 81 -3.50 9.11 -11.20
CA THR A 81 -4.00 10.28 -11.99
C THR A 81 -3.18 11.52 -11.64
N ALA A 82 -3.14 12.49 -12.53
CA ALA A 82 -2.37 13.74 -12.25
C ALA A 82 -3.29 14.86 -11.74
N PRO A 83 -4.35 15.17 -12.49
CA PRO A 83 -5.23 16.31 -12.09
C PRO A 83 -5.79 16.09 -10.66
N PRO A 84 -6.36 14.92 -10.40
CA PRO A 84 -6.97 14.69 -9.07
C PRO A 84 -5.91 14.78 -7.96
N PRO A 85 -6.29 15.27 -6.79
CA PRO A 85 -5.33 15.34 -5.65
C PRO A 85 -4.87 13.94 -5.27
N VAL A 86 -3.69 13.83 -4.71
CA VAL A 86 -3.15 12.48 -4.32
C VAL A 86 -4.09 11.80 -3.32
N VAL A 87 -4.44 10.56 -3.58
CA VAL A 87 -5.37 9.83 -2.65
C VAL A 87 -4.70 9.63 -1.29
N ASN A 88 -3.42 9.38 -1.28
CA ASN A 88 -2.70 9.10 0.02
C ASN A 88 -2.60 10.38 0.85
N LYS A 89 -3.12 10.34 2.05
CA LYS A 89 -3.04 11.54 2.95
C LYS A 89 -2.60 11.11 4.37
N PRO A 90 -2.21 12.08 5.19
CA PRO A 90 -1.80 11.75 6.57
C PRO A 90 -2.96 11.09 7.34
N THR A 91 -2.66 10.15 8.19
CA THR A 91 -3.74 9.46 8.96
C THR A 91 -3.56 9.67 10.46
N PRO A 92 -4.32 10.58 11.04
CA PRO A 92 -4.24 10.80 12.51
C PRO A 92 -4.69 9.54 13.25
N VAL A 93 -4.18 9.32 14.44
CA VAL A 93 -4.58 8.12 15.23
C VAL A 93 -6.09 8.15 15.50
N LYS A 94 -6.62 9.31 15.82
CA LYS A 94 -8.08 9.43 16.07
C LYS A 94 -8.83 9.58 14.75
N LEU A 95 -9.94 8.89 14.60
CA LEU A 95 -10.72 8.96 13.32
C LEU A 95 -11.31 10.38 13.15
N PRO A 96 -11.30 10.90 11.94
CA PRO A 96 -11.85 12.26 11.70
C PRO A 96 -13.33 12.33 12.11
N HIS A 97 -13.75 13.46 12.62
CA HIS A 97 -15.18 13.63 13.02
C HIS A 97 -15.80 14.80 12.27
N PHE A 98 -17.07 14.70 11.93
CA PHE A 98 -17.76 15.81 11.19
C PHE A 98 -17.74 17.10 12.03
N SER A 99 -17.70 16.97 13.33
CA SER A 99 -17.65 18.18 14.21
C SER A 99 -16.35 18.20 15.02
N ASN A 100 -15.77 19.36 15.19
CA ASN A 100 -14.50 19.47 15.97
C ASN A 100 -14.76 20.08 17.35
N ILE A 101 -14.46 19.34 18.40
CA ILE A 101 -14.69 19.87 19.78
C ILE A 101 -13.82 21.11 20.02
N LEU A 102 -12.63 21.12 19.46
CA LEU A 102 -11.71 22.29 19.64
C LEU A 102 -11.87 23.28 18.48
N GLY A 103 -11.82 24.55 18.77
CA GLY A 103 -11.96 25.58 17.69
C GLY A 103 -10.72 26.46 17.65
N GLY A 1 2.33 -23.49 3.09
CA GLY A 1 2.62 -22.26 2.30
C GLY A 1 1.31 -21.57 1.93
N ALA A 2 1.18 -20.29 2.26
CA ALA A 2 -0.07 -19.55 1.93
C ALA A 2 0.17 -18.62 0.74
N MET A 3 -0.84 -18.42 -0.07
CA MET A 3 -0.69 -17.53 -1.26
C MET A 3 -0.99 -16.08 -0.87
N GLY A 4 -0.34 -15.13 -1.50
CA GLY A 4 -0.57 -13.69 -1.16
C GLY A 4 -1.31 -13.00 -2.32
N PRO A 5 -1.87 -11.84 -2.05
CA PRO A 5 -2.62 -11.11 -3.10
C PRO A 5 -1.71 -10.77 -4.29
N THR A 6 -1.75 -11.58 -5.32
CA THR A 6 -0.90 -11.31 -6.53
C THR A 6 -1.71 -10.58 -7.62
N ASP A 7 -2.85 -10.03 -7.27
CA ASP A 7 -3.72 -9.38 -8.31
C ASP A 7 -3.17 -8.00 -8.68
N GLN A 8 -3.26 -7.64 -9.94
CA GLN A 8 -2.81 -6.27 -10.36
C GLN A 8 -3.79 -5.18 -9.92
N ASP A 9 -4.89 -5.55 -9.31
CA ASP A 9 -5.86 -4.53 -8.81
C ASP A 9 -5.25 -3.76 -7.64
N TRP A 10 -4.33 -4.36 -6.93
CA TRP A 10 -3.71 -3.68 -5.75
C TRP A 10 -2.70 -2.61 -6.19
N ILE A 11 -2.29 -2.60 -7.44
CA ILE A 11 -1.20 -1.65 -7.86
C ILE A 11 -1.60 -0.20 -7.52
N GLY A 12 -0.72 0.52 -6.86
CA GLY A 12 -1.05 1.90 -6.40
C GLY A 12 -1.79 1.90 -5.05
N CYS A 13 -2.06 0.75 -4.46
CA CYS A 13 -2.74 0.74 -3.12
C CYS A 13 -1.70 0.94 -1.99
N ALA A 14 -2.12 1.44 -0.86
CA ALA A 14 -1.15 1.75 0.23
C ALA A 14 -0.99 0.54 1.15
N VAL A 15 0.20 0.02 1.27
CA VAL A 15 0.43 -1.20 2.12
C VAL A 15 1.68 -1.04 2.97
N SER A 16 1.75 -1.76 4.08
CA SER A 16 2.98 -1.77 4.91
C SER A 16 3.49 -3.20 5.03
N ILE A 17 4.79 -3.38 5.00
CA ILE A 17 5.34 -4.77 4.96
C ILE A 17 6.27 -4.99 6.15
N ALA A 18 5.96 -5.95 6.98
CA ALA A 18 6.86 -6.31 8.11
C ALA A 18 7.74 -7.47 7.70
N CYS A 19 9.01 -7.24 7.51
CA CYS A 19 9.96 -8.33 7.14
C CYS A 19 10.62 -8.88 8.41
N ASP A 20 11.26 -10.02 8.32
CA ASP A 20 11.90 -10.64 9.53
C ASP A 20 12.91 -9.66 10.16
N GLU A 21 13.37 -9.96 11.34
CA GLU A 21 14.09 -8.93 12.17
C GLU A 21 15.25 -8.29 11.40
N VAL A 22 15.92 -9.05 10.58
CA VAL A 22 17.12 -8.50 9.86
C VAL A 22 16.68 -7.56 8.72
N LEU A 23 15.49 -7.74 8.21
CA LEU A 23 15.01 -6.88 7.09
C LEU A 23 14.27 -5.62 7.59
N GLY A 24 13.89 -5.60 8.85
CA GLY A 24 13.17 -4.41 9.40
C GLY A 24 11.81 -4.25 8.72
N VAL A 25 11.29 -3.04 8.67
CA VAL A 25 9.93 -2.82 8.10
C VAL A 25 9.94 -1.64 7.13
N PHE A 26 9.23 -1.74 6.03
CA PHE A 26 9.09 -0.56 5.12
C PHE A 26 7.61 -0.35 4.77
N GLN A 27 7.28 0.84 4.33
CA GLN A 27 5.88 1.13 3.90
C GLN A 27 5.90 1.96 2.61
N GLY A 28 4.95 1.76 1.74
CA GLY A 28 4.98 2.46 0.42
C GLY A 28 3.73 2.12 -0.39
N LEU A 29 3.50 2.83 -1.47
CA LEU A 29 2.39 2.43 -2.40
C LEU A 29 2.93 1.46 -3.46
N ILE A 30 2.18 0.42 -3.73
CA ILE A 30 2.64 -0.63 -4.68
C ILE A 30 2.71 -0.07 -6.11
N LYS A 31 3.76 -0.39 -6.82
CA LYS A 31 3.83 -0.03 -8.28
C LYS A 31 3.62 -1.29 -9.13
N GLN A 32 4.04 -2.43 -8.65
CA GLN A 32 3.91 -3.68 -9.44
C GLN A 32 3.93 -4.90 -8.51
N ILE A 33 3.24 -5.95 -8.87
CA ILE A 33 3.16 -7.15 -7.98
C ILE A 33 3.29 -8.43 -8.83
N SER A 34 4.04 -9.38 -8.34
CA SER A 34 4.12 -10.70 -9.03
C SER A 34 4.31 -11.80 -7.99
N ALA A 35 3.98 -13.02 -8.33
CA ALA A 35 3.94 -14.12 -7.31
C ALA A 35 5.29 -14.25 -6.58
N GLU A 36 6.36 -13.80 -7.20
CA GLU A 36 7.72 -14.01 -6.59
C GLU A 36 8.13 -12.82 -5.73
N GLU A 37 7.61 -11.65 -5.99
CA GLU A 37 8.11 -10.43 -5.29
C GLU A 37 7.05 -9.31 -5.30
N ILE A 38 7.14 -8.41 -4.35
CA ILE A 38 6.28 -7.18 -4.38
C ILE A 38 7.15 -5.95 -4.59
N THR A 39 6.71 -5.01 -5.40
CA THR A 39 7.55 -3.80 -5.70
C THR A 39 6.77 -2.52 -5.38
N ILE A 40 7.38 -1.61 -4.65
CA ILE A 40 6.69 -0.34 -4.26
C ILE A 40 7.61 0.86 -4.49
N VAL A 41 7.08 2.05 -4.35
CA VAL A 41 7.88 3.29 -4.62
C VAL A 41 7.81 4.26 -3.43
N ARG A 42 8.71 5.21 -3.37
CA ARG A 42 8.82 6.13 -2.18
C ARG A 42 9.04 5.32 -0.90
N ALA A 43 10.17 4.68 -0.80
CA ALA A 43 10.43 3.74 0.34
C ALA A 43 10.55 4.50 1.66
N PHE A 44 9.73 4.16 2.62
CA PHE A 44 9.94 4.63 4.02
C PHE A 44 10.26 3.44 4.90
N ARG A 45 11.29 3.52 5.70
CA ARG A 45 11.70 2.34 6.53
C ARG A 45 12.01 2.78 7.96
N ASN A 46 11.71 1.96 8.93
CA ASN A 46 12.00 2.30 10.36
C ASN A 46 11.42 3.68 10.73
N GLY A 47 10.24 3.97 10.25
CA GLY A 47 9.54 5.24 10.63
C GLY A 47 10.36 6.47 10.19
N VAL A 48 11.22 6.31 9.21
CA VAL A 48 11.94 7.50 8.64
C VAL A 48 12.13 7.32 7.12
N PRO A 49 12.20 8.42 6.39
CA PRO A 49 12.32 8.33 4.91
C PRO A 49 13.72 7.88 4.51
N LEU A 50 13.83 7.09 3.47
CA LEU A 50 15.19 6.73 2.94
C LEU A 50 15.76 7.90 2.11
N ARG A 51 17.07 8.02 2.09
CA ARG A 51 17.70 9.17 1.36
C ARG A 51 17.27 9.20 -0.10
N LYS A 52 17.09 8.05 -0.69
CA LYS A 52 16.66 7.99 -2.13
C LYS A 52 15.13 7.94 -2.21
N GLN A 53 14.49 9.08 -2.32
CA GLN A 53 13.00 9.12 -2.40
C GLN A 53 12.53 8.39 -3.67
N ASN A 54 13.28 8.50 -4.74
CA ASN A 54 12.86 7.87 -6.03
C ASN A 54 13.31 6.40 -6.12
N ALA A 55 13.95 5.87 -5.10
CA ALA A 55 14.44 4.45 -5.16
C ALA A 55 13.27 3.48 -5.00
N GLU A 56 13.23 2.46 -5.81
CA GLU A 56 12.15 1.43 -5.68
C GLU A 56 12.58 0.30 -4.74
N VAL A 57 11.65 -0.22 -3.97
CA VAL A 57 11.98 -1.38 -3.07
C VAL A 57 11.37 -2.65 -3.67
N VAL A 58 12.18 -3.65 -3.88
CA VAL A 58 11.63 -4.96 -4.37
C VAL A 58 12.03 -6.07 -3.42
N LEU A 59 11.07 -6.64 -2.75
CA LEU A 59 11.37 -7.65 -1.68
C LEU A 59 10.56 -8.93 -1.90
N LYS A 60 11.19 -10.07 -1.75
CA LYS A 60 10.49 -11.36 -2.02
C LYS A 60 9.50 -11.69 -0.89
N CYS A 61 8.36 -12.23 -1.26
CA CYS A 61 7.35 -12.66 -0.22
C CYS A 61 7.99 -13.61 0.80
N THR A 62 8.93 -14.41 0.37
CA THR A 62 9.61 -15.36 1.31
C THR A 62 10.38 -14.61 2.38
N ASP A 63 10.79 -13.38 2.09
CA ASP A 63 11.51 -12.56 3.10
C ASP A 63 10.50 -11.76 3.94
N ILE A 64 9.33 -11.51 3.42
CA ILE A 64 8.28 -10.78 4.20
C ILE A 64 7.58 -11.75 5.15
N ARG A 65 7.23 -11.29 6.33
CA ARG A 65 6.54 -12.19 7.31
C ARG A 65 5.03 -11.89 7.31
N SER A 66 4.64 -10.65 7.08
CA SER A 66 3.18 -10.34 6.99
C SER A 66 2.96 -8.97 6.32
N ILE A 67 2.09 -8.92 5.34
CA ILE A 67 1.73 -7.61 4.71
C ILE A 67 0.39 -7.10 5.25
N ASP A 68 0.23 -5.81 5.36
CA ASP A 68 -1.09 -5.24 5.79
C ASP A 68 -1.45 -4.03 4.92
N LEU A 69 -2.58 -4.07 4.25
CA LEU A 69 -3.00 -2.90 3.43
C LEU A 69 -3.51 -1.77 4.33
N ILE A 70 -2.82 -0.65 4.35
CA ILE A 70 -3.29 0.52 5.14
C ILE A 70 -4.52 1.14 4.47
N GLU A 71 -4.47 1.28 3.17
CA GLU A 71 -5.61 1.91 2.43
C GLU A 71 -5.90 1.12 1.14
N PRO A 72 -6.80 0.16 1.22
CA PRO A 72 -7.19 -0.61 0.01
C PRO A 72 -8.11 0.23 -0.91
N ALA A 73 -8.63 1.34 -0.43
CA ALA A 73 -9.60 2.14 -1.25
C ALA A 73 -8.93 2.63 -2.54
N LYS A 74 -9.52 3.62 -3.18
CA LYS A 74 -8.97 4.14 -4.48
C LYS A 74 -8.80 3.02 -5.49
N GLN A 75 -9.83 2.24 -5.70
CA GLN A 75 -9.76 1.11 -6.68
C GLN A 75 -10.54 1.47 -7.94
N ASP A 76 -10.12 0.96 -9.08
CA ASP A 76 -10.83 1.28 -10.36
C ASP A 76 -11.70 0.08 -10.79
N LEU A 77 -12.59 0.30 -11.72
CA LEU A 77 -13.48 -0.81 -12.19
C LEU A 77 -12.96 -1.35 -13.53
N ASP A 78 -12.77 -2.65 -13.62
CA ASP A 78 -12.30 -3.27 -14.90
C ASP A 78 -12.96 -4.62 -15.10
N GLY A 79 -13.29 -4.95 -16.33
CA GLY A 79 -13.92 -6.28 -16.62
C GLY A 79 -12.86 -7.37 -16.52
N HIS A 80 -13.17 -8.45 -15.83
CA HIS A 80 -12.19 -9.57 -15.69
C HIS A 80 -12.83 -10.89 -16.13
N THR A 81 -12.07 -11.74 -16.78
CA THR A 81 -12.62 -13.07 -17.21
C THR A 81 -13.07 -13.87 -15.99
N ALA A 82 -12.34 -13.78 -14.90
CA ALA A 82 -12.72 -14.53 -13.67
C ALA A 82 -13.82 -13.76 -12.90
N PRO A 83 -14.34 -14.37 -11.85
CA PRO A 83 -15.41 -13.69 -11.06
C PRO A 83 -14.89 -12.36 -10.48
N PRO A 84 -15.80 -11.49 -10.08
CA PRO A 84 -15.39 -10.16 -9.55
C PRO A 84 -14.47 -10.34 -8.32
N PRO A 85 -13.59 -9.38 -8.09
CA PRO A 85 -12.66 -9.47 -6.93
C PRO A 85 -13.44 -9.57 -5.61
N VAL A 86 -12.92 -10.30 -4.65
CA VAL A 86 -13.62 -10.47 -3.33
C VAL A 86 -15.06 -10.95 -3.54
N VAL A 87 -15.29 -12.24 -3.41
CA VAL A 87 -16.67 -12.80 -3.61
C VAL A 87 -17.24 -13.35 -2.29
N ASN A 88 -16.72 -12.91 -1.16
CA ASN A 88 -17.22 -13.42 0.15
C ASN A 88 -18.72 -13.14 0.29
N LYS A 89 -19.18 -12.02 -0.21
CA LYS A 89 -20.63 -11.69 -0.13
C LYS A 89 -21.38 -12.35 -1.30
N PRO A 90 -22.63 -12.76 -1.06
CA PRO A 90 -23.43 -13.39 -2.15
C PRO A 90 -23.60 -12.42 -3.31
N THR A 91 -23.60 -12.94 -4.52
CA THR A 91 -23.77 -12.06 -5.72
C THR A 91 -25.19 -12.25 -6.31
N PRO A 92 -26.00 -11.21 -6.26
CA PRO A 92 -27.40 -11.33 -6.77
C PRO A 92 -27.40 -11.76 -8.26
N VAL A 93 -26.32 -11.53 -8.96
CA VAL A 93 -26.29 -11.87 -10.43
C VAL A 93 -26.55 -13.38 -10.62
N LYS A 94 -25.90 -14.21 -9.84
CA LYS A 94 -26.13 -15.69 -9.95
C LYS A 94 -27.59 -16.02 -9.64
N LEU A 95 -28.19 -15.30 -8.73
CA LEU A 95 -29.60 -15.58 -8.34
C LEU A 95 -30.58 -14.93 -9.35
N PRO A 96 -31.40 -15.74 -9.99
CA PRO A 96 -32.40 -15.18 -10.95
C PRO A 96 -33.37 -14.24 -10.22
N HIS A 97 -33.92 -13.28 -10.91
CA HIS A 97 -34.87 -12.33 -10.26
C HIS A 97 -36.30 -12.62 -10.73
N PHE A 98 -37.23 -12.74 -9.82
CA PHE A 98 -38.64 -13.04 -10.20
C PHE A 98 -39.20 -11.94 -11.10
N SER A 99 -38.79 -10.70 -10.87
CA SER A 99 -39.30 -9.55 -11.69
C SER A 99 -40.83 -9.55 -11.76
N ASN A 100 -41.47 -8.80 -10.88
CA ASN A 100 -42.97 -8.76 -10.87
C ASN A 100 -43.50 -8.29 -12.23
N ILE A 101 -42.83 -7.36 -12.86
CA ILE A 101 -43.26 -6.87 -14.20
C ILE A 101 -42.20 -7.20 -15.25
N LEU A 102 -42.62 -7.73 -16.37
CA LEU A 102 -41.64 -8.07 -17.45
C LEU A 102 -41.63 -6.99 -18.54
N GLY A 103 -40.47 -6.53 -18.90
CA GLY A 103 -40.38 -5.47 -19.96
C GLY A 103 -39.04 -4.73 -19.83
N GLY A 1 -11.38 -20.24 -1.51
CA GLY A 1 -10.13 -20.97 -1.11
C GLY A 1 -9.08 -19.94 -0.67
N ALA A 2 -7.84 -20.15 -1.06
CA ALA A 2 -6.76 -19.21 -0.67
C ALA A 2 -6.38 -18.31 -1.85
N MET A 3 -6.03 -17.08 -1.59
CA MET A 3 -5.65 -16.14 -2.69
C MET A 3 -4.72 -15.05 -2.15
N GLY A 4 -3.82 -14.56 -2.98
CA GLY A 4 -2.89 -13.48 -2.53
C GLY A 4 -3.06 -12.25 -3.44
N PRO A 5 -2.58 -11.11 -2.99
CA PRO A 5 -2.71 -9.87 -3.79
C PRO A 5 -1.77 -9.91 -5.00
N THR A 6 -1.98 -10.85 -5.89
CA THR A 6 -1.08 -10.98 -7.08
C THR A 6 -1.63 -10.20 -8.28
N ASP A 7 -2.87 -9.77 -8.25
CA ASP A 7 -3.48 -9.10 -9.44
C ASP A 7 -3.02 -7.64 -9.53
N GLN A 8 -3.19 -7.03 -10.68
CA GLN A 8 -2.80 -5.60 -10.86
C GLN A 8 -3.80 -4.64 -10.18
N ASP A 9 -4.88 -5.16 -9.63
CA ASP A 9 -5.93 -4.27 -9.05
C ASP A 9 -5.37 -3.51 -7.84
N TRP A 10 -4.44 -4.11 -7.14
CA TRP A 10 -3.87 -3.44 -5.93
C TRP A 10 -2.84 -2.36 -6.30
N ILE A 11 -2.39 -2.33 -7.53
CA ILE A 11 -1.26 -1.40 -7.89
C ILE A 11 -1.63 0.05 -7.51
N GLY A 12 -0.72 0.74 -6.88
CA GLY A 12 -1.00 2.13 -6.42
C GLY A 12 -1.72 2.17 -5.07
N CYS A 13 -2.02 1.03 -4.46
CA CYS A 13 -2.66 1.05 -3.10
C CYS A 13 -1.59 1.18 -2.00
N ALA A 14 -1.95 1.71 -0.85
CA ALA A 14 -0.94 1.94 0.23
C ALA A 14 -0.84 0.71 1.12
N VAL A 15 0.34 0.12 1.22
CA VAL A 15 0.50 -1.11 2.05
C VAL A 15 1.78 -1.05 2.88
N SER A 16 1.86 -1.85 3.91
CA SER A 16 3.09 -1.89 4.76
C SER A 16 3.60 -3.33 4.86
N ILE A 17 4.89 -3.51 4.81
CA ILE A 17 5.45 -4.91 4.78
C ILE A 17 6.35 -5.12 6.00
N ALA A 18 6.04 -6.11 6.80
CA ALA A 18 6.90 -6.43 7.97
C ALA A 18 7.81 -7.61 7.64
N CYS A 19 9.09 -7.36 7.55
CA CYS A 19 10.06 -8.47 7.31
C CYS A 19 10.65 -8.93 8.64
N ASP A 20 11.32 -10.06 8.65
CA ASP A 20 11.87 -10.60 9.95
C ASP A 20 12.85 -9.58 10.56
N GLU A 21 13.22 -9.78 11.79
CA GLU A 21 13.91 -8.70 12.59
C GLU A 21 15.12 -8.11 11.84
N VAL A 22 15.82 -8.92 11.09
CA VAL A 22 17.07 -8.42 10.41
C VAL A 22 16.69 -7.54 9.20
N LEU A 23 15.52 -7.74 8.63
CA LEU A 23 15.11 -6.93 7.45
C LEU A 23 14.34 -5.67 7.87
N GLY A 24 13.89 -5.59 9.10
CA GLY A 24 13.13 -4.39 9.56
C GLY A 24 11.81 -4.27 8.80
N VAL A 25 11.28 -3.07 8.70
CA VAL A 25 9.93 -2.88 8.06
C VAL A 25 9.98 -1.71 7.08
N PHE A 26 9.30 -1.84 5.95
CA PHE A 26 9.21 -0.69 5.00
C PHE A 26 7.76 -0.47 4.58
N GLN A 27 7.44 0.72 4.15
CA GLN A 27 6.05 1.04 3.71
C GLN A 27 6.09 1.87 2.43
N GLY A 28 5.11 1.72 1.57
CA GLY A 28 5.13 2.44 0.26
C GLY A 28 3.84 2.16 -0.51
N LEU A 29 3.61 2.88 -1.58
CA LEU A 29 2.47 2.56 -2.48
C LEU A 29 2.94 1.57 -3.56
N ILE A 30 2.15 0.55 -3.81
CA ILE A 30 2.58 -0.52 -4.76
C ILE A 30 2.69 0.03 -6.19
N LYS A 31 3.74 -0.36 -6.88
CA LYS A 31 3.85 0.00 -8.33
C LYS A 31 3.64 -1.26 -9.18
N GLN A 32 4.07 -2.40 -8.69
CA GLN A 32 3.89 -3.67 -9.44
C GLN A 32 3.83 -4.85 -8.47
N ILE A 33 3.12 -5.90 -8.82
CA ILE A 33 3.01 -7.08 -7.91
C ILE A 33 3.09 -8.37 -8.72
N SER A 34 3.79 -9.35 -8.20
CA SER A 34 3.84 -10.69 -8.85
C SER A 34 3.97 -11.78 -7.78
N ALA A 35 3.59 -12.99 -8.09
CA ALA A 35 3.51 -14.05 -7.04
C ALA A 35 4.85 -14.22 -6.31
N GLU A 36 5.94 -13.84 -6.92
CA GLU A 36 7.28 -14.10 -6.32
C GLU A 36 7.74 -12.90 -5.47
N GLU A 37 7.27 -11.71 -5.77
CA GLU A 37 7.83 -10.48 -5.10
C GLU A 37 6.82 -9.33 -5.13
N ILE A 38 6.97 -8.39 -4.23
CA ILE A 38 6.11 -7.16 -4.28
C ILE A 38 7.00 -5.92 -4.49
N THR A 39 6.55 -4.98 -5.29
CA THR A 39 7.39 -3.77 -5.57
C THR A 39 6.60 -2.49 -5.26
N ILE A 40 7.18 -1.58 -4.52
CA ILE A 40 6.47 -0.30 -4.20
C ILE A 40 7.42 0.90 -4.37
N VAL A 41 6.90 2.10 -4.26
CA VAL A 41 7.71 3.32 -4.55
C VAL A 41 7.65 4.31 -3.38
N ARG A 42 8.56 5.25 -3.34
CA ARG A 42 8.70 6.17 -2.17
C ARG A 42 9.01 5.35 -0.91
N ALA A 43 10.17 4.75 -0.88
CA ALA A 43 10.49 3.79 0.22
C ALA A 43 10.63 4.51 1.57
N PHE A 44 9.83 4.12 2.52
CA PHE A 44 10.04 4.57 3.93
C PHE A 44 10.36 3.35 4.80
N ARG A 45 11.37 3.43 5.63
CA ARG A 45 11.73 2.25 6.49
C ARG A 45 12.01 2.72 7.91
N ASN A 46 11.68 1.89 8.88
CA ASN A 46 11.93 2.25 10.33
C ASN A 46 11.33 3.63 10.66
N GLY A 47 10.16 3.92 10.15
CA GLY A 47 9.45 5.18 10.51
C GLY A 47 10.27 6.41 10.10
N VAL A 48 11.17 6.27 9.15
CA VAL A 48 11.91 7.46 8.64
C VAL A 48 12.11 7.33 7.10
N PRO A 49 12.19 8.46 6.42
CA PRO A 49 12.29 8.43 4.94
C PRO A 49 13.69 7.99 4.51
N LEU A 50 13.79 7.21 3.46
CA LEU A 50 15.13 6.88 2.89
C LEU A 50 15.66 8.05 2.06
N ARG A 51 16.96 8.19 1.97
CA ARG A 51 17.57 9.37 1.26
C ARG A 51 17.05 9.46 -0.17
N LYS A 52 16.85 8.33 -0.82
CA LYS A 52 16.33 8.35 -2.22
C LYS A 52 14.81 8.20 -2.23
N GLN A 53 14.10 9.29 -2.33
CA GLN A 53 12.61 9.23 -2.37
C GLN A 53 12.15 8.46 -3.61
N ASN A 54 12.86 8.61 -4.70
CA ASN A 54 12.43 7.94 -5.98
C ASN A 54 12.95 6.49 -6.05
N ALA A 55 13.61 5.99 -5.02
CA ALA A 55 14.13 4.60 -5.07
C ALA A 55 12.99 3.59 -4.87
N GLU A 56 12.96 2.56 -5.66
CA GLU A 56 11.88 1.53 -5.52
C GLU A 56 12.32 0.41 -4.56
N VAL A 57 11.40 -0.12 -3.79
CA VAL A 57 11.72 -1.31 -2.94
C VAL A 57 11.14 -2.57 -3.57
N VAL A 58 11.97 -3.53 -3.89
CA VAL A 58 11.44 -4.83 -4.42
C VAL A 58 11.95 -5.97 -3.53
N LEU A 59 11.06 -6.60 -2.83
CA LEU A 59 11.49 -7.61 -1.81
C LEU A 59 10.75 -8.93 -2.01
N LYS A 60 11.44 -10.03 -1.85
CA LYS A 60 10.82 -11.37 -2.12
C LYS A 60 9.82 -11.74 -1.02
N CYS A 61 8.68 -12.26 -1.38
CA CYS A 61 7.67 -12.70 -0.36
C CYS A 61 8.29 -13.67 0.66
N THR A 62 9.24 -14.46 0.23
CA THR A 62 9.88 -15.45 1.15
C THR A 62 10.64 -14.72 2.27
N ASP A 63 11.08 -13.51 2.01
CA ASP A 63 11.79 -12.72 3.06
C ASP A 63 10.79 -11.92 3.91
N ILE A 64 9.63 -11.65 3.37
CA ILE A 64 8.58 -10.92 4.16
C ILE A 64 7.84 -11.91 5.07
N ARG A 65 7.47 -11.47 6.25
CA ARG A 65 6.76 -12.37 7.20
C ARG A 65 5.25 -12.08 7.18
N SER A 66 4.87 -10.85 6.95
CA SER A 66 3.42 -10.50 6.92
C SER A 66 3.20 -9.16 6.19
N ILE A 67 2.04 -8.98 5.61
CA ILE A 67 1.76 -7.73 4.84
C ILE A 67 0.35 -7.23 5.15
N ASP A 68 0.16 -5.93 5.17
CA ASP A 68 -1.19 -5.36 5.47
C ASP A 68 -1.52 -4.22 4.51
N LEU A 69 -2.71 -4.22 3.94
CA LEU A 69 -3.16 -3.05 3.13
C LEU A 69 -3.61 -1.92 4.06
N ILE A 70 -2.90 -0.82 4.08
CA ILE A 70 -3.29 0.32 4.97
C ILE A 70 -4.46 1.08 4.37
N GLU A 71 -4.37 1.42 3.10
CA GLU A 71 -5.43 2.23 2.45
C GLU A 71 -5.74 1.67 1.05
N PRO A 72 -6.82 0.89 0.94
CA PRO A 72 -7.23 0.40 -0.39
C PRO A 72 -7.61 1.57 -1.31
N ALA A 73 -8.02 2.67 -0.73
CA ALA A 73 -8.42 3.86 -1.55
C ALA A 73 -7.72 5.12 -1.01
N LYS A 74 -7.72 6.17 -1.78
CA LYS A 74 -7.03 7.44 -1.35
C LYS A 74 -7.60 7.93 -0.01
N GLN A 75 -8.89 7.78 0.18
CA GLN A 75 -9.52 8.22 1.47
C GLN A 75 -9.79 7.00 2.35
N ASP A 76 -9.38 7.05 3.59
CA ASP A 76 -9.59 5.90 4.52
C ASP A 76 -11.10 5.62 4.68
N LEU A 77 -11.89 6.65 4.78
CA LEU A 77 -13.37 6.46 4.94
C LEU A 77 -14.10 6.94 3.70
N ASP A 78 -15.06 6.18 3.22
CA ASP A 78 -15.81 6.57 1.99
C ASP A 78 -16.45 7.95 2.15
N GLY A 79 -16.88 8.27 3.35
CA GLY A 79 -17.55 9.59 3.59
C GLY A 79 -16.57 10.72 3.28
N HIS A 80 -17.03 11.95 3.39
CA HIS A 80 -16.16 13.12 3.04
C HIS A 80 -14.88 13.12 3.90
N THR A 81 -15.00 12.81 5.16
CA THR A 81 -13.81 12.84 6.07
C THR A 81 -13.74 11.57 6.92
N ALA A 82 -12.57 11.24 7.41
CA ALA A 82 -12.42 10.02 8.25
C ALA A 82 -11.79 10.38 9.61
N PRO A 83 -12.61 10.81 10.56
CA PRO A 83 -12.07 11.20 11.88
C PRO A 83 -11.34 10.03 12.55
N PRO A 84 -10.31 10.31 13.32
CA PRO A 84 -9.55 9.22 13.99
C PRO A 84 -10.47 8.39 14.91
N PRO A 85 -11.26 9.05 15.75
CA PRO A 85 -12.14 8.31 16.69
C PRO A 85 -13.10 7.38 15.92
N VAL A 86 -13.43 6.26 16.50
CA VAL A 86 -14.34 5.29 15.81
C VAL A 86 -15.71 5.93 15.56
N VAL A 87 -16.26 5.72 14.38
CA VAL A 87 -17.59 6.32 14.05
C VAL A 87 -18.70 5.66 14.90
N ASN A 88 -18.50 4.44 15.32
CA ASN A 88 -19.53 3.72 16.13
C ASN A 88 -19.24 3.90 17.63
N LYS A 89 -20.14 4.53 18.34
CA LYS A 89 -19.94 4.73 19.81
C LYS A 89 -21.17 4.25 20.59
N PRO A 90 -21.04 4.12 21.90
CA PRO A 90 -22.19 3.67 22.73
C PRO A 90 -23.36 4.65 22.59
N THR A 91 -24.57 4.15 22.66
CA THR A 91 -25.77 5.05 22.52
C THR A 91 -25.87 5.98 23.74
N PRO A 92 -26.29 7.21 23.52
CA PRO A 92 -26.40 8.18 24.64
C PRO A 92 -27.45 7.68 25.65
N VAL A 93 -27.23 7.93 26.92
CA VAL A 93 -28.22 7.52 27.98
C VAL A 93 -28.55 6.03 27.86
N LYS A 94 -27.91 5.20 28.63
CA LYS A 94 -28.20 3.72 28.59
C LYS A 94 -28.37 3.18 30.02
N LEU A 95 -29.46 2.49 30.26
CA LEU A 95 -29.70 1.92 31.62
C LEU A 95 -28.84 0.66 31.83
N PRO A 96 -28.40 0.43 33.05
CA PRO A 96 -27.56 -0.76 33.33
C PRO A 96 -28.35 -2.04 33.03
N HIS A 97 -27.70 -3.03 32.45
CA HIS A 97 -28.40 -4.32 32.09
C HIS A 97 -29.66 -4.05 31.26
N PHE A 98 -29.66 -2.98 30.48
CA PHE A 98 -30.84 -2.64 29.65
C PHE A 98 -30.59 -3.02 28.19
N SER A 99 -31.53 -3.68 27.56
CA SER A 99 -31.37 -4.08 26.14
C SER A 99 -32.46 -3.45 25.28
N ASN A 100 -32.14 -3.08 24.06
CA ASN A 100 -33.16 -2.46 23.15
C ASN A 100 -34.34 -3.41 22.95
N ILE A 101 -34.09 -4.70 22.94
CA ILE A 101 -35.18 -5.70 22.68
C ILE A 101 -36.30 -5.54 23.71
N LEU A 102 -35.98 -5.09 24.90
CA LEU A 102 -37.03 -4.91 25.96
C LEU A 102 -38.07 -3.88 25.50
N GLY A 103 -37.63 -2.88 24.77
CA GLY A 103 -38.57 -1.83 24.29
C GLY A 103 -38.34 -0.53 25.06
N GLY A 1 -2.84 -16.43 1.50
CA GLY A 1 -3.91 -17.41 1.83
C GLY A 1 -5.25 -16.94 1.29
N ALA A 2 -6.22 -16.74 2.16
CA ALA A 2 -7.56 -16.27 1.70
C ALA A 2 -7.72 -14.77 1.95
N MET A 3 -6.62 -14.05 2.01
CA MET A 3 -6.70 -12.58 2.26
C MET A 3 -5.54 -11.87 1.56
N GLY A 4 -5.70 -10.61 1.25
CA GLY A 4 -4.61 -9.84 0.57
C GLY A 4 -4.29 -10.49 -0.79
N PRO A 5 -5.22 -10.40 -1.73
CA PRO A 5 -5.01 -11.04 -3.06
C PRO A 5 -3.74 -10.48 -3.73
N THR A 6 -3.14 -11.24 -4.61
CA THR A 6 -1.93 -10.77 -5.34
C THR A 6 -2.31 -10.21 -6.71
N ASP A 7 -3.54 -9.75 -6.86
CA ASP A 7 -4.02 -9.30 -8.20
C ASP A 7 -3.46 -7.92 -8.54
N GLN A 8 -3.45 -7.58 -9.80
CA GLN A 8 -2.94 -6.23 -10.23
C GLN A 8 -3.90 -5.10 -9.83
N ASP A 9 -5.05 -5.42 -9.28
CA ASP A 9 -5.98 -4.35 -8.78
C ASP A 9 -5.33 -3.60 -7.61
N TRP A 10 -4.38 -4.20 -6.92
CA TRP A 10 -3.75 -3.53 -5.76
C TRP A 10 -2.75 -2.46 -6.20
N ILE A 11 -2.35 -2.43 -7.46
CA ILE A 11 -1.27 -1.48 -7.88
C ILE A 11 -1.67 -0.03 -7.52
N GLY A 12 -0.78 0.67 -6.87
CA GLY A 12 -1.10 2.05 -6.38
C GLY A 12 -1.83 2.03 -5.03
N CYS A 13 -2.09 0.86 -4.45
CA CYS A 13 -2.75 0.84 -3.11
C CYS A 13 -1.70 1.00 -1.98
N ALA A 14 -2.11 1.48 -0.84
CA ALA A 14 -1.13 1.77 0.25
C ALA A 14 -1.00 0.55 1.18
N VAL A 15 0.20 0.02 1.31
CA VAL A 15 0.39 -1.18 2.18
C VAL A 15 1.64 -1.04 3.06
N SER A 16 1.71 -1.78 4.14
CA SER A 16 2.94 -1.80 4.97
C SER A 16 3.47 -3.23 5.06
N ILE A 17 4.77 -3.40 5.00
CA ILE A 17 5.35 -4.77 4.93
C ILE A 17 6.28 -5.01 6.11
N ALA A 18 6.00 -6.01 6.90
CA ALA A 18 6.90 -6.34 8.04
C ALA A 18 7.82 -7.48 7.64
N CYS A 19 9.10 -7.20 7.47
CA CYS A 19 10.08 -8.26 7.11
C CYS A 19 10.75 -8.78 8.39
N ASP A 20 11.45 -9.89 8.31
CA ASP A 20 12.07 -10.48 9.54
C ASP A 20 13.04 -9.48 10.16
N GLU A 21 13.53 -9.76 11.35
CA GLU A 21 14.20 -8.71 12.17
C GLU A 21 15.35 -8.03 11.41
N VAL A 22 16.05 -8.77 10.57
CA VAL A 22 17.22 -8.17 9.86
C VAL A 22 16.76 -7.23 8.73
N LEU A 23 15.57 -7.45 8.21
CA LEU A 23 15.05 -6.58 7.12
C LEU A 23 14.26 -5.38 7.66
N GLY A 24 13.84 -5.44 8.91
CA GLY A 24 13.08 -4.29 9.50
C GLY A 24 11.72 -4.15 8.80
N VAL A 25 11.17 -2.96 8.78
CA VAL A 25 9.80 -2.75 8.20
C VAL A 25 9.82 -1.56 7.24
N PHE A 26 9.16 -1.68 6.11
CA PHE A 26 9.04 -0.50 5.20
C PHE A 26 7.57 -0.28 4.81
N GLN A 27 7.24 0.90 4.38
CA GLN A 27 5.85 1.20 3.93
C GLN A 27 5.90 2.01 2.63
N GLY A 28 4.94 1.79 1.76
CA GLY A 28 4.96 2.49 0.44
C GLY A 28 3.70 2.15 -0.36
N LEU A 29 3.47 2.85 -1.45
CA LEU A 29 2.37 2.46 -2.36
C LEU A 29 2.88 1.47 -3.43
N ILE A 30 2.12 0.45 -3.69
CA ILE A 30 2.57 -0.61 -4.66
C ILE A 30 2.64 -0.03 -6.08
N LYS A 31 3.69 -0.36 -6.80
CA LYS A 31 3.77 0.02 -8.25
C LYS A 31 3.56 -1.22 -9.13
N GLN A 32 4.06 -2.35 -8.70
CA GLN A 32 3.91 -3.60 -9.50
C GLN A 32 3.91 -4.82 -8.58
N ILE A 33 3.27 -5.88 -8.98
CA ILE A 33 3.20 -7.10 -8.11
C ILE A 33 3.37 -8.37 -8.96
N SER A 34 4.10 -9.32 -8.46
CA SER A 34 4.22 -10.63 -9.14
C SER A 34 4.35 -11.74 -8.10
N ALA A 35 4.04 -12.96 -8.47
CA ALA A 35 3.95 -14.07 -7.45
C ALA A 35 5.26 -14.20 -6.67
N GLU A 36 6.36 -13.76 -7.23
CA GLU A 36 7.69 -13.98 -6.56
C GLU A 36 8.08 -12.80 -5.66
N GLU A 37 7.57 -11.62 -5.95
CA GLU A 37 8.04 -10.40 -5.22
C GLU A 37 6.99 -9.28 -5.26
N ILE A 38 7.05 -8.36 -4.34
CA ILE A 38 6.19 -7.15 -4.40
C ILE A 38 7.06 -5.90 -4.61
N THR A 39 6.63 -4.97 -5.43
CA THR A 39 7.46 -3.77 -5.73
C THR A 39 6.68 -2.49 -5.41
N ILE A 40 7.29 -1.57 -4.68
CA ILE A 40 6.58 -0.31 -4.29
C ILE A 40 7.48 0.91 -4.52
N VAL A 41 6.94 2.08 -4.32
CA VAL A 41 7.70 3.34 -4.58
C VAL A 41 7.64 4.27 -3.35
N ARG A 42 8.51 5.24 -3.29
CA ARG A 42 8.63 6.11 -2.06
C ARG A 42 8.97 5.25 -0.84
N ALA A 43 10.14 4.67 -0.85
CA ALA A 43 10.52 3.71 0.24
C ALA A 43 10.70 4.43 1.58
N PHE A 44 9.86 4.13 2.54
CA PHE A 44 10.10 4.61 3.93
C PHE A 44 10.32 3.41 4.86
N ARG A 45 11.29 3.48 5.74
CA ARG A 45 11.61 2.34 6.64
C ARG A 45 11.81 2.85 8.06
N ASN A 46 11.37 2.09 9.05
CA ASN A 46 11.52 2.54 10.48
C ASN A 46 10.95 3.95 10.68
N GLY A 47 9.85 4.25 10.04
CA GLY A 47 9.19 5.59 10.24
C GLY A 47 10.11 6.73 9.80
N VAL A 48 11.07 6.46 8.96
CA VAL A 48 11.94 7.55 8.41
C VAL A 48 12.31 7.23 6.95
N PRO A 49 12.54 8.25 6.15
CA PRO A 49 12.82 8.03 4.70
C PRO A 49 14.12 7.25 4.54
N LEU A 50 14.16 6.33 3.59
CA LEU A 50 15.40 5.50 3.40
C LEU A 50 16.51 6.33 2.74
N ARG A 51 16.20 6.99 1.64
CA ARG A 51 17.23 7.85 0.98
C ARG A 51 16.58 8.67 -0.15
N LYS A 52 16.12 8.01 -1.18
CA LYS A 52 15.51 8.73 -2.34
C LYS A 52 14.02 8.40 -2.44
N GLN A 53 13.19 9.40 -2.60
CA GLN A 53 11.73 9.17 -2.75
C GLN A 53 11.44 8.33 -3.99
N ASN A 54 12.22 8.53 -5.03
CA ASN A 54 11.97 7.81 -6.33
C ASN A 54 12.60 6.41 -6.33
N ALA A 55 13.23 6.00 -5.24
CA ALA A 55 13.87 4.65 -5.21
C ALA A 55 12.80 3.56 -5.08
N GLU A 56 12.92 2.50 -5.85
CA GLU A 56 11.93 1.39 -5.78
C GLU A 56 12.39 0.31 -4.78
N VAL A 57 11.48 -0.23 -4.01
CA VAL A 57 11.83 -1.37 -3.11
C VAL A 57 11.23 -2.66 -3.68
N VAL A 58 12.04 -3.66 -3.91
CA VAL A 58 11.50 -4.97 -4.39
C VAL A 58 11.91 -6.07 -3.43
N LEU A 59 10.97 -6.65 -2.75
CA LEU A 59 11.31 -7.66 -1.69
C LEU A 59 10.51 -8.94 -1.90
N LYS A 60 11.14 -10.08 -1.77
CA LYS A 60 10.45 -11.37 -2.04
C LYS A 60 9.50 -11.72 -0.89
N CYS A 61 8.35 -12.27 -1.20
CA CYS A 61 7.39 -12.72 -0.13
C CYS A 61 8.08 -13.67 0.85
N THR A 62 9.03 -14.46 0.39
CA THR A 62 9.73 -15.42 1.28
C THR A 62 10.53 -14.66 2.35
N ASP A 63 10.94 -13.46 2.04
CA ASP A 63 11.70 -12.64 3.05
C ASP A 63 10.71 -11.82 3.90
N ILE A 64 9.53 -11.55 3.39
CA ILE A 64 8.50 -10.82 4.19
C ILE A 64 7.79 -11.79 5.12
N ARG A 65 7.45 -11.35 6.31
CA ARG A 65 6.77 -12.25 7.29
C ARG A 65 5.26 -11.97 7.31
N SER A 66 4.87 -10.74 7.10
CA SER A 66 3.41 -10.39 7.11
C SER A 66 3.16 -9.07 6.39
N ILE A 67 1.99 -8.89 5.85
CA ILE A 67 1.68 -7.63 5.09
C ILE A 67 0.27 -7.14 5.43
N ASP A 68 0.07 -5.85 5.45
CA ASP A 68 -1.27 -5.28 5.75
C ASP A 68 -1.61 -4.14 4.79
N LEU A 69 -2.76 -4.19 4.17
CA LEU A 69 -3.20 -3.04 3.31
C LEU A 69 -3.70 -1.89 4.19
N ILE A 70 -3.00 -0.79 4.18
CA ILE A 70 -3.42 0.40 5.00
C ILE A 70 -4.64 1.06 4.36
N GLU A 71 -4.57 1.31 3.07
CA GLU A 71 -5.68 2.01 2.37
C GLU A 71 -5.96 1.34 1.02
N PRO A 72 -6.99 0.50 0.96
CA PRO A 72 -7.35 -0.15 -0.32
C PRO A 72 -7.76 0.92 -1.34
N ALA A 73 -7.38 0.73 -2.58
CA ALA A 73 -7.75 1.73 -3.65
C ALA A 73 -9.26 1.78 -3.82
N LYS A 74 -9.92 0.66 -3.71
CA LYS A 74 -11.41 0.62 -3.90
C LYS A 74 -12.11 1.51 -2.87
N GLN A 75 -11.71 1.39 -1.62
CA GLN A 75 -12.37 2.21 -0.55
C GLN A 75 -11.33 2.66 0.50
N ASP A 76 -11.60 3.76 1.15
CA ASP A 76 -10.69 4.22 2.25
C ASP A 76 -11.20 3.70 3.60
N LEU A 77 -10.38 2.93 4.29
CA LEU A 77 -10.81 2.36 5.61
C LEU A 77 -11.15 3.49 6.59
N ASP A 78 -10.40 4.57 6.55
CA ASP A 78 -10.66 5.72 7.47
C ASP A 78 -10.02 7.00 6.93
N GLY A 79 -10.39 8.13 7.47
CA GLY A 79 -9.78 9.42 7.01
C GLY A 79 -8.60 9.78 7.92
N HIS A 80 -7.44 9.98 7.34
CA HIS A 80 -6.24 10.34 8.15
C HIS A 80 -5.57 11.59 7.58
N THR A 81 -5.17 12.50 8.44
CA THR A 81 -4.50 13.75 7.96
C THR A 81 -3.02 13.48 7.67
N ALA A 82 -2.54 13.96 6.55
CA ALA A 82 -1.09 13.74 6.18
C ALA A 82 -0.73 14.52 4.90
N PRO A 83 -1.49 14.33 3.83
CA PRO A 83 -1.16 15.02 2.56
C PRO A 83 -1.24 16.54 2.74
N PRO A 84 -0.63 17.28 1.82
CA PRO A 84 -0.66 18.77 1.92
C PRO A 84 -2.11 19.29 1.86
N PRO A 85 -2.31 20.53 2.28
CA PRO A 85 -3.68 21.10 2.27
C PRO A 85 -4.27 21.09 0.87
N VAL A 86 -5.57 20.92 0.74
CA VAL A 86 -6.21 20.88 -0.60
C VAL A 86 -7.38 21.88 -0.66
N VAL A 87 -7.79 22.25 -1.85
CA VAL A 87 -8.91 23.24 -1.99
C VAL A 87 -10.18 22.67 -1.35
N ASN A 88 -10.43 21.38 -1.51
CA ASN A 88 -11.66 20.75 -0.91
C ASN A 88 -12.91 21.48 -1.38
N LYS A 89 -13.03 21.74 -2.67
CA LYS A 89 -14.20 22.50 -3.22
C LYS A 89 -14.32 23.89 -2.55
N PRO A 90 -15.05 24.79 -3.18
CA PRO A 90 -15.24 26.14 -2.58
C PRO A 90 -15.94 26.03 -1.22
N THR A 91 -15.65 26.95 -0.32
CA THR A 91 -16.29 26.91 1.03
C THR A 91 -17.01 28.25 1.31
N PRO A 92 -18.00 28.22 2.17
CA PRO A 92 -18.76 29.47 2.47
C PRO A 92 -17.83 30.53 3.07
N VAL A 93 -18.09 31.78 2.78
CA VAL A 93 -17.22 32.88 3.33
C VAL A 93 -17.27 32.86 4.87
N LYS A 94 -18.42 32.60 5.43
CA LYS A 94 -18.55 32.56 6.91
C LYS A 94 -18.17 31.17 7.45
N LEU A 95 -17.63 31.11 8.63
CA LEU A 95 -17.22 29.80 9.21
C LEU A 95 -18.46 28.93 9.50
N PRO A 96 -18.33 27.63 9.38
CA PRO A 96 -19.49 26.73 9.62
C PRO A 96 -20.00 26.90 11.06
N HIS A 97 -21.30 26.80 11.25
CA HIS A 97 -21.87 26.94 12.62
C HIS A 97 -22.65 25.68 12.99
N PHE A 98 -22.61 25.28 14.23
CA PHE A 98 -23.35 24.07 14.67
C PHE A 98 -24.68 24.47 15.33
N SER A 99 -25.76 23.82 14.96
CA SER A 99 -27.09 24.20 15.51
C SER A 99 -27.64 23.07 16.38
N ASN A 100 -28.36 23.40 17.43
CA ASN A 100 -28.91 22.37 18.36
C ASN A 100 -27.79 21.46 18.90
N ILE A 101 -28.10 20.63 19.86
CA ILE A 101 -27.06 19.72 20.44
C ILE A 101 -27.54 18.26 20.37
N LEU A 102 -26.67 17.36 19.99
CA LEU A 102 -27.07 15.92 19.84
C LEU A 102 -27.63 15.37 21.16
N GLY A 103 -27.02 15.73 22.26
CA GLY A 103 -27.52 15.25 23.59
C GLY A 103 -26.36 14.63 24.37
#